data_1L5D
# 
_entry.id   1L5D 
# 
_audit_conform.dict_name       mmcif_pdbx.dic 
_audit_conform.dict_version    5.397 
_audit_conform.dict_location   http://mmcif.pdb.org/dictionaries/ascii/mmcif_pdbx.dic 
# 
loop_
_database_2.database_id 
_database_2.database_code 
_database_2.pdbx_database_accession 
_database_2.pdbx_DOI 
PDB   1L5D         pdb_00001l5d 10.2210/pdb1l5d/pdb 
RCSB  RCSB015655   ?            ?                   
WWPDB D_1000015655 ?            ?                   
# 
loop_
_pdbx_audit_revision_history.ordinal 
_pdbx_audit_revision_history.data_content_type 
_pdbx_audit_revision_history.major_revision 
_pdbx_audit_revision_history.minor_revision 
_pdbx_audit_revision_history.revision_date 
1 'Structure model' 1 0 2002-03-20 
2 'Structure model' 1 1 2008-04-28 
3 'Structure model' 1 2 2011-07-13 
4 'Structure model' 1 3 2021-10-27 
5 'Structure model' 1 4 2024-10-16 
# 
_pdbx_audit_revision_details.ordinal             1 
_pdbx_audit_revision_details.revision_ordinal    1 
_pdbx_audit_revision_details.data_content_type   'Structure model' 
_pdbx_audit_revision_details.provider            repository 
_pdbx_audit_revision_details.type                'Initial release' 
_pdbx_audit_revision_details.description         ? 
_pdbx_audit_revision_details.details             ? 
# 
loop_
_pdbx_audit_revision_group.ordinal 
_pdbx_audit_revision_group.revision_ordinal 
_pdbx_audit_revision_group.data_content_type 
_pdbx_audit_revision_group.group 
1 2 'Structure model' 'Version format compliance' 
2 3 'Structure model' 'Version format compliance' 
3 4 'Structure model' 'Database references'       
4 4 'Structure model' 'Derived calculations'      
5 5 'Structure model' 'Data collection'           
6 5 'Structure model' 'Structure summary'         
# 
loop_
_pdbx_audit_revision_category.ordinal 
_pdbx_audit_revision_category.revision_ordinal 
_pdbx_audit_revision_category.data_content_type 
_pdbx_audit_revision_category.category 
1 4 'Structure model' database_2                
2 4 'Structure model' pdbx_struct_assembly      
3 4 'Structure model' pdbx_struct_oper_list     
4 4 'Structure model' struct_ref_seq_dif        
5 5 'Structure model' chem_comp_atom            
6 5 'Structure model' chem_comp_bond            
7 5 'Structure model' pdbx_entry_details        
8 5 'Structure model' pdbx_modification_feature 
# 
loop_
_pdbx_audit_revision_item.ordinal 
_pdbx_audit_revision_item.revision_ordinal 
_pdbx_audit_revision_item.data_content_type 
_pdbx_audit_revision_item.item 
1 4 'Structure model' '_database_2.pdbx_DOI'                
2 4 'Structure model' '_database_2.pdbx_database_accession' 
3 4 'Structure model' '_struct_ref_seq_dif.details'         
# 
_pdbx_database_status.status_code                     REL 
_pdbx_database_status.entry_id                        1L5D 
_pdbx_database_status.recvd_initial_deposition_date   2002-03-06 
_pdbx_database_status.deposit_site                    RCSB 
_pdbx_database_status.process_site                    RCSB 
_pdbx_database_status.SG_entry                        . 
_pdbx_database_status.pdb_format_compatible           Y 
_pdbx_database_status.status_code_mr                  ? 
_pdbx_database_status.status_code_sf                  ? 
_pdbx_database_status.status_code_cs                  ? 
_pdbx_database_status.status_code_nmr_data            ? 
_pdbx_database_status.methods_development_category    ? 
# 
loop_
_pdbx_database_related.db_name 
_pdbx_database_related.db_id 
_pdbx_database_related.details 
_pdbx_database_related.content_type 
PDB 1NPO 'BOVINE NEUROPHYSIN II COMPLEX WITH OXYTOCIN'                                                        unspecified 
PDB 2BN2 'CRYSTAL STRUCTURE OF BOVINE NEUROPHYSIN II COMPLEXED WITH THE VASOPRESSIN ANALOGUE PHE-TYR-AMIDE'   unspecified 
PDB 1L5C 
;SOLUTION STRUCTURE OF THE MONOMERIC FORM OF A MUTANT UNLIGANDED BOVINE
NEUROPHYSIN, 20 STRUCTURES.
;
unspecified 
# 
loop_
_audit_author.name 
_audit_author.pdbx_ordinal 
'Nguyen, T.L.' 1 
'Breslow, E.'  2 
# 
_citation.id                        primary 
_citation.title                     
;NMR analysis of the monomeric form of a mutant unliganded bovine neurophysin: comparison with the crystal structure of a neurophysin dimer.
;
_citation.journal_abbrev            Biochemistry 
_citation.journal_volume            41 
_citation.page_first                5920 
_citation.page_last                 5930 
_citation.year                      2002 
_citation.journal_id_ASTM           BICHAW 
_citation.country                   US 
_citation.journal_id_ISSN           0006-2960 
_citation.journal_id_CSD            0033 
_citation.book_publisher            ? 
_citation.pdbx_database_id_PubMed   11980496 
_citation.pdbx_database_id_DOI      10.1021/bi012067k 
# 
loop_
_citation_author.citation_id 
_citation_author.name 
_citation_author.ordinal 
_citation_author.identifier_ORCID 
primary 'Nguyen, T.L.' 1 ? 
primary 'Breslow, E.'  2 ? 
# 
_entity.id                         1 
_entity.type                       polymer 
_entity.src_method                 man 
_entity.pdbx_description           'NEUROPHYSIN 1' 
_entity.formula_weight             9286.441 
_entity.pdbx_number_of_molecules   1 
_entity.pdbx_ec                    ? 
_entity.pdbx_mutation              H80E 
_entity.pdbx_fragment              ? 
_entity.details                    ? 
# 
_entity_poly.entity_id                      1 
_entity_poly.type                           'polypeptide(L)' 
_entity_poly.nstd_linkage                   no 
_entity_poly.nstd_monomer                   no 
_entity_poly.pdbx_seq_one_letter_code       
;AVLDLDVRTCLPCGPGGKGRCFGPSICCGDELGCFVGTAEALRCQEENYLPSPCQSGQKPCGSGGRCAAAGICCSPDGCE
EDPACDPEAAFS
;
_entity_poly.pdbx_seq_one_letter_code_can   
;AVLDLDVRTCLPCGPGGKGRCFGPSICCGDELGCFVGTAEALRCQEENYLPSPCQSGQKPCGSGGRCAAAGICCSPDGCE
EDPACDPEAAFS
;
_entity_poly.pdbx_strand_id                 A 
_entity_poly.pdbx_target_identifier         ? 
# 
loop_
_entity_poly_seq.entity_id 
_entity_poly_seq.num 
_entity_poly_seq.mon_id 
_entity_poly_seq.hetero 
1 1  ALA n 
1 2  VAL n 
1 3  LEU n 
1 4  ASP n 
1 5  LEU n 
1 6  ASP n 
1 7  VAL n 
1 8  ARG n 
1 9  THR n 
1 10 CYS n 
1 11 LEU n 
1 12 PRO n 
1 13 CYS n 
1 14 GLY n 
1 15 PRO n 
1 16 GLY n 
1 17 GLY n 
1 18 LYS n 
1 19 GLY n 
1 20 ARG n 
1 21 CYS n 
1 22 PHE n 
1 23 GLY n 
1 24 PRO n 
1 25 SER n 
1 26 ILE n 
1 27 CYS n 
1 28 CYS n 
1 29 GLY n 
1 30 ASP n 
1 31 GLU n 
1 32 LEU n 
1 33 GLY n 
1 34 CYS n 
1 35 PHE n 
1 36 VAL n 
1 37 GLY n 
1 38 THR n 
1 39 ALA n 
1 40 GLU n 
1 41 ALA n 
1 42 LEU n 
1 43 ARG n 
1 44 CYS n 
1 45 GLN n 
1 46 GLU n 
1 47 GLU n 
1 48 ASN n 
1 49 TYR n 
1 50 LEU n 
1 51 PRO n 
1 52 SER n 
1 53 PRO n 
1 54 CYS n 
1 55 GLN n 
1 56 SER n 
1 57 GLY n 
1 58 GLN n 
1 59 LYS n 
1 60 PRO n 
1 61 CYS n 
1 62 GLY n 
1 63 SER n 
1 64 GLY n 
1 65 GLY n 
1 66 ARG n 
1 67 CYS n 
1 68 ALA n 
1 69 ALA n 
1 70 ALA n 
1 71 GLY n 
1 72 ILE n 
1 73 CYS n 
1 74 CYS n 
1 75 SER n 
1 76 PRO n 
1 77 ASP n 
1 78 GLY n 
1 79 CYS n 
1 80 GLU n 
1 81 GLU n 
1 82 ASP n 
1 83 PRO n 
1 84 ALA n 
1 85 CYS n 
1 86 ASP n 
1 87 PRO n 
1 88 GLU n 
1 89 ALA n 
1 90 ALA n 
1 91 PHE n 
1 92 SER n 
# 
_entity_src_gen.entity_id                          1 
_entity_src_gen.pdbx_src_id                        1 
_entity_src_gen.pdbx_alt_source_flag               sample 
_entity_src_gen.pdbx_seq_type                      ? 
_entity_src_gen.pdbx_beg_seq_num                   ? 
_entity_src_gen.pdbx_end_seq_num                   ? 
_entity_src_gen.gene_src_common_name               cattle 
_entity_src_gen.gene_src_genus                     Bos 
_entity_src_gen.pdbx_gene_src_gene                 ? 
_entity_src_gen.gene_src_species                   ? 
_entity_src_gen.gene_src_strain                    ? 
_entity_src_gen.gene_src_tissue                    ? 
_entity_src_gen.gene_src_tissue_fraction           ? 
_entity_src_gen.gene_src_details                   ? 
_entity_src_gen.pdbx_gene_src_fragment             ? 
_entity_src_gen.pdbx_gene_src_scientific_name      'Bos taurus' 
_entity_src_gen.pdbx_gene_src_ncbi_taxonomy_id     9913 
_entity_src_gen.pdbx_gene_src_variant              ? 
_entity_src_gen.pdbx_gene_src_cell_line            ? 
_entity_src_gen.pdbx_gene_src_atcc                 ? 
_entity_src_gen.pdbx_gene_src_organ                ? 
_entity_src_gen.pdbx_gene_src_organelle            ? 
_entity_src_gen.pdbx_gene_src_cell                 ? 
_entity_src_gen.pdbx_gene_src_cellular_location    ? 
_entity_src_gen.host_org_common_name               ? 
_entity_src_gen.pdbx_host_org_scientific_name      'Escherichia coli' 
_entity_src_gen.pdbx_host_org_ncbi_taxonomy_id     562 
_entity_src_gen.host_org_genus                     Escherichia 
_entity_src_gen.pdbx_host_org_gene                 ? 
_entity_src_gen.pdbx_host_org_organ                ? 
_entity_src_gen.host_org_species                   ? 
_entity_src_gen.pdbx_host_org_tissue               ? 
_entity_src_gen.pdbx_host_org_tissue_fraction      ? 
_entity_src_gen.pdbx_host_org_strain               'BL21(DE)pLyS-S' 
_entity_src_gen.pdbx_host_org_variant              ? 
_entity_src_gen.pdbx_host_org_cell_line            ? 
_entity_src_gen.pdbx_host_org_atcc                 ? 
_entity_src_gen.pdbx_host_org_culture_collection   ? 
_entity_src_gen.pdbx_host_org_cell                 ? 
_entity_src_gen.pdbx_host_org_organelle            ? 
_entity_src_gen.pdbx_host_org_cellular_location    ? 
_entity_src_gen.pdbx_host_org_vector_type          plasmid 
_entity_src_gen.pdbx_host_org_vector               ? 
_entity_src_gen.host_org_details                   ? 
_entity_src_gen.expression_system_id               ? 
_entity_src_gen.plasmid_name                       T7 
_entity_src_gen.plasmid_details                    ? 
_entity_src_gen.pdbx_description                   ? 
# 
loop_
_chem_comp.id 
_chem_comp.type 
_chem_comp.mon_nstd_flag 
_chem_comp.name 
_chem_comp.pdbx_synonyms 
_chem_comp.formula 
_chem_comp.formula_weight 
ALA 'L-peptide linking' y ALANINE         ? 'C3 H7 N O2'     89.093  
ARG 'L-peptide linking' y ARGININE        ? 'C6 H15 N4 O2 1' 175.209 
ASN 'L-peptide linking' y ASPARAGINE      ? 'C4 H8 N2 O3'    132.118 
ASP 'L-peptide linking' y 'ASPARTIC ACID' ? 'C4 H7 N O4'     133.103 
CYS 'L-peptide linking' y CYSTEINE        ? 'C3 H7 N O2 S'   121.158 
GLN 'L-peptide linking' y GLUTAMINE       ? 'C5 H10 N2 O3'   146.144 
GLU 'L-peptide linking' y 'GLUTAMIC ACID' ? 'C5 H9 N O4'     147.129 
GLY 'peptide linking'   y GLYCINE         ? 'C2 H5 N O2'     75.067  
HIS 'L-peptide linking' y HISTIDINE       ? 'C6 H10 N3 O2 1' 156.162 
ILE 'L-peptide linking' y ISOLEUCINE      ? 'C6 H13 N O2'    131.173 
LEU 'L-peptide linking' y LEUCINE         ? 'C6 H13 N O2'    131.173 
LYS 'L-peptide linking' y LYSINE          ? 'C6 H15 N2 O2 1' 147.195 
PHE 'L-peptide linking' y PHENYLALANINE   ? 'C9 H11 N O2'    165.189 
PRO 'L-peptide linking' y PROLINE         ? 'C5 H9 N O2'     115.130 
SER 'L-peptide linking' y SERINE          ? 'C3 H7 N O3'     105.093 
THR 'L-peptide linking' y THREONINE       ? 'C4 H9 N O3'     119.119 
TYR 'L-peptide linking' y TYROSINE        ? 'C9 H11 N O3'    181.189 
VAL 'L-peptide linking' y VALINE          ? 'C5 H11 N O2'    117.146 
# 
loop_
_pdbx_poly_seq_scheme.asym_id 
_pdbx_poly_seq_scheme.entity_id 
_pdbx_poly_seq_scheme.seq_id 
_pdbx_poly_seq_scheme.mon_id 
_pdbx_poly_seq_scheme.ndb_seq_num 
_pdbx_poly_seq_scheme.pdb_seq_num 
_pdbx_poly_seq_scheme.auth_seq_num 
_pdbx_poly_seq_scheme.pdb_mon_id 
_pdbx_poly_seq_scheme.auth_mon_id 
_pdbx_poly_seq_scheme.pdb_strand_id 
_pdbx_poly_seq_scheme.pdb_ins_code 
_pdbx_poly_seq_scheme.hetero 
A 1 1  ALA 1  1  1  ALA ALA A . n 
A 1 2  VAL 2  2  2  VAL VAL A . n 
A 1 3  LEU 3  3  3  LEU LEU A . n 
A 1 4  ASP 4  4  4  ASP ASP A . n 
A 1 5  LEU 5  5  5  LEU LEU A . n 
A 1 6  ASP 6  6  6  ASP ASP A . n 
A 1 7  VAL 7  7  7  VAL VAL A . n 
A 1 8  ARG 8  8  8  ARG ARG A . n 
A 1 9  THR 9  9  9  THR THR A . n 
A 1 10 CYS 10 10 10 CYS CYS A . n 
A 1 11 LEU 11 11 11 LEU LEU A . n 
A 1 12 PRO 12 12 12 PRO PRO A . n 
A 1 13 CYS 13 13 13 CYS CYS A . n 
A 1 14 GLY 14 14 14 GLY GLY A . n 
A 1 15 PRO 15 15 15 PRO PRO A . n 
A 1 16 GLY 16 16 16 GLY GLY A . n 
A 1 17 GLY 17 17 17 GLY GLY A . n 
A 1 18 LYS 18 18 18 LYS LYS A . n 
A 1 19 GLY 19 19 19 GLY GLY A . n 
A 1 20 ARG 20 20 20 ARG ARG A . n 
A 1 21 CYS 21 21 21 CYS CYS A . n 
A 1 22 PHE 22 22 22 PHE PHE A . n 
A 1 23 GLY 23 23 23 GLY GLY A . n 
A 1 24 PRO 24 24 24 PRO PRO A . n 
A 1 25 SER 25 25 25 SER SER A . n 
A 1 26 ILE 26 26 26 ILE ILE A . n 
A 1 27 CYS 27 27 27 CYS CYS A . n 
A 1 28 CYS 28 28 28 CYS CYS A . n 
A 1 29 GLY 29 29 29 GLY GLY A . n 
A 1 30 ASP 30 30 30 ASP ASP A . n 
A 1 31 GLU 31 31 31 GLU GLU A . n 
A 1 32 LEU 32 32 32 LEU LEU A . n 
A 1 33 GLY 33 33 33 GLY GLY A . n 
A 1 34 CYS 34 34 34 CYS CYS A . n 
A 1 35 PHE 35 35 35 PHE PHE A . n 
A 1 36 VAL 36 36 36 VAL VAL A . n 
A 1 37 GLY 37 37 37 GLY GLY A . n 
A 1 38 THR 38 38 38 THR THR A . n 
A 1 39 ALA 39 39 39 ALA ALA A . n 
A 1 40 GLU 40 40 40 GLU GLU A . n 
A 1 41 ALA 41 41 41 ALA ALA A . n 
A 1 42 LEU 42 42 42 LEU LEU A . n 
A 1 43 ARG 43 43 43 ARG ARG A . n 
A 1 44 CYS 44 44 44 CYS CYS A . n 
A 1 45 GLN 45 45 45 GLN GLN A . n 
A 1 46 GLU 46 46 46 GLU GLU A . n 
A 1 47 GLU 47 47 47 GLU GLU A . n 
A 1 48 ASN 48 48 48 ASN ASN A . n 
A 1 49 TYR 49 49 49 TYR TYR A . n 
A 1 50 LEU 50 50 50 LEU LEU A . n 
A 1 51 PRO 51 51 51 PRO PRO A . n 
A 1 52 SER 52 52 52 SER SER A . n 
A 1 53 PRO 53 53 53 PRO PRO A . n 
A 1 54 CYS 54 54 54 CYS CYS A . n 
A 1 55 GLN 55 55 55 GLN GLN A . n 
A 1 56 SER 56 56 56 SER SER A . n 
A 1 57 GLY 57 57 57 GLY GLY A . n 
A 1 58 GLN 58 58 58 GLN GLN A . n 
A 1 59 LYS 59 59 59 LYS LYS A . n 
A 1 60 PRO 60 60 60 PRO PRO A . n 
A 1 61 CYS 61 61 61 CYS CYS A . n 
A 1 62 GLY 62 62 62 GLY GLY A . n 
A 1 63 SER 63 63 63 SER SER A . n 
A 1 64 GLY 64 64 64 GLY GLY A . n 
A 1 65 GLY 65 65 65 GLY GLY A . n 
A 1 66 ARG 66 66 66 ARG ARG A . n 
A 1 67 CYS 67 67 67 CYS CYS A . n 
A 1 68 ALA 68 68 68 ALA ALA A . n 
A 1 69 ALA 69 69 69 ALA ALA A . n 
A 1 70 ALA 70 70 70 ALA ALA A . n 
A 1 71 GLY 71 71 71 GLY GLY A . n 
A 1 72 ILE 72 72 72 ILE ILE A . n 
A 1 73 CYS 73 73 73 CYS CYS A . n 
A 1 74 CYS 74 74 74 CYS CYS A . n 
A 1 75 SER 75 75 75 SER SER A . n 
A 1 76 PRO 76 76 76 PRO PRO A . n 
A 1 77 ASP 77 77 77 ASP ASP A . n 
A 1 78 GLY 78 78 78 GLY GLY A . n 
A 1 79 CYS 79 79 79 CYS CYS A . n 
A 1 80 GLU 80 80 80 GLU GLU A . n 
A 1 81 GLU 81 81 81 GLU GLU A . n 
A 1 82 ASP 82 82 82 ASP ASP A . n 
A 1 83 PRO 83 83 83 PRO PRO A . n 
A 1 84 ALA 84 84 84 ALA ALA A . n 
A 1 85 CYS 85 85 85 CYS CYS A . n 
A 1 86 ASP 86 86 86 ASP ASP A . n 
A 1 87 PRO 87 87 87 PRO PRO A . n 
A 1 88 GLU 88 88 88 GLU GLU A . n 
A 1 89 ALA 89 89 89 ALA ALA A . n 
A 1 90 ALA 90 90 90 ALA ALA A . n 
A 1 91 PHE 91 91 91 PHE PHE A . n 
A 1 92 SER 92 92 92 SER SER A . n 
# 
_exptl.entry_id          1L5D 
_exptl.method            'SOLUTION NMR' 
_exptl.crystals_number   ? 
# 
_exptl_crystal.id                    1 
_exptl_crystal.density_meas          ? 
_exptl_crystal.density_Matthews      ? 
_exptl_crystal.density_percent_sol   ? 
_exptl_crystal.description           ? 
# 
_diffrn.id                     1 
_diffrn.crystal_id             1 
_diffrn.ambient_temp           ? 
_diffrn.ambient_temp_details   ? 
# 
_diffrn_radiation.diffrn_id                        1 
_diffrn_radiation.wavelength_id                    1 
_diffrn_radiation.pdbx_monochromatic_or_laue_m_l   M 
_diffrn_radiation.monochromator                    ? 
_diffrn_radiation.pdbx_diffrn_protocol             'SINGLE WAVELENGTH' 
_diffrn_radiation.pdbx_scattering_type             ? 
# 
_diffrn_radiation_wavelength.id           1 
_diffrn_radiation_wavelength.wavelength   . 
_diffrn_radiation_wavelength.wt           1.0 
# 
_struct.entry_id                  1L5D 
_struct.title                     
'Solution Structure of the Monomeric Form of a Mutant Unliganded Bovine Neurophysin, Minimized Average Structure' 
_struct.pdbx_model_details        ? 
_struct.pdbx_CASP_flag            ? 
_struct.pdbx_model_type_details   'minimized average' 
# 
_struct_keywords.entry_id        1L5D 
_struct_keywords.pdbx_keywords   'HORMONE/GROWTH FACTOR' 
_struct_keywords.text            'Two 4-strand beta sheet, 3, 10-helix, HORMONE-GROWTH FACTOR COMPLEX' 
# 
_struct_asym.id                            A 
_struct_asym.pdbx_blank_PDB_chainid_flag   N 
_struct_asym.pdbx_modified                 N 
_struct_asym.entity_id                     1 
_struct_asym.details                       ? 
# 
_struct_ref.id                         1 
_struct_ref.db_name                    UNP 
_struct_ref.db_code                    NEU1_BOVIN 
_struct_ref.entity_id                  1 
_struct_ref.pdbx_seq_one_letter_code   
;AVLDLDVRTCLPCGPGGKGRCFGPSICCGDELGCFVGTAEALRCQEENYLPSPCQSGQKPCGSGGRCAAAGICCSPDGCH
EDPACDPEAAFS
;
_struct_ref.pdbx_align_begin           32 
_struct_ref.pdbx_db_accession          P01175 
_struct_ref.pdbx_db_isoform            ? 
# 
_struct_ref_seq.align_id                      1 
_struct_ref_seq.ref_id                        1 
_struct_ref_seq.pdbx_PDB_id_code              1L5D 
_struct_ref_seq.pdbx_strand_id                A 
_struct_ref_seq.seq_align_beg                 1 
_struct_ref_seq.pdbx_seq_align_beg_ins_code   ? 
_struct_ref_seq.seq_align_end                 92 
_struct_ref_seq.pdbx_seq_align_end_ins_code   ? 
_struct_ref_seq.pdbx_db_accession             P01175 
_struct_ref_seq.db_align_beg                  32 
_struct_ref_seq.pdbx_db_align_beg_ins_code    ? 
_struct_ref_seq.db_align_end                  123 
_struct_ref_seq.pdbx_db_align_end_ins_code    ? 
_struct_ref_seq.pdbx_auth_seq_align_beg       1 
_struct_ref_seq.pdbx_auth_seq_align_end       92 
# 
_struct_ref_seq_dif.align_id                     1 
_struct_ref_seq_dif.pdbx_pdb_id_code             1L5D 
_struct_ref_seq_dif.mon_id                       GLU 
_struct_ref_seq_dif.pdbx_pdb_strand_id           A 
_struct_ref_seq_dif.seq_num                      80 
_struct_ref_seq_dif.pdbx_pdb_ins_code            ? 
_struct_ref_seq_dif.pdbx_seq_db_name             UNP 
_struct_ref_seq_dif.pdbx_seq_db_accession_code   P01175 
_struct_ref_seq_dif.db_mon_id                    HIS 
_struct_ref_seq_dif.pdbx_seq_db_seq_num          111 
_struct_ref_seq_dif.details                      'engineered mutation' 
_struct_ref_seq_dif.pdbx_auth_seq_num            80 
_struct_ref_seq_dif.pdbx_ordinal                 1 
# 
_pdbx_struct_assembly.id                   1 
_pdbx_struct_assembly.details              author_defined_assembly 
_pdbx_struct_assembly.method_details       ? 
_pdbx_struct_assembly.oligomeric_details   monomeric 
_pdbx_struct_assembly.oligomeric_count     1 
# 
_pdbx_struct_assembly_gen.assembly_id       1 
_pdbx_struct_assembly_gen.oper_expression   1 
_pdbx_struct_assembly_gen.asym_id_list      A 
# 
_pdbx_struct_oper_list.id                   1 
_pdbx_struct_oper_list.type                 'identity operation' 
_pdbx_struct_oper_list.name                 1_555 
_pdbx_struct_oper_list.symmetry_operation   ? 
_pdbx_struct_oper_list.matrix[1][1]         1.0000000000 
_pdbx_struct_oper_list.matrix[1][2]         0.0000000000 
_pdbx_struct_oper_list.matrix[1][3]         0.0000000000 
_pdbx_struct_oper_list.vector[1]            0.0000000000 
_pdbx_struct_oper_list.matrix[2][1]         0.0000000000 
_pdbx_struct_oper_list.matrix[2][2]         1.0000000000 
_pdbx_struct_oper_list.matrix[2][3]         0.0000000000 
_pdbx_struct_oper_list.vector[2]            0.0000000000 
_pdbx_struct_oper_list.matrix[3][1]         0.0000000000 
_pdbx_struct_oper_list.matrix[3][2]         0.0000000000 
_pdbx_struct_oper_list.matrix[3][3]         1.0000000000 
_pdbx_struct_oper_list.vector[3]            0.0000000000 
# 
_struct_biol.id   1 
# 
_struct_conf.conf_type_id            HELX_P 
_struct_conf.id                      HELX_P1 
_struct_conf.pdbx_PDB_helix_id       1 
_struct_conf.beg_label_comp_id       THR 
_struct_conf.beg_label_asym_id       A 
_struct_conf.beg_label_seq_id        38 
_struct_conf.pdbx_beg_PDB_ins_code   ? 
_struct_conf.end_label_comp_id       TYR 
_struct_conf.end_label_asym_id       A 
_struct_conf.end_label_seq_id        49 
_struct_conf.pdbx_end_PDB_ins_code   ? 
_struct_conf.beg_auth_comp_id        THR 
_struct_conf.beg_auth_asym_id        A 
_struct_conf.beg_auth_seq_id         38 
_struct_conf.end_auth_comp_id        TYR 
_struct_conf.end_auth_asym_id        A 
_struct_conf.end_auth_seq_id         49 
_struct_conf.pdbx_PDB_helix_class    5 
_struct_conf.details                 ? 
_struct_conf.pdbx_PDB_helix_length   12 
# 
_struct_conf_type.id          HELX_P 
_struct_conf_type.criteria    ? 
_struct_conf_type.reference   ? 
# 
loop_
_struct_conn.id 
_struct_conn.conn_type_id 
_struct_conn.pdbx_leaving_atom_flag 
_struct_conn.pdbx_PDB_id 
_struct_conn.ptnr1_label_asym_id 
_struct_conn.ptnr1_label_comp_id 
_struct_conn.ptnr1_label_seq_id 
_struct_conn.ptnr1_label_atom_id 
_struct_conn.pdbx_ptnr1_label_alt_id 
_struct_conn.pdbx_ptnr1_PDB_ins_code 
_struct_conn.pdbx_ptnr1_standard_comp_id 
_struct_conn.ptnr1_symmetry 
_struct_conn.ptnr2_label_asym_id 
_struct_conn.ptnr2_label_comp_id 
_struct_conn.ptnr2_label_seq_id 
_struct_conn.ptnr2_label_atom_id 
_struct_conn.pdbx_ptnr2_label_alt_id 
_struct_conn.pdbx_ptnr2_PDB_ins_code 
_struct_conn.ptnr1_auth_asym_id 
_struct_conn.ptnr1_auth_comp_id 
_struct_conn.ptnr1_auth_seq_id 
_struct_conn.ptnr2_auth_asym_id 
_struct_conn.ptnr2_auth_comp_id 
_struct_conn.ptnr2_auth_seq_id 
_struct_conn.ptnr2_symmetry 
_struct_conn.pdbx_ptnr3_label_atom_id 
_struct_conn.pdbx_ptnr3_label_seq_id 
_struct_conn.pdbx_ptnr3_label_comp_id 
_struct_conn.pdbx_ptnr3_label_asym_id 
_struct_conn.pdbx_ptnr3_label_alt_id 
_struct_conn.pdbx_ptnr3_PDB_ins_code 
_struct_conn.details 
_struct_conn.pdbx_dist_value 
_struct_conn.pdbx_value_order 
_struct_conn.pdbx_role 
disulf1 disulf ? ? A CYS 10 SG ? ? ? 1_555 A CYS 54 SG ? ? A CYS 10 A CYS 54 1_555 ? ? ? ? ? ? ? 2.035 ? ? 
disulf2 disulf ? ? A CYS 13 SG ? ? ? 1_555 A CYS 27 SG ? ? A CYS 13 A CYS 27 1_555 ? ? ? ? ? ? ? 2.025 ? ? 
disulf3 disulf ? ? A CYS 21 SG ? ? ? 1_555 A CYS 44 SG ? ? A CYS 21 A CYS 44 1_555 ? ? ? ? ? ? ? 2.027 ? ? 
disulf4 disulf ? ? A CYS 28 SG ? ? ? 1_555 A CYS 34 SG ? ? A CYS 28 A CYS 34 1_555 ? ? ? ? ? ? ? 2.023 ? ? 
disulf5 disulf ? ? A CYS 61 SG ? ? ? 1_555 A CYS 73 SG ? ? A CYS 61 A CYS 73 1_555 ? ? ? ? ? ? ? 2.034 ? ? 
disulf6 disulf ? ? A CYS 67 SG ? ? ? 1_555 A CYS 85 SG ? ? A CYS 67 A CYS 85 1_555 ? ? ? ? ? ? ? 2.032 ? ? 
disulf7 disulf ? ? A CYS 74 SG ? ? ? 1_555 A CYS 79 SG ? ? A CYS 74 A CYS 79 1_555 ? ? ? ? ? ? ? 2.028 ? ? 
# 
_struct_conn_type.id          disulf 
_struct_conn_type.criteria    ? 
_struct_conn_type.reference   ? 
# 
loop_
_pdbx_modification_feature.ordinal 
_pdbx_modification_feature.label_comp_id 
_pdbx_modification_feature.label_asym_id 
_pdbx_modification_feature.label_seq_id 
_pdbx_modification_feature.label_alt_id 
_pdbx_modification_feature.modified_residue_label_comp_id 
_pdbx_modification_feature.modified_residue_label_asym_id 
_pdbx_modification_feature.modified_residue_label_seq_id 
_pdbx_modification_feature.modified_residue_label_alt_id 
_pdbx_modification_feature.auth_comp_id 
_pdbx_modification_feature.auth_asym_id 
_pdbx_modification_feature.auth_seq_id 
_pdbx_modification_feature.PDB_ins_code 
_pdbx_modification_feature.symmetry 
_pdbx_modification_feature.modified_residue_auth_comp_id 
_pdbx_modification_feature.modified_residue_auth_asym_id 
_pdbx_modification_feature.modified_residue_auth_seq_id 
_pdbx_modification_feature.modified_residue_PDB_ins_code 
_pdbx_modification_feature.modified_residue_symmetry 
_pdbx_modification_feature.comp_id_linking_atom 
_pdbx_modification_feature.modified_residue_id_linking_atom 
_pdbx_modification_feature.modified_residue_id 
_pdbx_modification_feature.ref_pcm_id 
_pdbx_modification_feature.ref_comp_id 
_pdbx_modification_feature.type 
_pdbx_modification_feature.category 
1 CYS A 10 ? CYS A 54 ? CYS A 10 ? 1_555 CYS A 54 ? 1_555 SG SG . . . None 'Disulfide bridge' 
2 CYS A 13 ? CYS A 27 ? CYS A 13 ? 1_555 CYS A 27 ? 1_555 SG SG . . . None 'Disulfide bridge' 
3 CYS A 21 ? CYS A 44 ? CYS A 21 ? 1_555 CYS A 44 ? 1_555 SG SG . . . None 'Disulfide bridge' 
4 CYS A 28 ? CYS A 34 ? CYS A 28 ? 1_555 CYS A 34 ? 1_555 SG SG . . . None 'Disulfide bridge' 
5 CYS A 61 ? CYS A 73 ? CYS A 61 ? 1_555 CYS A 73 ? 1_555 SG SG . . . None 'Disulfide bridge' 
6 CYS A 67 ? CYS A 85 ? CYS A 67 ? 1_555 CYS A 85 ? 1_555 SG SG . . . None 'Disulfide bridge' 
7 CYS A 74 ? CYS A 79 ? CYS A 74 ? 1_555 CYS A 79 ? 1_555 SG SG . . . None 'Disulfide bridge' 
# 
loop_
_struct_sheet.id 
_struct_sheet.type 
_struct_sheet.number_strands 
_struct_sheet.details 
A ? 2 ? 
B ? 2 ? 
C ? 4 ? 
# 
loop_
_struct_sheet_order.sheet_id 
_struct_sheet_order.range_id_1 
_struct_sheet_order.range_id_2 
_struct_sheet_order.offset 
_struct_sheet_order.sense 
A 1 2 ? anti-parallel 
B 1 2 ? anti-parallel 
C 1 2 ? anti-parallel 
C 2 3 ? anti-parallel 
C 3 4 ? anti-parallel 
# 
loop_
_struct_sheet_range.sheet_id 
_struct_sheet_range.id 
_struct_sheet_range.beg_label_comp_id 
_struct_sheet_range.beg_label_asym_id 
_struct_sheet_range.beg_label_seq_id 
_struct_sheet_range.pdbx_beg_PDB_ins_code 
_struct_sheet_range.end_label_comp_id 
_struct_sheet_range.end_label_asym_id 
_struct_sheet_range.end_label_seq_id 
_struct_sheet_range.pdbx_end_PDB_ins_code 
_struct_sheet_range.beg_auth_comp_id 
_struct_sheet_range.beg_auth_asym_id 
_struct_sheet_range.beg_auth_seq_id 
_struct_sheet_range.end_auth_comp_id 
_struct_sheet_range.end_auth_asym_id 
_struct_sheet_range.end_auth_seq_id 
A 1 PRO A 12 ? CYS A 13 ? PRO A 12 CYS A 13 
A 2 GLY A 19 ? ARG A 20 ? GLY A 19 ARG A 20 
B 1 ILE A 26 ? GLY A 29 ? ILE A 26 GLY A 29 
B 2 LEU A 32 ? VAL A 36 ? LEU A 32 VAL A 36 
C 1 PRO A 60 ? CYS A 61 ? PRO A 60 CYS A 61 
C 2 GLY A 65 ? CYS A 67 ? GLY A 65 CYS A 67 
C 3 ILE A 72 ? CYS A 74 ? ILE A 72 CYS A 74 
C 4 CYS A 79 ? GLU A 81 ? CYS A 79 GLU A 81 
# 
loop_
_pdbx_struct_sheet_hbond.sheet_id 
_pdbx_struct_sheet_hbond.range_id_1 
_pdbx_struct_sheet_hbond.range_id_2 
_pdbx_struct_sheet_hbond.range_1_label_atom_id 
_pdbx_struct_sheet_hbond.range_1_label_comp_id 
_pdbx_struct_sheet_hbond.range_1_label_asym_id 
_pdbx_struct_sheet_hbond.range_1_label_seq_id 
_pdbx_struct_sheet_hbond.range_1_PDB_ins_code 
_pdbx_struct_sheet_hbond.range_1_auth_atom_id 
_pdbx_struct_sheet_hbond.range_1_auth_comp_id 
_pdbx_struct_sheet_hbond.range_1_auth_asym_id 
_pdbx_struct_sheet_hbond.range_1_auth_seq_id 
_pdbx_struct_sheet_hbond.range_2_label_atom_id 
_pdbx_struct_sheet_hbond.range_2_label_comp_id 
_pdbx_struct_sheet_hbond.range_2_label_asym_id 
_pdbx_struct_sheet_hbond.range_2_label_seq_id 
_pdbx_struct_sheet_hbond.range_2_PDB_ins_code 
_pdbx_struct_sheet_hbond.range_2_auth_atom_id 
_pdbx_struct_sheet_hbond.range_2_auth_comp_id 
_pdbx_struct_sheet_hbond.range_2_auth_asym_id 
_pdbx_struct_sheet_hbond.range_2_auth_seq_id 
A 1 2 N CYS A 13 ? N CYS A 13 O GLY A 19 ? O GLY A 19 
B 1 2 N GLY A 29 ? N GLY A 29 O GLY A 33 ? O GLY A 33 
C 1 2 N CYS A 61 ? N CYS A 61 O GLY A 65 ? O GLY A 65 
C 2 3 N ARG A 66 ? N ARG A 66 O CYS A 74 ? O CYS A 74 
C 3 4 N CYS A 73 ? N CYS A 73 O GLU A 80 ? O GLU A 80 
# 
_pdbx_entry_details.entry_id                   1L5D 
_pdbx_entry_details.compound_details           ? 
_pdbx_entry_details.source_details             ? 
_pdbx_entry_details.nonpolymer_details         ? 
_pdbx_entry_details.sequence_details           ? 
_pdbx_entry_details.has_ligand_of_interest     ? 
_pdbx_entry_details.has_protein_modification   Y 
# 
loop_
_pdbx_validate_close_contact.id 
_pdbx_validate_close_contact.PDB_model_num 
_pdbx_validate_close_contact.auth_atom_id_1 
_pdbx_validate_close_contact.auth_asym_id_1 
_pdbx_validate_close_contact.auth_comp_id_1 
_pdbx_validate_close_contact.auth_seq_id_1 
_pdbx_validate_close_contact.PDB_ins_code_1 
_pdbx_validate_close_contact.label_alt_id_1 
_pdbx_validate_close_contact.auth_atom_id_2 
_pdbx_validate_close_contact.auth_asym_id_2 
_pdbx_validate_close_contact.auth_comp_id_2 
_pdbx_validate_close_contact.auth_seq_id_2 
_pdbx_validate_close_contact.PDB_ins_code_2 
_pdbx_validate_close_contact.label_alt_id_2 
_pdbx_validate_close_contact.dist 
1 1 HA2 A GLY 71 ? ? HB3 A CYS 85 ? ? 1.29 
2 1 O   A LYS 59 ? ? H   A CYS 67 ? ? 1.46 
3 1 O   A ALA 90 ? ? H   A SER 92 ? ? 1.56 
4 1 O   A ALA 69 ? ? N   A GLY 71 ? ? 2.12 
# 
loop_
_pdbx_validate_torsion.id 
_pdbx_validate_torsion.PDB_model_num 
_pdbx_validate_torsion.auth_comp_id 
_pdbx_validate_torsion.auth_asym_id 
_pdbx_validate_torsion.auth_seq_id 
_pdbx_validate_torsion.PDB_ins_code 
_pdbx_validate_torsion.label_alt_id 
_pdbx_validate_torsion.phi 
_pdbx_validate_torsion.psi 
1  1 VAL A 2  ? ? -46.67  159.26  
2  1 ASP A 4  ? ? -77.66  -71.15  
3  1 LEU A 5  ? ? -141.42 -137.09 
4  1 THR A 9  ? ? 47.15   79.85   
5  1 CYS A 10 ? ? -54.56  178.29  
6  1 PRO A 12 ? ? -54.40  -174.06 
7  1 PHE A 22 ? ? -140.72 -34.06  
8  1 LEU A 32 ? ? -157.06 34.06   
9  1 SER A 52 ? ? -28.34  107.07  
10 1 PRO A 53 ? ? -57.57  105.09  
11 1 GLN A 55 ? ? -24.92  137.18  
12 1 PRO A 60 ? ? -39.78  156.10  
13 1 SER A 63 ? ? -93.31  41.72   
14 1 ALA A 68 ? ? -154.16 -99.23  
15 1 ALA A 69 ? ? -73.13  -169.92 
16 1 ALA A 70 ? ? -39.31  75.59   
17 1 ASP A 86 ? ? 167.20  -29.14  
18 1 PRO A 87 ? ? -102.09 -73.49  
19 1 ALA A 89 ? ? -76.76  -158.01 
20 1 ALA A 90 ? ? -67.69  -173.18 
# 
_pdbx_nmr_ensemble.entry_id                             1L5D 
_pdbx_nmr_ensemble.conformers_calculated_total_number   ? 
_pdbx_nmr_ensemble.conformers_submitted_total_number    1 
_pdbx_nmr_ensemble.conformer_selection_criteria         ? 
# 
_pdbx_nmr_representative.entry_id             1L5D 
_pdbx_nmr_representative.conformer_id         ? 
_pdbx_nmr_representative.selection_criteria   'minimized average structure' 
# 
loop_
_pdbx_nmr_sample_details.solution_id 
_pdbx_nmr_sample_details.contents 
_pdbx_nmr_sample_details.solvent_system 
1 '1.4 mM H80E of bovine neurophysin I U-15N; 90% H2O, 10% D2O'      '90% H2O/10% D2O' 
2 '1.4 mM H80E of bovine neurophysin I U-15N, 13C; 90% H2O, 10% D2O' '90% H2O/10% D2O' 
# 
loop_
_pdbx_nmr_exptl_sample_conditions.conditions_id 
_pdbx_nmr_exptl_sample_conditions.temperature 
_pdbx_nmr_exptl_sample_conditions.pressure 
_pdbx_nmr_exptl_sample_conditions.pH 
_pdbx_nmr_exptl_sample_conditions.ionic_strength 
_pdbx_nmr_exptl_sample_conditions.pressure_units 
_pdbx_nmr_exptl_sample_conditions.temperature_units 
1 283 ambient 7.5 ? ? K 
2 298 ambient 7.5 ? ? K 
3 303 ambient 7.5 ? ? K 
# 
loop_
_pdbx_nmr_exptl.experiment_id 
_pdbx_nmr_exptl.solution_id 
_pdbx_nmr_exptl.conditions_id 
_pdbx_nmr_exptl.type 
1 1 1 3D_15N-separated_NOESY 
2 1 2 3D_15N-separated_NOESY 
3 2 3 HNHA                   
4 2 1 3D_13C-separated_NOESY 
5 2 3 3D_13C-separated_NOESY 
# 
_pdbx_nmr_refine.entry_id           1L5D 
_pdbx_nmr_refine.method             'simulated annealing' 
_pdbx_nmr_refine.details            
;The structures are based on 811 NOE-derived distance constraints, 50 hydrogen bond distance restraints, 72 torsion angle constraints, 46 JNHA coupling constants, 157 CA/CB and 108 1H chemical shift restraints and the pairing of the protein's 7 disulfides
;
_pdbx_nmr_refine.software_ordinal   1 
# 
loop_
_pdbx_nmr_software.name 
_pdbx_nmr_software.version 
_pdbx_nmr_software.classification 
_pdbx_nmr_software.authors 
_pdbx_nmr_software.ordinal 
NMRPipe ?   'data analysis'      bax     1 
NMRView 4.1 'data analysis'      johnson 2 
CNS     0.9 'structure solution' brunger 3 
TALOS   ?   'data analysis'      bax     4 
CNS     0.9 refinement           brunger 5 
# 
loop_
_chem_comp_atom.comp_id 
_chem_comp_atom.atom_id 
_chem_comp_atom.type_symbol 
_chem_comp_atom.pdbx_aromatic_flag 
_chem_comp_atom.pdbx_stereo_config 
_chem_comp_atom.pdbx_ordinal 
ALA N    N N N 1   
ALA CA   C N S 2   
ALA C    C N N 3   
ALA O    O N N 4   
ALA CB   C N N 5   
ALA OXT  O N N 6   
ALA H    H N N 7   
ALA H2   H N N 8   
ALA HA   H N N 9   
ALA HB1  H N N 10  
ALA HB2  H N N 11  
ALA HB3  H N N 12  
ALA HXT  H N N 13  
ARG N    N N N 14  
ARG CA   C N S 15  
ARG C    C N N 16  
ARG O    O N N 17  
ARG CB   C N N 18  
ARG CG   C N N 19  
ARG CD   C N N 20  
ARG NE   N N N 21  
ARG CZ   C N N 22  
ARG NH1  N N N 23  
ARG NH2  N N N 24  
ARG OXT  O N N 25  
ARG H    H N N 26  
ARG H2   H N N 27  
ARG HA   H N N 28  
ARG HB2  H N N 29  
ARG HB3  H N N 30  
ARG HG2  H N N 31  
ARG HG3  H N N 32  
ARG HD2  H N N 33  
ARG HD3  H N N 34  
ARG HE   H N N 35  
ARG HH11 H N N 36  
ARG HH12 H N N 37  
ARG HH21 H N N 38  
ARG HH22 H N N 39  
ARG HXT  H N N 40  
ASN N    N N N 41  
ASN CA   C N S 42  
ASN C    C N N 43  
ASN O    O N N 44  
ASN CB   C N N 45  
ASN CG   C N N 46  
ASN OD1  O N N 47  
ASN ND2  N N N 48  
ASN OXT  O N N 49  
ASN H    H N N 50  
ASN H2   H N N 51  
ASN HA   H N N 52  
ASN HB2  H N N 53  
ASN HB3  H N N 54  
ASN HD21 H N N 55  
ASN HD22 H N N 56  
ASN HXT  H N N 57  
ASP N    N N N 58  
ASP CA   C N S 59  
ASP C    C N N 60  
ASP O    O N N 61  
ASP CB   C N N 62  
ASP CG   C N N 63  
ASP OD1  O N N 64  
ASP OD2  O N N 65  
ASP OXT  O N N 66  
ASP H    H N N 67  
ASP H2   H N N 68  
ASP HA   H N N 69  
ASP HB2  H N N 70  
ASP HB3  H N N 71  
ASP HD2  H N N 72  
ASP HXT  H N N 73  
CYS N    N N N 74  
CYS CA   C N R 75  
CYS C    C N N 76  
CYS O    O N N 77  
CYS CB   C N N 78  
CYS SG   S N N 79  
CYS OXT  O N N 80  
CYS H    H N N 81  
CYS H2   H N N 82  
CYS HA   H N N 83  
CYS HB2  H N N 84  
CYS HB3  H N N 85  
CYS HG   H N N 86  
CYS HXT  H N N 87  
GLN N    N N N 88  
GLN CA   C N S 89  
GLN C    C N N 90  
GLN O    O N N 91  
GLN CB   C N N 92  
GLN CG   C N N 93  
GLN CD   C N N 94  
GLN OE1  O N N 95  
GLN NE2  N N N 96  
GLN OXT  O N N 97  
GLN H    H N N 98  
GLN H2   H N N 99  
GLN HA   H N N 100 
GLN HB2  H N N 101 
GLN HB3  H N N 102 
GLN HG2  H N N 103 
GLN HG3  H N N 104 
GLN HE21 H N N 105 
GLN HE22 H N N 106 
GLN HXT  H N N 107 
GLU N    N N N 108 
GLU CA   C N S 109 
GLU C    C N N 110 
GLU O    O N N 111 
GLU CB   C N N 112 
GLU CG   C N N 113 
GLU CD   C N N 114 
GLU OE1  O N N 115 
GLU OE2  O N N 116 
GLU OXT  O N N 117 
GLU H    H N N 118 
GLU H2   H N N 119 
GLU HA   H N N 120 
GLU HB2  H N N 121 
GLU HB3  H N N 122 
GLU HG2  H N N 123 
GLU HG3  H N N 124 
GLU HE2  H N N 125 
GLU HXT  H N N 126 
GLY N    N N N 127 
GLY CA   C N N 128 
GLY C    C N N 129 
GLY O    O N N 130 
GLY OXT  O N N 131 
GLY H    H N N 132 
GLY H2   H N N 133 
GLY HA2  H N N 134 
GLY HA3  H N N 135 
GLY HXT  H N N 136 
HIS N    N N N 137 
HIS CA   C N S 138 
HIS C    C N N 139 
HIS O    O N N 140 
HIS CB   C N N 141 
HIS CG   C Y N 142 
HIS ND1  N Y N 143 
HIS CD2  C Y N 144 
HIS CE1  C Y N 145 
HIS NE2  N Y N 146 
HIS OXT  O N N 147 
HIS H    H N N 148 
HIS H2   H N N 149 
HIS HA   H N N 150 
HIS HB2  H N N 151 
HIS HB3  H N N 152 
HIS HD1  H N N 153 
HIS HD2  H N N 154 
HIS HE1  H N N 155 
HIS HE2  H N N 156 
HIS HXT  H N N 157 
ILE N    N N N 158 
ILE CA   C N S 159 
ILE C    C N N 160 
ILE O    O N N 161 
ILE CB   C N S 162 
ILE CG1  C N N 163 
ILE CG2  C N N 164 
ILE CD1  C N N 165 
ILE OXT  O N N 166 
ILE H    H N N 167 
ILE H2   H N N 168 
ILE HA   H N N 169 
ILE HB   H N N 170 
ILE HG12 H N N 171 
ILE HG13 H N N 172 
ILE HG21 H N N 173 
ILE HG22 H N N 174 
ILE HG23 H N N 175 
ILE HD11 H N N 176 
ILE HD12 H N N 177 
ILE HD13 H N N 178 
ILE HXT  H N N 179 
LEU N    N N N 180 
LEU CA   C N S 181 
LEU C    C N N 182 
LEU O    O N N 183 
LEU CB   C N N 184 
LEU CG   C N N 185 
LEU CD1  C N N 186 
LEU CD2  C N N 187 
LEU OXT  O N N 188 
LEU H    H N N 189 
LEU H2   H N N 190 
LEU HA   H N N 191 
LEU HB2  H N N 192 
LEU HB3  H N N 193 
LEU HG   H N N 194 
LEU HD11 H N N 195 
LEU HD12 H N N 196 
LEU HD13 H N N 197 
LEU HD21 H N N 198 
LEU HD22 H N N 199 
LEU HD23 H N N 200 
LEU HXT  H N N 201 
LYS N    N N N 202 
LYS CA   C N S 203 
LYS C    C N N 204 
LYS O    O N N 205 
LYS CB   C N N 206 
LYS CG   C N N 207 
LYS CD   C N N 208 
LYS CE   C N N 209 
LYS NZ   N N N 210 
LYS OXT  O N N 211 
LYS H    H N N 212 
LYS H2   H N N 213 
LYS HA   H N N 214 
LYS HB2  H N N 215 
LYS HB3  H N N 216 
LYS HG2  H N N 217 
LYS HG3  H N N 218 
LYS HD2  H N N 219 
LYS HD3  H N N 220 
LYS HE2  H N N 221 
LYS HE3  H N N 222 
LYS HZ1  H N N 223 
LYS HZ2  H N N 224 
LYS HZ3  H N N 225 
LYS HXT  H N N 226 
PHE N    N N N 227 
PHE CA   C N S 228 
PHE C    C N N 229 
PHE O    O N N 230 
PHE CB   C N N 231 
PHE CG   C Y N 232 
PHE CD1  C Y N 233 
PHE CD2  C Y N 234 
PHE CE1  C Y N 235 
PHE CE2  C Y N 236 
PHE CZ   C Y N 237 
PHE OXT  O N N 238 
PHE H    H N N 239 
PHE H2   H N N 240 
PHE HA   H N N 241 
PHE HB2  H N N 242 
PHE HB3  H N N 243 
PHE HD1  H N N 244 
PHE HD2  H N N 245 
PHE HE1  H N N 246 
PHE HE2  H N N 247 
PHE HZ   H N N 248 
PHE HXT  H N N 249 
PRO N    N N N 250 
PRO CA   C N S 251 
PRO C    C N N 252 
PRO O    O N N 253 
PRO CB   C N N 254 
PRO CG   C N N 255 
PRO CD   C N N 256 
PRO OXT  O N N 257 
PRO H    H N N 258 
PRO HA   H N N 259 
PRO HB2  H N N 260 
PRO HB3  H N N 261 
PRO HG2  H N N 262 
PRO HG3  H N N 263 
PRO HD2  H N N 264 
PRO HD3  H N N 265 
PRO HXT  H N N 266 
SER N    N N N 267 
SER CA   C N S 268 
SER C    C N N 269 
SER O    O N N 270 
SER CB   C N N 271 
SER OG   O N N 272 
SER OXT  O N N 273 
SER H    H N N 274 
SER H2   H N N 275 
SER HA   H N N 276 
SER HB2  H N N 277 
SER HB3  H N N 278 
SER HG   H N N 279 
SER HXT  H N N 280 
THR N    N N N 281 
THR CA   C N S 282 
THR C    C N N 283 
THR O    O N N 284 
THR CB   C N R 285 
THR OG1  O N N 286 
THR CG2  C N N 287 
THR OXT  O N N 288 
THR H    H N N 289 
THR H2   H N N 290 
THR HA   H N N 291 
THR HB   H N N 292 
THR HG1  H N N 293 
THR HG21 H N N 294 
THR HG22 H N N 295 
THR HG23 H N N 296 
THR HXT  H N N 297 
TYR N    N N N 298 
TYR CA   C N S 299 
TYR C    C N N 300 
TYR O    O N N 301 
TYR CB   C N N 302 
TYR CG   C Y N 303 
TYR CD1  C Y N 304 
TYR CD2  C Y N 305 
TYR CE1  C Y N 306 
TYR CE2  C Y N 307 
TYR CZ   C Y N 308 
TYR OH   O N N 309 
TYR OXT  O N N 310 
TYR H    H N N 311 
TYR H2   H N N 312 
TYR HA   H N N 313 
TYR HB2  H N N 314 
TYR HB3  H N N 315 
TYR HD1  H N N 316 
TYR HD2  H N N 317 
TYR HE1  H N N 318 
TYR HE2  H N N 319 
TYR HH   H N N 320 
TYR HXT  H N N 321 
VAL N    N N N 322 
VAL CA   C N S 323 
VAL C    C N N 324 
VAL O    O N N 325 
VAL CB   C N N 326 
VAL CG1  C N N 327 
VAL CG2  C N N 328 
VAL OXT  O N N 329 
VAL H    H N N 330 
VAL H2   H N N 331 
VAL HA   H N N 332 
VAL HB   H N N 333 
VAL HG11 H N N 334 
VAL HG12 H N N 335 
VAL HG13 H N N 336 
VAL HG21 H N N 337 
VAL HG22 H N N 338 
VAL HG23 H N N 339 
VAL HXT  H N N 340 
# 
loop_
_chem_comp_bond.comp_id 
_chem_comp_bond.atom_id_1 
_chem_comp_bond.atom_id_2 
_chem_comp_bond.value_order 
_chem_comp_bond.pdbx_aromatic_flag 
_chem_comp_bond.pdbx_stereo_config 
_chem_comp_bond.pdbx_ordinal 
ALA N   CA   sing N N 1   
ALA N   H    sing N N 2   
ALA N   H2   sing N N 3   
ALA CA  C    sing N N 4   
ALA CA  CB   sing N N 5   
ALA CA  HA   sing N N 6   
ALA C   O    doub N N 7   
ALA C   OXT  sing N N 8   
ALA CB  HB1  sing N N 9   
ALA CB  HB2  sing N N 10  
ALA CB  HB3  sing N N 11  
ALA OXT HXT  sing N N 12  
ARG N   CA   sing N N 13  
ARG N   H    sing N N 14  
ARG N   H2   sing N N 15  
ARG CA  C    sing N N 16  
ARG CA  CB   sing N N 17  
ARG CA  HA   sing N N 18  
ARG C   O    doub N N 19  
ARG C   OXT  sing N N 20  
ARG CB  CG   sing N N 21  
ARG CB  HB2  sing N N 22  
ARG CB  HB3  sing N N 23  
ARG CG  CD   sing N N 24  
ARG CG  HG2  sing N N 25  
ARG CG  HG3  sing N N 26  
ARG CD  NE   sing N N 27  
ARG CD  HD2  sing N N 28  
ARG CD  HD3  sing N N 29  
ARG NE  CZ   sing N N 30  
ARG NE  HE   sing N N 31  
ARG CZ  NH1  sing N N 32  
ARG CZ  NH2  doub N N 33  
ARG NH1 HH11 sing N N 34  
ARG NH1 HH12 sing N N 35  
ARG NH2 HH21 sing N N 36  
ARG NH2 HH22 sing N N 37  
ARG OXT HXT  sing N N 38  
ASN N   CA   sing N N 39  
ASN N   H    sing N N 40  
ASN N   H2   sing N N 41  
ASN CA  C    sing N N 42  
ASN CA  CB   sing N N 43  
ASN CA  HA   sing N N 44  
ASN C   O    doub N N 45  
ASN C   OXT  sing N N 46  
ASN CB  CG   sing N N 47  
ASN CB  HB2  sing N N 48  
ASN CB  HB3  sing N N 49  
ASN CG  OD1  doub N N 50  
ASN CG  ND2  sing N N 51  
ASN ND2 HD21 sing N N 52  
ASN ND2 HD22 sing N N 53  
ASN OXT HXT  sing N N 54  
ASP N   CA   sing N N 55  
ASP N   H    sing N N 56  
ASP N   H2   sing N N 57  
ASP CA  C    sing N N 58  
ASP CA  CB   sing N N 59  
ASP CA  HA   sing N N 60  
ASP C   O    doub N N 61  
ASP C   OXT  sing N N 62  
ASP CB  CG   sing N N 63  
ASP CB  HB2  sing N N 64  
ASP CB  HB3  sing N N 65  
ASP CG  OD1  doub N N 66  
ASP CG  OD2  sing N N 67  
ASP OD2 HD2  sing N N 68  
ASP OXT HXT  sing N N 69  
CYS N   CA   sing N N 70  
CYS N   H    sing N N 71  
CYS N   H2   sing N N 72  
CYS CA  C    sing N N 73  
CYS CA  CB   sing N N 74  
CYS CA  HA   sing N N 75  
CYS C   O    doub N N 76  
CYS C   OXT  sing N N 77  
CYS CB  SG   sing N N 78  
CYS CB  HB2  sing N N 79  
CYS CB  HB3  sing N N 80  
CYS SG  HG   sing N N 81  
CYS OXT HXT  sing N N 82  
GLN N   CA   sing N N 83  
GLN N   H    sing N N 84  
GLN N   H2   sing N N 85  
GLN CA  C    sing N N 86  
GLN CA  CB   sing N N 87  
GLN CA  HA   sing N N 88  
GLN C   O    doub N N 89  
GLN C   OXT  sing N N 90  
GLN CB  CG   sing N N 91  
GLN CB  HB2  sing N N 92  
GLN CB  HB3  sing N N 93  
GLN CG  CD   sing N N 94  
GLN CG  HG2  sing N N 95  
GLN CG  HG3  sing N N 96  
GLN CD  OE1  doub N N 97  
GLN CD  NE2  sing N N 98  
GLN NE2 HE21 sing N N 99  
GLN NE2 HE22 sing N N 100 
GLN OXT HXT  sing N N 101 
GLU N   CA   sing N N 102 
GLU N   H    sing N N 103 
GLU N   H2   sing N N 104 
GLU CA  C    sing N N 105 
GLU CA  CB   sing N N 106 
GLU CA  HA   sing N N 107 
GLU C   O    doub N N 108 
GLU C   OXT  sing N N 109 
GLU CB  CG   sing N N 110 
GLU CB  HB2  sing N N 111 
GLU CB  HB3  sing N N 112 
GLU CG  CD   sing N N 113 
GLU CG  HG2  sing N N 114 
GLU CG  HG3  sing N N 115 
GLU CD  OE1  doub N N 116 
GLU CD  OE2  sing N N 117 
GLU OE2 HE2  sing N N 118 
GLU OXT HXT  sing N N 119 
GLY N   CA   sing N N 120 
GLY N   H    sing N N 121 
GLY N   H2   sing N N 122 
GLY CA  C    sing N N 123 
GLY CA  HA2  sing N N 124 
GLY CA  HA3  sing N N 125 
GLY C   O    doub N N 126 
GLY C   OXT  sing N N 127 
GLY OXT HXT  sing N N 128 
HIS N   CA   sing N N 129 
HIS N   H    sing N N 130 
HIS N   H2   sing N N 131 
HIS CA  C    sing N N 132 
HIS CA  CB   sing N N 133 
HIS CA  HA   sing N N 134 
HIS C   O    doub N N 135 
HIS C   OXT  sing N N 136 
HIS CB  CG   sing N N 137 
HIS CB  HB2  sing N N 138 
HIS CB  HB3  sing N N 139 
HIS CG  ND1  sing Y N 140 
HIS CG  CD2  doub Y N 141 
HIS ND1 CE1  doub Y N 142 
HIS ND1 HD1  sing N N 143 
HIS CD2 NE2  sing Y N 144 
HIS CD2 HD2  sing N N 145 
HIS CE1 NE2  sing Y N 146 
HIS CE1 HE1  sing N N 147 
HIS NE2 HE2  sing N N 148 
HIS OXT HXT  sing N N 149 
ILE N   CA   sing N N 150 
ILE N   H    sing N N 151 
ILE N   H2   sing N N 152 
ILE CA  C    sing N N 153 
ILE CA  CB   sing N N 154 
ILE CA  HA   sing N N 155 
ILE C   O    doub N N 156 
ILE C   OXT  sing N N 157 
ILE CB  CG1  sing N N 158 
ILE CB  CG2  sing N N 159 
ILE CB  HB   sing N N 160 
ILE CG1 CD1  sing N N 161 
ILE CG1 HG12 sing N N 162 
ILE CG1 HG13 sing N N 163 
ILE CG2 HG21 sing N N 164 
ILE CG2 HG22 sing N N 165 
ILE CG2 HG23 sing N N 166 
ILE CD1 HD11 sing N N 167 
ILE CD1 HD12 sing N N 168 
ILE CD1 HD13 sing N N 169 
ILE OXT HXT  sing N N 170 
LEU N   CA   sing N N 171 
LEU N   H    sing N N 172 
LEU N   H2   sing N N 173 
LEU CA  C    sing N N 174 
LEU CA  CB   sing N N 175 
LEU CA  HA   sing N N 176 
LEU C   O    doub N N 177 
LEU C   OXT  sing N N 178 
LEU CB  CG   sing N N 179 
LEU CB  HB2  sing N N 180 
LEU CB  HB3  sing N N 181 
LEU CG  CD1  sing N N 182 
LEU CG  CD2  sing N N 183 
LEU CG  HG   sing N N 184 
LEU CD1 HD11 sing N N 185 
LEU CD1 HD12 sing N N 186 
LEU CD1 HD13 sing N N 187 
LEU CD2 HD21 sing N N 188 
LEU CD2 HD22 sing N N 189 
LEU CD2 HD23 sing N N 190 
LEU OXT HXT  sing N N 191 
LYS N   CA   sing N N 192 
LYS N   H    sing N N 193 
LYS N   H2   sing N N 194 
LYS CA  C    sing N N 195 
LYS CA  CB   sing N N 196 
LYS CA  HA   sing N N 197 
LYS C   O    doub N N 198 
LYS C   OXT  sing N N 199 
LYS CB  CG   sing N N 200 
LYS CB  HB2  sing N N 201 
LYS CB  HB3  sing N N 202 
LYS CG  CD   sing N N 203 
LYS CG  HG2  sing N N 204 
LYS CG  HG3  sing N N 205 
LYS CD  CE   sing N N 206 
LYS CD  HD2  sing N N 207 
LYS CD  HD3  sing N N 208 
LYS CE  NZ   sing N N 209 
LYS CE  HE2  sing N N 210 
LYS CE  HE3  sing N N 211 
LYS NZ  HZ1  sing N N 212 
LYS NZ  HZ2  sing N N 213 
LYS NZ  HZ3  sing N N 214 
LYS OXT HXT  sing N N 215 
PHE N   CA   sing N N 216 
PHE N   H    sing N N 217 
PHE N   H2   sing N N 218 
PHE CA  C    sing N N 219 
PHE CA  CB   sing N N 220 
PHE CA  HA   sing N N 221 
PHE C   O    doub N N 222 
PHE C   OXT  sing N N 223 
PHE CB  CG   sing N N 224 
PHE CB  HB2  sing N N 225 
PHE CB  HB3  sing N N 226 
PHE CG  CD1  doub Y N 227 
PHE CG  CD2  sing Y N 228 
PHE CD1 CE1  sing Y N 229 
PHE CD1 HD1  sing N N 230 
PHE CD2 CE2  doub Y N 231 
PHE CD2 HD2  sing N N 232 
PHE CE1 CZ   doub Y N 233 
PHE CE1 HE1  sing N N 234 
PHE CE2 CZ   sing Y N 235 
PHE CE2 HE2  sing N N 236 
PHE CZ  HZ   sing N N 237 
PHE OXT HXT  sing N N 238 
PRO N   CA   sing N N 239 
PRO N   CD   sing N N 240 
PRO N   H    sing N N 241 
PRO CA  C    sing N N 242 
PRO CA  CB   sing N N 243 
PRO CA  HA   sing N N 244 
PRO C   O    doub N N 245 
PRO C   OXT  sing N N 246 
PRO CB  CG   sing N N 247 
PRO CB  HB2  sing N N 248 
PRO CB  HB3  sing N N 249 
PRO CG  CD   sing N N 250 
PRO CG  HG2  sing N N 251 
PRO CG  HG3  sing N N 252 
PRO CD  HD2  sing N N 253 
PRO CD  HD3  sing N N 254 
PRO OXT HXT  sing N N 255 
SER N   CA   sing N N 256 
SER N   H    sing N N 257 
SER N   H2   sing N N 258 
SER CA  C    sing N N 259 
SER CA  CB   sing N N 260 
SER CA  HA   sing N N 261 
SER C   O    doub N N 262 
SER C   OXT  sing N N 263 
SER CB  OG   sing N N 264 
SER CB  HB2  sing N N 265 
SER CB  HB3  sing N N 266 
SER OG  HG   sing N N 267 
SER OXT HXT  sing N N 268 
THR N   CA   sing N N 269 
THR N   H    sing N N 270 
THR N   H2   sing N N 271 
THR CA  C    sing N N 272 
THR CA  CB   sing N N 273 
THR CA  HA   sing N N 274 
THR C   O    doub N N 275 
THR C   OXT  sing N N 276 
THR CB  OG1  sing N N 277 
THR CB  CG2  sing N N 278 
THR CB  HB   sing N N 279 
THR OG1 HG1  sing N N 280 
THR CG2 HG21 sing N N 281 
THR CG2 HG22 sing N N 282 
THR CG2 HG23 sing N N 283 
THR OXT HXT  sing N N 284 
TYR N   CA   sing N N 285 
TYR N   H    sing N N 286 
TYR N   H2   sing N N 287 
TYR CA  C    sing N N 288 
TYR CA  CB   sing N N 289 
TYR CA  HA   sing N N 290 
TYR C   O    doub N N 291 
TYR C   OXT  sing N N 292 
TYR CB  CG   sing N N 293 
TYR CB  HB2  sing N N 294 
TYR CB  HB3  sing N N 295 
TYR CG  CD1  doub Y N 296 
TYR CG  CD2  sing Y N 297 
TYR CD1 CE1  sing Y N 298 
TYR CD1 HD1  sing N N 299 
TYR CD2 CE2  doub Y N 300 
TYR CD2 HD2  sing N N 301 
TYR CE1 CZ   doub Y N 302 
TYR CE1 HE1  sing N N 303 
TYR CE2 CZ   sing Y N 304 
TYR CE2 HE2  sing N N 305 
TYR CZ  OH   sing N N 306 
TYR OH  HH   sing N N 307 
TYR OXT HXT  sing N N 308 
VAL N   CA   sing N N 309 
VAL N   H    sing N N 310 
VAL N   H2   sing N N 311 
VAL CA  C    sing N N 312 
VAL CA  CB   sing N N 313 
VAL CA  HA   sing N N 314 
VAL C   O    doub N N 315 
VAL C   OXT  sing N N 316 
VAL CB  CG1  sing N N 317 
VAL CB  CG2  sing N N 318 
VAL CB  HB   sing N N 319 
VAL CG1 HG11 sing N N 320 
VAL CG1 HG12 sing N N 321 
VAL CG1 HG13 sing N N 322 
VAL CG2 HG21 sing N N 323 
VAL CG2 HG22 sing N N 324 
VAL CG2 HG23 sing N N 325 
VAL OXT HXT  sing N N 326 
# 
_pdbx_nmr_spectrometer.spectrometer_id   1 
_pdbx_nmr_spectrometer.type              ? 
_pdbx_nmr_spectrometer.manufacturer      Varian 
_pdbx_nmr_spectrometer.model             INOVA 
_pdbx_nmr_spectrometer.field_strength    600 
# 
_atom_sites.entry_id                    1L5D 
_atom_sites.fract_transf_matrix[1][1]   1.000000 
_atom_sites.fract_transf_matrix[1][2]   0.000000 
_atom_sites.fract_transf_matrix[1][3]   0.000000 
_atom_sites.fract_transf_matrix[2][1]   0.000000 
_atom_sites.fract_transf_matrix[2][2]   1.000000 
_atom_sites.fract_transf_matrix[2][3]   0.000000 
_atom_sites.fract_transf_matrix[3][1]   0.000000 
_atom_sites.fract_transf_matrix[3][2]   0.000000 
_atom_sites.fract_transf_matrix[3][3]   1.000000 
_atom_sites.fract_transf_vector[1]      0.00000 
_atom_sites.fract_transf_vector[2]      0.00000 
_atom_sites.fract_transf_vector[3]      0.00000 
# 
loop_
_atom_type.symbol 
C 
H 
N 
O 
S 
# 
loop_
_atom_site.group_PDB 
_atom_site.id 
_atom_site.type_symbol 
_atom_site.label_atom_id 
_atom_site.label_alt_id 
_atom_site.label_comp_id 
_atom_site.label_asym_id 
_atom_site.label_entity_id 
_atom_site.label_seq_id 
_atom_site.pdbx_PDB_ins_code 
_atom_site.Cartn_x 
_atom_site.Cartn_y 
_atom_site.Cartn_z 
_atom_site.occupancy 
_atom_site.B_iso_or_equiv 
_atom_site.pdbx_formal_charge 
_atom_site.auth_seq_id 
_atom_site.auth_comp_id 
_atom_site.auth_asym_id 
_atom_site.auth_atom_id 
_atom_site.pdbx_PDB_model_num 
ATOM 1    N N    . ALA A 1 1  ? -9.433  0.960   8.083   1.00 8.46 ? 1  ALA A N    1 
ATOM 2    C CA   . ALA A 1 1  ? -8.574  0.990   9.294   1.00 7.82 ? 1  ALA A CA   1 
ATOM 3    C C    . ALA A 1 1  ? -8.761  2.293   10.047  1.00 6.81 ? 1  ALA A C    1 
ATOM 4    O O    . ALA A 1 1  ? -8.682  3.373   9.459   1.00 6.47 ? 1  ALA A O    1 
ATOM 5    C CB   . ALA A 1 1  ? -7.112  0.818   8.913   1.00 8.49 ? 1  ALA A CB   1 
ATOM 6    H H1   . ALA A 1 1  ? -9.340  0.021   7.652   1.00 8.59 ? 1  ALA A H1   1 
ATOM 7    H H2   . ALA A 1 1  ? -9.098  1.707   7.440   1.00 8.79 ? 1  ALA A H2   1 
ATOM 8    H H3   . ALA A 1 1  ? -10.412 1.138   8.387   1.00 8.65 ? 1  ALA A H3   1 
ATOM 9    H HA   . ALA A 1 1  ? -8.856  0.170   9.937   1.00 7.86 ? 1  ALA A HA   1 
ATOM 10   H HB1  . ALA A 1 1  ? -6.740  1.741   8.491   1.00 8.75 ? 1  ALA A HB1  1 
ATOM 11   H HB2  . ALA A 1 1  ? -7.018  0.026   8.187   1.00 8.66 ? 1  ALA A HB2  1 
ATOM 12   H HB3  . ALA A 1 1  ? -6.538  0.570   9.794   1.00 8.80 ? 1  ALA A HB3  1 
ATOM 13   N N    . VAL A 1 2  ? -8.997  2.197   11.351  1.00 6.59 ? 2  VAL A N    1 
ATOM 14   C CA   . VAL A 1 2  ? -9.174  3.387   12.171  1.00 5.84 ? 2  VAL A CA   1 
ATOM 15   C C    . VAL A 1 2  ? -8.084  4.396   11.857  1.00 4.67 ? 2  VAL A C    1 
ATOM 16   O O    . VAL A 1 2  ? -7.034  4.039   11.324  1.00 4.44 ? 2  VAL A O    1 
ATOM 17   C CB   . VAL A 1 2  ? -9.127  3.067   13.679  1.00 6.29 ? 2  VAL A CB   1 
ATOM 18   C CG1  . VAL A 1 2  ? -10.498 2.647   14.188  1.00 7.19 ? 2  VAL A CG1  1 
ATOM 19   C CG2  . VAL A 1 2  ? -8.084  1.996   13.973  1.00 6.74 ? 2  VAL A CG2  1 
ATOM 20   H H    . VAL A 1 2  ? -9.041  1.312   11.770  1.00 7.11 ? 2  VAL A H    1 
ATOM 21   H HA   . VAL A 1 2  ? -10.135 3.818   11.938  1.00 6.05 ? 2  VAL A HA   1 
ATOM 22   H HB   . VAL A 1 2  ? -8.839  3.967   14.204  1.00 5.92 ? 2  VAL A HB   1 
ATOM 23   H HG11 . VAL A 1 2  ? -10.823 3.335   14.955  1.00 7.52 ? 2  VAL A HG11 1 
ATOM 24   H HG12 . VAL A 1 2  ? -10.441 1.651   14.601  1.00 7.51 ? 2  VAL A HG12 1 
ATOM 25   H HG13 . VAL A 1 2  ? -11.205 2.659   13.372  1.00 7.44 ? 2  VAL A HG13 1 
ATOM 26   H HG21 . VAL A 1 2  ? -8.575  1.044   14.112  1.00 6.95 ? 2  VAL A HG21 1 
ATOM 27   H HG22 . VAL A 1 2  ? -7.543  2.256   14.872  1.00 6.96 ? 2  VAL A HG22 1 
ATOM 28   H HG23 . VAL A 1 2  ? -7.395  1.929   13.145  1.00 6.94 ? 2  VAL A HG23 1 
ATOM 29   N N    . LEU A 1 3  ? -8.331  5.649   12.181  1.00 4.16 ? 3  LEU A N    1 
ATOM 30   C CA   . LEU A 1 3  ? -7.378  6.675   11.924  1.00 3.33 ? 3  LEU A CA   1 
ATOM 31   C C    . LEU A 1 3  ? -6.164  6.498   12.801  1.00 3.42 ? 3  LEU A C    1 
ATOM 32   O O    . LEU A 1 3  ? -6.243  5.905   13.876  1.00 4.15 ? 3  LEU A O    1 
ATOM 33   C CB   . LEU A 1 3  ? -8.015  8.034   12.178  1.00 3.59 ? 3  LEU A CB   1 
ATOM 34   C CG   . LEU A 1 3  ? -8.722  8.629   10.973  1.00 3.86 ? 3  LEU A CG   1 
ATOM 35   C CD1  . LEU A 1 3  ? -7.970  8.229   9.722   1.00 3.32 ? 3  LEU A CD1  1 
ATOM 36   C CD2  . LEU A 1 3  ? -10.172 8.159   10.906  1.00 4.86 ? 3  LEU A CD2  1 
ATOM 37   H H    . LEU A 1 3  ? -9.176  5.894   12.581  1.00 4.56 ? 3  LEU A H    1 
ATOM 38   H HA   . LEU A 1 3  ? -7.088  6.601   10.896  1.00 2.98 ? 3  LEU A HA   1 
ATOM 39   H HB2  . LEU A 1 3  ? -8.730  7.931   12.982  1.00 4.14 ? 3  LEU A HB2  1 
ATOM 40   H HB3  . LEU A 1 3  ? -7.242  8.710   12.488  1.00 3.57 ? 3  LEU A HB3  1 
ATOM 41   H HG   . LEU A 1 3  ? -8.720  9.704   11.050  1.00 4.12 ? 3  LEU A HG   1 
ATOM 42   H HD11 . LEU A 1 3  ? -8.366  7.290   9.368   1.00 3.18 ? 3  LEU A HD11 1 
ATOM 43   H HD12 . LEU A 1 3  ? -6.915  8.103   9.970   1.00 3.48 ? 3  LEU A HD12 1 
ATOM 44   H HD13 . LEU A 1 3  ? -8.085  8.988   8.964   1.00 3.45 ? 3  LEU A HD13 1 
ATOM 45   H HD21 . LEU A 1 3  ? -10.830 8.986   11.130  1.00 5.17 ? 3  LEU A HD21 1 
ATOM 46   H HD22 . LEU A 1 3  ? -10.328 7.370   11.626  1.00 5.31 ? 3  LEU A HD22 1 
ATOM 47   H HD23 . LEU A 1 3  ? -10.386 7.790   9.914   1.00 5.16 ? 3  LEU A HD23 1 
ATOM 48   N N    . ASP A 1 4  ? -5.036  6.999   12.329  1.00 3.18 ? 4  ASP A N    1 
ATOM 49   C CA   . ASP A 1 4  ? -3.826  6.875   13.055  1.00 3.99 ? 4  ASP A CA   1 
ATOM 50   C C    . ASP A 1 4  ? -3.790  7.887   14.194  1.00 4.70 ? 4  ASP A C    1 
ATOM 51   O O    . ASP A 1 4  ? -3.889  7.534   15.370  1.00 5.03 ? 4  ASP A O    1 
ATOM 52   C CB   . ASP A 1 4  ? -2.646  7.044   12.113  1.00 4.09 ? 4  ASP A CB   1 
ATOM 53   C CG   . ASP A 1 4  ? -1.512  6.073   12.405  1.00 5.28 ? 4  ASP A CG   1 
ATOM 54   O OD1  . ASP A 1 4  ? -1.096  5.976   13.578  1.00 5.84 ? 4  ASP A OD1  1 
ATOM 55   O OD2  . ASP A 1 4  ? -1.045  5.409   11.455  1.00 5.92 ? 4  ASP A OD2  1 
ATOM 56   H H    . ASP A 1 4  ? -5.020  7.447   11.468  1.00 2.81 ? 4  ASP A H    1 
ATOM 57   H HA   . ASP A 1 4  ? -3.820  5.905   13.437  1.00 4.38 ? 4  ASP A HA   1 
ATOM 58   H HB2  . ASP A 1 4  ? -2.982  6.872   11.101  1.00 3.58 ? 4  ASP A HB2  1 
ATOM 59   H HB3  . ASP A 1 4  ? -2.282  8.046   12.194  1.00 4.15 ? 4  ASP A HB3  1 
ATOM 60   N N    . LEU A 1 5  ? -3.636  9.140   13.814  1.00 5.20 ? 5  LEU A N    1 
ATOM 61   C CA   . LEU A 1 5  ? -3.571  10.239  14.727  1.00 6.09 ? 5  LEU A CA   1 
ATOM 62   C C    . LEU A 1 5  ? -4.309  11.463  14.169  1.00 6.12 ? 5  LEU A C    1 
ATOM 63   O O    . LEU A 1 5  ? -5.416  11.325  13.648  1.00 5.77 ? 5  LEU A O    1 
ATOM 64   C CB   . LEU A 1 5  ? -2.113  10.520  14.992  1.00 7.14 ? 5  LEU A CB   1 
ATOM 65   C CG   . LEU A 1 5  ? -1.182  10.468  13.775  1.00 7.34 ? 5  LEU A CG   1 
ATOM 66   C CD1  . LEU A 1 5  ? -1.616  11.398  12.684  1.00 7.45 ? 5  LEU A CD1  1 
ATOM 67   C CD2  . LEU A 1 5  ? 0.259   10.739  14.195  1.00 8.25 ? 5  LEU A CD2  1 
ATOM 68   H H    . LEU A 1 5  ? -3.533  9.319   12.900  1.00 5.12 ? 5  LEU A H    1 
ATOM 69   H HA   . LEU A 1 5  ? -4.045  9.926   15.639  1.00 6.19 ? 5  LEU A HA   1 
ATOM 70   H HB2  . LEU A 1 5  ? -2.012  11.475  15.477  1.00 7.85 ? 5  LEU A HB2  1 
ATOM 71   H HB3  . LEU A 1 5  ? -1.796  9.754   15.654  1.00 7.28 ? 5  LEU A HB3  1 
ATOM 72   H HG   . LEU A 1 5  ? -1.225  9.504   13.354  1.00 7.04 ? 5  LEU A HG   1 
ATOM 73   H HD11 . LEU A 1 5  ? -1.391  12.409  12.971  1.00 7.58 ? 5  LEU A HD11 1 
ATOM 74   H HD12 . LEU A 1 5  ? -2.674  11.287  12.519  1.00 7.55 ? 5  LEU A HD12 1 
ATOM 75   H HD13 . LEU A 1 5  ? -1.088  11.148  11.773  1.00 7.60 ? 5  LEU A HD13 1 
ATOM 76   H HD21 . LEU A 1 5  ? 0.494   10.159  15.076  1.00 8.54 ? 5  LEU A HD21 1 
ATOM 77   H HD22 . LEU A 1 5  ? 0.378   11.790  14.413  1.00 8.66 ? 5  LEU A HD22 1 
ATOM 78   H HD23 . LEU A 1 5  ? 0.929   10.457  13.396  1.00 8.44 ? 5  LEU A HD23 1 
ATOM 79   N N    . ASP A 1 6  ? -3.732  12.652  14.304  1.00 6.84 ? 6  ASP A N    1 
ATOM 80   C CA   . ASP A 1 6  ? -4.375  13.847  13.840  1.00 7.28 ? 6  ASP A CA   1 
ATOM 81   C C    . ASP A 1 6  ? -4.165  14.069  12.354  1.00 6.96 ? 6  ASP A C    1 
ATOM 82   O O    . ASP A 1 6  ? -5.019  14.637  11.678  1.00 6.85 ? 6  ASP A O    1 
ATOM 83   C CB   . ASP A 1 6  ? -3.855  15.038  14.635  1.00 8.56 ? 6  ASP A CB   1 
ATOM 84   C CG   . ASP A 1 6  ? -4.637  15.270  15.914  1.00 9.13 ? 6  ASP A CG   1 
ATOM 85   O OD1  . ASP A 1 6  ? -4.267  14.682  16.951  1.00 9.50 ? 6  ASP A OD1  1 
ATOM 86   O OD2  . ASP A 1 6  ? -5.624  16.037  15.876  1.00 9.36 ? 6  ASP A OD2  1 
ATOM 87   H H    . ASP A 1 6  ? -2.879  12.732  14.745  1.00 7.25 ? 6  ASP A H    1 
ATOM 88   H HA   . ASP A 1 6  ? -5.413  13.734  14.023  1.00 7.08 ? 6  ASP A HA   1 
ATOM 89   H HB2  . ASP A 1 6  ? -2.823  14.863  14.896  1.00 8.84 ? 6  ASP A HB2  1 
ATOM 90   H HB3  . ASP A 1 6  ? -3.922  15.918  14.027  1.00 8.96 ? 6  ASP A HB3  1 
ATOM 91   N N    . VAL A 1 7  ? -3.032  13.617  11.840  1.00 7.01 ? 7  VAL A N    1 
ATOM 92   C CA   . VAL A 1 7  ? -2.744  13.775  10.431  1.00 6.80 ? 7  VAL A CA   1 
ATOM 93   C C    . VAL A 1 7  ? -2.817  12.443  9.705   1.00 5.64 ? 7  VAL A C    1 
ATOM 94   O O    . VAL A 1 7  ? -1.818  11.748  9.528   1.00 5.60 ? 7  VAL A O    1 
ATOM 95   C CB   . VAL A 1 7  ? -1.398  14.473  10.192  1.00 7.76 ? 7  VAL A CB   1 
ATOM 96   C CG1  . VAL A 1 7  ? -1.477  15.886  10.747  1.00 8.97 ? 7  VAL A CG1  1 
ATOM 97   C CG2  . VAL A 1 7  ? -0.252  13.711  10.835  1.00 7.99 ? 7  VAL A CG2  1 
ATOM 98   H H    . VAL A 1 7  ? -2.395  13.159  12.415  1.00 7.30 ? 7  VAL A H    1 
ATOM 99   H HA   . VAL A 1 7  ? -3.508  14.409  10.041  1.00 6.99 ? 7  VAL A HA   1 
ATOM 100  H HB   . VAL A 1 7  ? -1.226  14.527  9.128   1.00 7.58 ? 7  VAL A HB   1 
ATOM 101  H HG11 . VAL A 1 7  ? -0.598  16.442  10.460  1.00 9.29 ? 7  VAL A HG11 1 
ATOM 102  H HG12 . VAL A 1 7  ? -1.541  15.834  11.828  1.00 9.35 ? 7  VAL A HG12 1 
ATOM 103  H HG13 . VAL A 1 7  ? -2.356  16.377  10.356  1.00 9.30 ? 7  VAL A HG13 1 
ATOM 104  H HG21 . VAL A 1 7  ? 0.597   14.370  10.952  1.00 8.10 ? 7  VAL A HG21 1 
ATOM 105  H HG22 . VAL A 1 7  ? 0.023   12.876  10.209  1.00 8.03 ? 7  VAL A HG22 1 
ATOM 106  H HG23 . VAL A 1 7  ? -0.557  13.352  11.802  1.00 8.29 ? 7  VAL A HG23 1 
ATOM 107  N N    . ARG A 1 8  ? -4.035  12.094  9.326   1.00 4.95 ? 8  ARG A N    1 
ATOM 108  C CA   . ARG A 1 8  ? -4.339  10.860  8.665   1.00 3.98 ? 8  ARG A CA   1 
ATOM 109  C C    . ARG A 1 8  ? -4.122  10.941  7.163   1.00 3.74 ? 8  ARG A C    1 
ATOM 110  O O    . ARG A 1 8  ? -3.429  11.830  6.669   1.00 4.35 ? 8  ARG A O    1 
ATOM 111  C CB   . ARG A 1 8  ? -5.783  10.534  8.998   1.00 3.98 ? 8  ARG A CB   1 
ATOM 112  C CG   . ARG A 1 8  ? -6.070  10.600  10.475  1.00 4.39 ? 8  ARG A CG   1 
ATOM 113  C CD   . ARG A 1 8  ? -7.255  11.482  10.705  1.00 5.13 ? 8  ARG A CD   1 
ATOM 114  N NE   . ARG A 1 8  ? -7.642  11.559  12.113  1.00 5.66 ? 8  ARG A NE   1 
ATOM 115  C CZ   . ARG A 1 8  ? -8.707  12.226  12.553  1.00 6.51 ? 8  ARG A CZ   1 
ATOM 116  N NH1  . ARG A 1 8  ? -9.486  12.890  11.709  1.00 6.97 ? 8  ARG A NH1  1 
ATOM 117  N NH2  . ARG A 1 8  ? -8.995  12.232  13.847  1.00 7.07 ? 8  ARG A NH2  1 
ATOM 118  H H    . ARG A 1 8  ? -4.775  12.682  9.530   1.00 5.28 ? 8  ARG A H    1 
ATOM 119  H HA   . ARG A 1 8  ? -3.707  10.107  9.072   1.00 3.85 ? 8  ARG A HA   1 
ATOM 120  H HB2  . ARG A 1 8  ? -6.417  11.244  8.499   1.00 4.50 ? 8  ARG A HB2  1 
ATOM 121  H HB3  . ARG A 1 8  ? -6.034  9.569   8.667   1.00 3.61 ? 8  ARG A HB3  1 
ATOM 122  H HG2  . ARG A 1 8  ? -6.277  9.605   10.844  1.00 4.19 ? 8  ARG A HG2  1 
ATOM 123  H HG3  . ARG A 1 8  ? -5.214  11.011  10.979  1.00 4.73 ? 8  ARG A HG3  1 
ATOM 124  H HD2  . ARG A 1 8  ? -7.009  12.462  10.344  1.00 5.62 ? 8  ARG A HD2  1 
ATOM 125  H HD3  . ARG A 1 8  ? -8.071  11.082  10.124  1.00 5.10 ? 8  ARG A HD3  1 
ATOM 126  H HE   . ARG A 1 8  ? -7.081  11.087  12.765  1.00 5.52 ? 8  ARG A HE   1 
ATOM 127  H HH11 . ARG A 1 8  ? -9.277  12.894  10.732  1.00 6.68 ? 8  ARG A HH11 1 
ATOM 128  H HH12 . ARG A 1 8  ? -10.285 13.387  12.053  1.00 7.71 ? 8  ARG A HH12 1 
ATOM 129  H HH21 . ARG A 1 8  ? -8.412  11.738  14.490  1.00 6.88 ? 8  ARG A HH21 1 
ATOM 130  H HH22 . ARG A 1 8  ? -9.795  12.733  14.178  1.00 7.77 ? 8  ARG A HH22 1 
ATOM 131  N N    . THR A 1 9  ? -4.724  10.002  6.443   1.00 3.19 ? 9  THR A N    1 
ATOM 132  C CA   . THR A 1 9  ? -4.610  9.953   4.997   1.00 3.17 ? 9  THR A CA   1 
ATOM 133  C C    . THR A 1 9  ? -3.158  10.114  4.570   1.00 2.49 ? 9  THR A C    1 
ATOM 134  O O    . THR A 1 9  ? -2.723  11.203  4.195   1.00 3.08 ? 9  THR A O    1 
ATOM 135  C CB   . THR A 1 9  ? -5.471  11.033  4.389   1.00 4.27 ? 9  THR A CB   1 
ATOM 136  O OG1  . THR A 1 9  ? -6.808  10.949  4.861   1.00 4.99 ? 9  THR A OG1  1 
ATOM 137  C CG2  . THR A 1 9  ? -5.512  10.998  2.877   1.00 5.02 ? 9  THR A CG2  1 
ATOM 138  H H    . THR A 1 9  ? -5.258  9.331   6.898   1.00 3.09 ? 9  THR A H    1 
ATOM 139  H HA   . THR A 1 9  ? -4.967  9.010   4.667   1.00 3.31 ? 9  THR A HA   1 
ATOM 140  H HB   . THR A 1 9  ? -5.069  11.963  4.692   1.00 4.42 ? 9  THR A HB   1 
ATOM 141  H HG1  . THR A 1 9  ? -6.885  10.216  5.480   1.00 5.32 ? 9  THR A HG1  1 
ATOM 142  H HG21 . THR A 1 9  ? -5.089  11.909  2.482   1.00 5.42 ? 9  THR A HG21 1 
ATOM 143  H HG22 . THR A 1 9  ? -6.536  10.904  2.549   1.00 5.14 ? 9  THR A HG22 1 
ATOM 144  H HG23 . THR A 1 9  ? -4.943  10.151  2.521   1.00 5.43 ? 9  THR A HG23 1 
ATOM 145  N N    . CYS A 1 10 ? -2.409  9.024   4.662   1.00 1.83 ? 10 CYS A N    1 
ATOM 146  C CA   . CYS A 1 10 ? -0.995  9.031   4.318   1.00 2.03 ? 10 CYS A CA   1 
ATOM 147  C C    . CYS A 1 10 ? -0.759  9.557   2.910   1.00 1.81 ? 10 CYS A C    1 
ATOM 148  O O    . CYS A 1 10 ? -1.695  9.904   2.190   1.00 2.19 ? 10 CYS A O    1 
ATOM 149  C CB   . CYS A 1 10 ? -0.412  7.623   4.468   1.00 2.71 ? 10 CYS A CB   1 
ATOM 150  S SG   . CYS A 1 10 ? 1.030   7.487   5.586   1.00 3.66 ? 10 CYS A SG   1 
ATOM 151  H H    . CYS A 1 10 ? -2.814  8.195   4.989   1.00 1.88 ? 10 CYS A H    1 
ATOM 152  H HA   . CYS A 1 10 ? -0.499  9.690   5.009   1.00 2.69 ? 10 CYS A HA   1 
ATOM 153  H HB2  . CYS A 1 10 ? -1.181  6.970   4.852   1.00 2.86 ? 10 CYS A HB2  1 
ATOM 154  H HB3  . CYS A 1 10 ? -0.105  7.267   3.495   1.00 3.21 ? 10 CYS A HB3  1 
ATOM 155  N N    . LEU A 1 11 ? 0.510   9.625   2.542   1.00 1.63 ? 11 LEU A N    1 
ATOM 156  C CA   . LEU A 1 11 ? 0.910   10.126  1.238   1.00 1.76 ? 11 LEU A CA   1 
ATOM 157  C C    . LEU A 1 11 ? 0.497   9.174   0.122   1.00 1.54 ? 11 LEU A C    1 
ATOM 158  O O    . LEU A 1 11 ? 1.005   8.054   0.021   1.00 1.40 ? 11 LEU A O    1 
ATOM 159  C CB   . LEU A 1 11 ? 2.422   10.336  1.217   1.00 2.21 ? 11 LEU A CB   1 
ATOM 160  C CG   . LEU A 1 11 ? 2.916   11.548  2.014   1.00 2.75 ? 11 LEU A CG   1 
ATOM 161  C CD1  . LEU A 1 11 ? 2.127   11.711  3.305   1.00 2.78 ? 11 LEU A CD1  1 
ATOM 162  C CD2  . LEU A 1 11 ? 4.398   11.415  2.315   1.00 3.36 ? 11 LEU A CD2  1 
ATOM 163  H H    . LEU A 1 11 ? 1.203   9.346   3.173   1.00 1.73 ? 11 LEU A H    1 
ATOM 164  H HA   . LEU A 1 11 ? 0.427   11.078  1.087   1.00 1.97 ? 11 LEU A HA   1 
ATOM 165  H HB2  . LEU A 1 11 ? 2.892   9.450   1.619   1.00 2.30 ? 11 LEU A HB2  1 
ATOM 166  H HB3  . LEU A 1 11 ? 2.734   10.455  0.191   1.00 2.35 ? 11 LEU A HB3  1 
ATOM 167  H HG   . LEU A 1 11 ? 2.770   12.437  1.423   1.00 2.92 ? 11 LEU A HG   1 
ATOM 168  H HD11 . LEU A 1 11 ? 2.271   10.840  3.926   1.00 2.93 ? 11 LEU A HD11 1 
ATOM 169  H HD12 . LEU A 1 11 ? 1.078   11.821  3.073   1.00 3.12 ? 11 LEU A HD12 1 
ATOM 170  H HD13 . LEU A 1 11 ? 2.473   12.589  3.829   1.00 2.92 ? 11 LEU A HD13 1 
ATOM 171  H HD21 . LEU A 1 11 ? 4.533   11.135  3.349   1.00 3.55 ? 11 LEU A HD21 1 
ATOM 172  H HD22 . LEU A 1 11 ? 4.890   12.358  2.131   1.00 3.50 ? 11 LEU A HD22 1 
ATOM 173  H HD23 . LEU A 1 11 ? 4.828   10.654  1.679   1.00 3.92 ? 11 LEU A HD23 1 
ATOM 174  N N    . PRO A 1 12 ? -0.444  9.600   -0.737  1.00 1.56 ? 12 PRO A N    1 
ATOM 175  C CA   . PRO A 1 12 ? -0.900  8.771   -1.842  1.00 1.42 ? 12 PRO A CA   1 
ATOM 176  C C    . PRO A 1 12 ? 0.254   8.297   -2.713  1.00 1.27 ? 12 PRO A C    1 
ATOM 177  O O    . PRO A 1 12 ? 1.423   8.540   -2.408  1.00 1.24 ? 12 PRO A O    1 
ATOM 178  C CB   . PRO A 1 12 ? -1.817  9.687   -2.649  1.00 1.54 ? 12 PRO A CB   1 
ATOM 179  C CG   . PRO A 1 12 ? -2.235  10.762  -1.713  1.00 1.74 ? 12 PRO A CG   1 
ATOM 180  C CD   . PRO A 1 12 ? -1.128  10.907  -0.701  1.00 1.77 ? 12 PRO A CD   1 
ATOM 181  H HA   . PRO A 1 12 ? -1.457  7.918   -1.491  1.00 1.41 ? 12 PRO A HA   1 
ATOM 182  H HB2  . PRO A 1 12 ? -1.275  10.087  -3.492  1.00 1.52 ? 12 PRO A HB2  1 
ATOM 183  H HB3  . PRO A 1 12 ? -2.666  9.119   -2.997  1.00 1.57 ? 12 PRO A HB3  1 
ATOM 184  H HG2  . PRO A 1 12 ? -2.368  11.686  -2.258  1.00 1.82 ? 12 PRO A HG2  1 
ATOM 185  H HG3  . PRO A 1 12 ? -3.159  10.479  -1.232  1.00 1.84 ? 12 PRO A HG3  1 
ATOM 186  H HD2  . PRO A 1 12 ? -0.457  11.702  -0.993  1.00 1.82 ? 12 PRO A HD2  1 
ATOM 187  H HD3  . PRO A 1 12 ? -1.538  11.101  0.279   1.00 1.93 ? 12 PRO A HD3  1 
ATOM 188  N N    . CYS A 1 13 ? -0.088  7.638   -3.809  1.00 1.20 ? 13 CYS A N    1 
ATOM 189  C CA   . CYS A 1 13 ? 0.894   7.130   -4.730  1.00 1.09 ? 13 CYS A CA   1 
ATOM 190  C C    . CYS A 1 13 ? 0.288   6.961   -6.116  1.00 1.10 ? 13 CYS A C    1 
ATOM 191  O O    . CYS A 1 13 ? -0.898  7.217   -6.315  1.00 1.21 ? 13 CYS A O    1 
ATOM 192  C CB   . CYS A 1 13 ? 1.429   5.805   -4.221  1.00 0.99 ? 13 CYS A CB   1 
ATOM 193  S SG   . CYS A 1 13 ? 3.202   5.543   -4.490  1.00 0.98 ? 13 CYS A SG   1 
ATOM 194  H H    . CYS A 1 13 ? -1.028  7.495   -4.003  1.00 1.25 ? 13 CYS A H    1 
ATOM 195  H HA   . CYS A 1 13 ? 1.686   7.831   -4.769  1.00 1.11 ? 13 CYS A HA   1 
ATOM 196  H HB2  . CYS A 1 13 ? 1.263   5.759   -3.158  1.00 1.02 ? 13 CYS A HB2  1 
ATOM 197  H HB3  . CYS A 1 13 ? 0.898   5.004   -4.708  1.00 0.98 ? 13 CYS A HB3  1 
ATOM 198  N N    . GLY A 1 14 ? 1.094   6.515   -7.070  1.00 1.04 ? 14 GLY A N    1 
ATOM 199  C CA   . GLY A 1 14 ? 0.587   6.314   -8.408  1.00 1.10 ? 14 GLY A CA   1 
ATOM 200  C C    . GLY A 1 14 ? 0.072   7.585   -9.053  1.00 1.25 ? 14 GLY A C    1 
ATOM 201  O O    . GLY A 1 14 ? 0.709   8.635   -8.986  1.00 1.28 ? 14 GLY A O    1 
ATOM 202  H H    . GLY A 1 14 ? 2.023   6.307   -6.858  1.00 0.98 ? 14 GLY A H    1 
ATOM 203  H HA2  . GLY A 1 14 ? 1.354   5.899   -9.037  1.00 1.08 ? 14 GLY A HA2  1 
ATOM 204  H HA3  . GLY A 1 14 ? -0.217  5.608   -8.348  1.00 1.11 ? 14 GLY A HA3  1 
ATOM 205  N N    . PRO A 1 15 ? -1.082  7.488   -9.718  1.00 1.37 ? 15 PRO A N    1 
ATOM 206  C CA   . PRO A 1 15 ? -1.712  8.595   -10.428 1.00 1.53 ? 15 PRO A CA   1 
ATOM 207  C C    . PRO A 1 15 ? -2.662  9.407   -9.552  1.00 1.62 ? 15 PRO A C    1 
ATOM 208  O O    . PRO A 1 15 ? -3.739  8.938   -9.187  1.00 1.71 ? 15 PRO A O    1 
ATOM 209  C CB   . PRO A 1 15 ? -2.479  7.838   -11.499 1.00 1.64 ? 15 PRO A CB   1 
ATOM 210  C CG   . PRO A 1 15 ? -2.979  6.641   -10.781 1.00 1.56 ? 15 PRO A CG   1 
ATOM 211  C CD   . PRO A 1 15 ? -1.856  6.247   -9.861  1.00 1.37 ? 15 PRO A CD   1 
ATOM 212  H HA   . PRO A 1 15 ? -0.985  9.247   -10.885 1.00 1.55 ? 15 PRO A HA   1 
ATOM 213  H HB2  . PRO A 1 15 ? -3.283  8.447   -11.887 1.00 1.78 ? 15 PRO A HB2  1 
ATOM 214  H HB3  . PRO A 1 15 ? -1.803  7.549   -12.285 1.00 1.64 ? 15 PRO A HB3  1 
ATOM 215  H HG2  . PRO A 1 15 ? -3.865  6.893   -10.216 1.00 1.62 ? 15 PRO A HG2  1 
ATOM 216  H HG3  . PRO A 1 15 ? -3.188  5.848   -11.479 1.00 1.61 ? 15 PRO A HG3  1 
ATOM 217  H HD2  . PRO A 1 15 ? -2.246  5.920   -8.912  1.00 1.34 ? 15 PRO A HD2  1 
ATOM 218  H HD3  . PRO A 1 15 ? -1.237  5.479   -10.302 1.00 1.34 ? 15 PRO A HD3  1 
ATOM 219  N N    . GLY A 1 16 ? -2.253  10.626  -9.217  1.00 1.63 ? 16 GLY A N    1 
ATOM 220  C CA   . GLY A 1 16 ? -3.079  11.483  -8.388  1.00 1.76 ? 16 GLY A CA   1 
ATOM 221  C C    . GLY A 1 16 ? -2.976  11.134  -6.918  1.00 1.68 ? 16 GLY A C    1 
ATOM 222  O O    . GLY A 1 16 ? -2.383  11.873  -6.135  1.00 1.70 ? 16 GLY A O    1 
ATOM 223  H H    . GLY A 1 16 ? -1.383  10.947  -9.537  1.00 1.58 ? 16 GLY A H    1 
ATOM 224  H HA2  . GLY A 1 16 ? -2.769  12.507  -8.527  1.00 1.82 ? 16 GLY A HA2  1 
ATOM 225  H HA3  . GLY A 1 16 ? -4.108  11.379  -8.696  1.00 1.86 ? 16 GLY A HA3  1 
ATOM 226  N N    . GLY A 1 17 ? -3.534  9.987   -6.551  1.00 1.63 ? 17 GLY A N    1 
ATOM 227  C CA   . GLY A 1 17 ? -3.484  9.535   -5.184  1.00 1.58 ? 17 GLY A CA   1 
ATOM 228  C C    . GLY A 1 17 ? -4.234  8.249   -4.986  1.00 1.54 ? 17 GLY A C    1 
ATOM 229  O O    . GLY A 1 17 ? -4.844  8.016   -3.947  1.00 1.59 ? 17 GLY A O    1 
ATOM 230  H H    . GLY A 1 17 ? -3.968  9.422   -7.221  1.00 1.63 ? 17 GLY A H    1 
ATOM 231  H HA2  . GLY A 1 17 ? -2.451  9.386   -4.924  1.00 1.48 ? 17 GLY A HA2  1 
ATOM 232  H HA3  . GLY A 1 17 ? -3.896  10.289  -4.552  1.00 1.70 ? 17 GLY A HA3  1 
ATOM 233  N N    . LYS A 1 18 ? -4.186  7.420   -6.005  1.00 1.48 ? 18 LYS A N    1 
ATOM 234  C CA   . LYS A 1 18 ? -4.853  6.147   -5.993  1.00 1.46 ? 18 LYS A CA   1 
ATOM 235  C C    . LYS A 1 18 ? -4.163  5.198   -5.034  1.00 1.31 ? 18 LYS A C    1 
ATOM 236  O O    . LYS A 1 18 ? -4.801  4.394   -4.354  1.00 1.33 ? 18 LYS A O    1 
ATOM 237  C CB   . LYS A 1 18 ? -4.832  5.575   -7.401  1.00 1.48 ? 18 LYS A CB   1 
ATOM 238  C CG   . LYS A 1 18 ? -6.100  5.792   -8.189  1.00 1.66 ? 18 LYS A CG   1 
ATOM 239  C CD   . LYS A 1 18 ? -6.736  7.111   -7.833  1.00 1.79 ? 18 LYS A CD   1 
ATOM 240  C CE   . LYS A 1 18 ? -7.977  7.390   -8.672  1.00 1.99 ? 18 LYS A CE   1 
ATOM 241  N NZ   . LYS A 1 18 ? -9.230  6.963   -7.986  1.00 2.07 ? 18 LYS A NZ   1 
ATOM 242  H H    . LYS A 1 18 ? -3.697  7.680   -6.794  1.00 1.47 ? 18 LYS A H    1 
ATOM 243  H HA   . LYS A 1 18 ? -5.855  6.308   -5.687  1.00 1.57 ? 18 LYS A HA   1 
ATOM 244  H HB2  . LYS A 1 18 ? -4.021  6.042   -7.942  1.00 1.45 ? 18 LYS A HB2  1 
ATOM 245  H HB3  . LYS A 1 18 ? -4.661  4.526   -7.333  1.00 1.41 ? 18 LYS A HB3  1 
ATOM 246  H HG2  . LYS A 1 18 ? -5.865  5.783   -9.241  1.00 1.71 ? 18 LYS A HG2  1 
ATOM 247  H HG3  . LYS A 1 18 ? -6.788  4.998   -7.962  1.00 1.69 ? 18 LYS A HG3  1 
ATOM 248  H HD2  . LYS A 1 18 ? -7.002  7.078   -6.795  1.00 1.77 ? 18 LYS A HD2  1 
ATOM 249  H HD3  . LYS A 1 18 ? -6.015  7.895   -7.992  1.00 1.78 ? 18 LYS A HD3  1 
ATOM 250  H HE2  . LYS A 1 18 ? -8.030  8.451   -8.872  1.00 2.09 ? 18 LYS A HE2  1 
ATOM 251  H HE3  . LYS A 1 18 ? -7.889  6.853   -9.607  1.00 2.01 ? 18 LYS A HE3  1 
ATOM 252  H HZ1  . LYS A 1 18 ? -9.079  6.916   -6.958  1.00 2.29 ? 18 LYS A HZ1  1 
ATOM 253  H HZ2  . LYS A 1 18 ? -9.524  6.026   -8.326  1.00 2.39 ? 18 LYS A HZ2  1 
ATOM 254  H HZ3  . LYS A 1 18 ? -9.994  7.644   -8.182  1.00 2.21 ? 18 LYS A HZ3  1 
ATOM 255  N N    . GLY A 1 19 ? -2.853  5.315   -4.994  1.00 1.20 ? 19 GLY A N    1 
ATOM 256  C CA   . GLY A 1 19 ? -2.042  4.498   -4.130  1.00 1.09 ? 19 GLY A CA   1 
ATOM 257  C C    . GLY A 1 19 ? -1.517  5.270   -2.935  1.00 1.12 ? 19 GLY A C    1 
ATOM 258  O O    . GLY A 1 19 ? -1.912  6.408   -2.705  1.00 1.24 ? 19 GLY A O    1 
ATOM 259  H H    . GLY A 1 19 ? -2.435  5.967   -5.560  1.00 1.22 ? 19 GLY A H    1 
ATOM 260  H HA2  . GLY A 1 19 ? -2.639  3.682   -3.790  1.00 1.10 ? 19 GLY A HA2  1 
ATOM 261  H HA3  . GLY A 1 19 ? -1.204  4.113   -4.694  1.00 1.02 ? 19 GLY A HA3  1 
ATOM 262  N N    . ARG A 1 20 ? -0.630  4.648   -2.174  1.00 1.07 ? 20 ARG A N    1 
ATOM 263  C CA   . ARG A 1 20 ? -0.052  5.266   -1.003  1.00 1.15 ? 20 ARG A CA   1 
ATOM 264  C C    . ARG A 1 20 ? 1.168   4.477   -0.551  1.00 1.11 ? 20 ARG A C    1 
ATOM 265  O O    . ARG A 1 20 ? 1.518   3.462   -1.149  1.00 1.05 ? 20 ARG A O    1 
ATOM 266  C CB   . ARG A 1 20 ? -1.088  5.321   0.108   1.00 1.31 ? 20 ARG A CB   1 
ATOM 267  C CG   . ARG A 1 20 ? -1.516  3.951   0.583   1.00 1.34 ? 20 ARG A CG   1 
ATOM 268  C CD   . ARG A 1 20 ? -1.757  3.924   2.079   1.00 1.55 ? 20 ARG A CD   1 
ATOM 269  N NE   . ARG A 1 20 ? -3.118  3.504   2.411   1.00 1.80 ? 20 ARG A NE   1 
ATOM 270  C CZ   . ARG A 1 20 ? -4.114  4.344   2.699   1.00 2.40 ? 20 ARG A CZ   1 
ATOM 271  N NH1  . ARG A 1 20 ? -3.919  5.656   2.683   1.00 3.18 ? 20 ARG A NH1  1 
ATOM 272  N NH2  . ARG A 1 20 ? -5.314  3.866   3.001   1.00 2.62 ? 20 ARG A NH2  1 
ATOM 273  H H    . ARG A 1 20 ? -0.356  3.749   -2.405  1.00 1.00 ? 20 ARG A H    1 
ATOM 274  H HA   . ARG A 1 20 ? 0.247   6.266   -1.254  1.00 1.17 ? 20 ARG A HA   1 
ATOM 275  H HB2  . ARG A 1 20 ? -0.679  5.865   0.947   1.00 1.40 ? 20 ARG A HB2  1 
ATOM 276  H HB3  . ARG A 1 20 ? -1.957  5.836   -0.262  1.00 1.37 ? 20 ARG A HB3  1 
ATOM 277  H HG2  . ARG A 1 20 ? -2.427  3.668   0.074   1.00 1.38 ? 20 ARG A HG2  1 
ATOM 278  H HG3  . ARG A 1 20 ? -0.735  3.257   0.343   1.00 1.23 ? 20 ARG A HG3  1 
ATOM 279  H HD2  . ARG A 1 20 ? -1.060  3.235   2.530   1.00 1.56 ? 20 ARG A HD2  1 
ATOM 280  H HD3  . ARG A 1 20 ? -1.585  4.909   2.469   1.00 1.60 ? 20 ARG A HD3  1 
ATOM 281  H HE   . ARG A 1 20 ? -3.302  2.542   2.424   1.00 1.93 ? 20 ARG A HE   1 
ATOM 282  H HH11 . ARG A 1 20 ? -3.023  6.030   2.453   1.00 3.13 ? 20 ARG A HH11 1 
ATOM 283  H HH12 . ARG A 1 20 ? -4.676  6.275   2.903   1.00 3.94 ? 20 ARG A HH12 1 
ATOM 284  H HH21 . ARG A 1 20 ? -5.470  2.879   3.012   1.00 2.40 ? 20 ARG A HH21 1 
ATOM 285  H HH22 . ARG A 1 20 ? -6.061  4.494   3.218   1.00 3.23 ? 20 ARG A HH22 1 
ATOM 286  N N    . CYS A 1 21 ? 1.781   4.923   0.526   1.00 1.22 ? 21 CYS A N    1 
ATOM 287  C CA   . CYS A 1 21 ? 2.929   4.250   1.080   1.00 1.27 ? 21 CYS A CA   1 
ATOM 288  C C    . CYS A 1 21 ? 2.488   3.026   1.870   1.00 1.37 ? 21 CYS A C    1 
ATOM 289  O O    . CYS A 1 21 ? 1.325   2.916   2.253   1.00 1.45 ? 21 CYS A O    1 
ATOM 290  C CB   . CYS A 1 21 ? 3.652   5.207   1.995   1.00 1.42 ? 21 CYS A CB   1 
ATOM 291  S SG   . CYS A 1 21 ? 4.430   6.611   1.139   1.00 1.59 ? 21 CYS A SG   1 
ATOM 292  H H    . CYS A 1 21 ? 1.444   5.720   0.979   1.00 1.29 ? 21 CYS A H    1 
ATOM 293  H HA   . CYS A 1 21 ? 3.582   3.950   0.277   1.00 1.18 ? 21 CYS A HA   1 
ATOM 294  H HB2  . CYS A 1 21 ? 2.942   5.598   2.700   1.00 1.80 ? 21 CYS A HB2  1 
ATOM 295  H HB3  . CYS A 1 21 ? 4.411   4.677   2.519   1.00 1.62 ? 21 CYS A HB3  1 
ATOM 296  N N    . PHE A 1 22 ? 3.406   2.101   2.109   1.00 1.41 ? 22 PHE A N    1 
ATOM 297  C CA   . PHE A 1 22 ? 3.050   0.893   2.857   1.00 1.52 ? 22 PHE A CA   1 
ATOM 298  C C    . PHE A 1 22 ? 4.157   0.458   3.831   1.00 1.72 ? 22 PHE A C    1 
ATOM 299  O O    . PHE A 1 22 ? 3.871   -0.076  4.903   1.00 2.10 ? 22 PHE A O    1 
ATOM 300  C CB   . PHE A 1 22 ? 2.754   -0.231  1.874   1.00 1.40 ? 22 PHE A CB   1 
ATOM 301  C CG   . PHE A 1 22 ? 1.325   -0.186  1.450   1.00 1.31 ? 22 PHE A CG   1 
ATOM 302  C CD1  . PHE A 1 22 ? 0.901   0.754   0.531   1.00 1.82 ? 22 PHE A CD1  1 
ATOM 303  C CD2  . PHE A 1 22 ? 0.404   -1.056  1.999   1.00 1.67 ? 22 PHE A CD2  1 
ATOM 304  C CE1  . PHE A 1 22 ? -0.426  0.824   0.161   1.00 1.80 ? 22 PHE A CE1  1 
ATOM 305  C CE2  . PHE A 1 22 ? -0.923  -0.995  1.633   1.00 1.67 ? 22 PHE A CE2  1 
ATOM 306  C CZ   . PHE A 1 22 ? -1.339  -0.053  0.714   1.00 1.28 ? 22 PHE A CZ   1 
ATOM 307  H H    . PHE A 1 22 ? 4.329   2.225   1.767   1.00 1.38 ? 22 PHE A H    1 
ATOM 308  H HA   . PHE A 1 22 ? 2.112   1.102   3.424   1.00 1.58 ? 22 PHE A HA   1 
ATOM 309  H HB2  . PHE A 1 22 ? 3.386   -0.135  0.990   1.00 1.35 ? 22 PHE A HB2  1 
ATOM 310  H HB3  . PHE A 1 22 ? 2.942   -1.182  2.346   1.00 1.46 ? 22 PHE A HB3  1 
ATOM 311  H HD1  . PHE A 1 22 ? 1.622   1.448   0.107   1.00 2.58 ? 22 PHE A HD1  1 
ATOM 312  H HD2  . PHE A 1 22 ? 0.733   -1.791  2.720   1.00 2.38 ? 22 PHE A HD2  1 
ATOM 313  H HE1  . PHE A 1 22 ? -0.747  1.558   -0.558  1.00 2.54 ? 22 PHE A HE1  1 
ATOM 314  H HE2  . PHE A 1 22 ? -1.635  -1.679  2.068   1.00 2.39 ? 22 PHE A HE2  1 
ATOM 315  H HZ   . PHE A 1 22 ? -2.379  0.001   0.428   1.00 1.32 ? 22 PHE A HZ   1 
ATOM 316  N N    . GLY A 1 23 ? 5.421   0.674   3.454   1.00 1.74 ? 23 GLY A N    1 
ATOM 317  C CA   . GLY A 1 23 ? 6.526   0.275   4.312   1.00 1.92 ? 23 GLY A CA   1 
ATOM 318  C C    . GLY A 1 23 ? 7.872   0.844   3.880   1.00 2.00 ? 23 GLY A C    1 
ATOM 319  O O    . GLY A 1 23 ? 8.150   2.021   4.109   1.00 2.13 ? 23 GLY A O    1 
ATOM 320  H H    . GLY A 1 23 ? 5.603   1.096   2.594   1.00 1.84 ? 23 GLY A H    1 
ATOM 321  H HA2  . GLY A 1 23 ? 6.320   0.604   5.320   1.00 2.06 ? 23 GLY A HA2  1 
ATOM 322  H HA3  . GLY A 1 23 ? 6.589   -0.803  4.310   1.00 1.90 ? 23 GLY A HA3  1 
ATOM 323  N N    . PRO A 1 24 ? 8.756   0.012   3.290   1.00 1.99 ? 24 PRO A N    1 
ATOM 324  C CA   . PRO A 1 24 ? 10.096  0.426   2.874   1.00 2.12 ? 24 PRO A CA   1 
ATOM 325  C C    . PRO A 1 24 ? 10.203  0.736   1.378   1.00 2.00 ? 24 PRO A C    1 
ATOM 326  O O    . PRO A 1 24 ? 10.178  -0.176  0.550   1.00 2.14 ? 24 PRO A O    1 
ATOM 327  C CB   . PRO A 1 24 ? 10.896  -0.824  3.223   1.00 2.25 ? 24 PRO A CB   1 
ATOM 328  C CG   . PRO A 1 24 ? 9.966   -1.965  2.934   1.00 2.08 ? 24 PRO A CG   1 
ATOM 329  C CD   . PRO A 1 24 ? 8.551   -1.426  3.023   1.00 1.90 ? 24 PRO A CD   1 
ATOM 330  H HA   . PRO A 1 24 ? 10.457  1.263   3.449   1.00 2.26 ? 24 PRO A HA   1 
ATOM 331  H HB2  . PRO A 1 24 ? 11.786  -0.873  2.614   1.00 2.33 ? 24 PRO A HB2  1 
ATOM 332  H HB3  . PRO A 1 24 ? 11.165  -0.799  4.267   1.00 2.40 ? 24 PRO A HB3  1 
ATOM 333  H HG2  . PRO A 1 24 ? 10.153  -2.345  1.942   1.00 2.03 ? 24 PRO A HG2  1 
ATOM 334  H HG3  . PRO A 1 24 ? 10.115  -2.747  3.665   1.00 2.18 ? 24 PRO A HG3  1 
ATOM 335  H HD2  . PRO A 1 24 ? 8.019   -1.590  2.084   1.00 1.74 ? 24 PRO A HD2  1 
ATOM 336  H HD3  . PRO A 1 24 ? 8.023   -1.891  3.835   1.00 1.93 ? 24 PRO A HD3  1 
ATOM 337  N N    . SER A 1 25 ? 10.322  2.025   1.030   1.00 1.92 ? 25 SER A N    1 
ATOM 338  C CA   . SER A 1 25 ? 10.428  2.429   -0.379  1.00 1.80 ? 25 SER A CA   1 
ATOM 339  C C    . SER A 1 25 ? 9.358   1.732   -1.191  1.00 1.60 ? 25 SER A C    1 
ATOM 340  O O    . SER A 1 25 ? 9.574   1.366   -2.349  1.00 1.56 ? 25 SER A O    1 
ATOM 341  C CB   . SER A 1 25 ? 11.799  2.060   -0.948  1.00 1.93 ? 25 SER A CB   1 
ATOM 342  O OG   . SER A 1 25 ? 12.304  3.096   -1.775  1.00 1.94 ? 25 SER A OG   1 
ATOM 343  H H    . SER A 1 25 ? 10.336  2.713   1.727   1.00 2.07 ? 25 SER A H    1 
ATOM 344  H HA   . SER A 1 25 ? 10.285  3.497   -0.441  1.00 1.78 ? 25 SER A HA   1 
ATOM 345  H HB2  . SER A 1 25 ? 12.492  1.893   -0.138  1.00 2.10 ? 25 SER A HB2  1 
ATOM 346  H HB3  . SER A 1 25 ? 11.706  1.153   -1.541  1.00 1.89 ? 25 SER A HB3  1 
ATOM 347  H HG   . SER A 1 25 ? 11.952  2.996   -2.663  1.00 1.96 ? 25 SER A HG   1 
ATOM 348  N N    . ILE A 1 26 ? 8.221   1.492   -0.561  1.00 1.51 ? 26 ILE A N    1 
ATOM 349  C CA   . ILE A 1 26 ? 7.156   0.771   -1.215  1.00 1.34 ? 26 ILE A CA   1 
ATOM 350  C C    . ILE A 1 26 ? 5.844   1.552   -1.311  1.00 1.19 ? 26 ILE A C    1 
ATOM 351  O O    . ILE A 1 26 ? 5.597   2.523   -0.579  1.00 1.25 ? 26 ILE A O    1 
ATOM 352  C CB   . ILE A 1 26 ? 6.915   -0.556  -0.498  1.00 1.38 ? 26 ILE A CB   1 
ATOM 353  C CG1  . ILE A 1 26 ? 6.508   -1.611  -1.489  1.00 1.28 ? 26 ILE A CG1  1 
ATOM 354  C CG2  . ILE A 1 26 ? 5.841   -0.404  0.558   1.00 1.36 ? 26 ILE A CG2  1 
ATOM 355  C CD1  . ILE A 1 26 ? 6.850   -3.004  -0.997  1.00 1.34 ? 26 ILE A CD1  1 
ATOM 356  H H    . ILE A 1 26 ? 8.117   1.766   0.374   1.00 1.60 ? 26 ILE A H    1 
ATOM 357  H HA   . ILE A 1 26 ? 7.485   0.544   -2.215  1.00 1.31 ? 26 ILE A HA   1 
ATOM 358  H HB   . ILE A 1 26 ? 7.836   -0.861  -0.026  1.00 1.54 ? 26 ILE A HB   1 
ATOM 359  H HG12 . ILE A 1 26 ? 5.426   -1.549  -1.635  1.00 1.18 ? 26 ILE A HG12 1 
ATOM 360  H HG13 . ILE A 1 26 ? 7.025   -1.430  -2.430  1.00 1.31 ? 26 ILE A HG13 1 
ATOM 361  H HG21 . ILE A 1 26 ? 6.054   0.461   1.163   1.00 1.71 ? 26 ILE A HG21 1 
ATOM 362  H HG22 . ILE A 1 26 ? 5.812   -1.286  1.186   1.00 1.60 ? 26 ILE A HG22 1 
ATOM 363  H HG23 . ILE A 1 26 ? 4.887   -0.273  0.062   1.00 1.72 ? 26 ILE A HG23 1 
ATOM 364  H HD11 . ILE A 1 26 ? 6.401   -3.159  -0.022  1.00 1.61 ? 26 ILE A HD11 1 
ATOM 365  H HD12 . ILE A 1 26 ? 7.921   -3.097  -0.901  1.00 1.73 ? 26 ILE A HD12 1 
ATOM 366  H HD13 . ILE A 1 26 ? 6.483   -3.740  -1.696  1.00 1.69 ? 26 ILE A HD13 1 
ATOM 367  N N    . CYS A 1 27 ? 5.013   1.087   -2.239  1.00 1.04 ? 27 CYS A N    1 
ATOM 368  C CA   . CYS A 1 27 ? 3.725   1.669   -2.526  1.00 0.94 ? 27 CYS A CA   1 
ATOM 369  C C    . CYS A 1 27 ? 2.789   0.597   -3.090  1.00 0.86 ? 27 CYS A C    1 
ATOM 370  O O    . CYS A 1 27 ? 3.235   -0.291  -3.812  1.00 0.90 ? 27 CYS A O    1 
ATOM 371  C CB   . CYS A 1 27 ? 3.934   2.774   -3.540  1.00 0.97 ? 27 CYS A CB   1 
ATOM 372  S SG   . CYS A 1 27 ? 3.736   4.452   -2.869  1.00 1.17 ? 27 CYS A SG   1 
ATOM 373  H H    . CYS A 1 27 ? 5.284   0.315   -2.754  1.00 1.03 ? 27 CYS A H    1 
ATOM 374  H HA   . CYS A 1 27 ? 3.310   2.078   -1.616  1.00 1.00 ? 27 CYS A HA   1 
ATOM 375  H HB2  . CYS A 1 27 ? 4.938   2.699   -3.930  1.00 1.27 ? 27 CYS A HB2  1 
ATOM 376  H HB3  . CYS A 1 27 ? 3.238   2.640   -4.341  1.00 1.05 ? 27 CYS A HB3  1 
ATOM 377  N N    . CYS A 1 28 ? 1.508   0.670   -2.753  1.00 0.83 ? 28 CYS A N    1 
ATOM 378  C CA   . CYS A 1 28 ? 0.556   -0.318  -3.207  1.00 0.82 ? 28 CYS A CA   1 
ATOM 379  C C    . CYS A 1 28 ? -0.811  0.302   -3.490  1.00 0.84 ? 28 CYS A C    1 
ATOM 380  O O    . CYS A 1 28 ? -1.564  0.556   -2.552  1.00 0.95 ? 28 CYS A O    1 
ATOM 381  C CB   . CYS A 1 28 ? 0.419   -1.375  -2.113  1.00 0.91 ? 28 CYS A CB   1 
ATOM 382  S SG   . CYS A 1 28 ? 0.833   -3.084  -2.595  1.00 1.25 ? 28 CYS A SG   1 
ATOM 383  H H    . CYS A 1 28 ? 1.201   1.389   -2.178  1.00 0.88 ? 28 CYS A H    1 
ATOM 384  H HA   . CYS A 1 28 ? 0.945   -0.770  -4.093  1.00 0.83 ? 28 CYS A HA   1 
ATOM 385  H HB2  . CYS A 1 28 ? 1.077   -1.107  -1.308  1.00 0.93 ? 28 CYS A HB2  1 
ATOM 386  H HB3  . CYS A 1 28 ? -0.596  -1.370  -1.750  1.00 1.15 ? 28 CYS A HB3  1 
ATOM 387  N N    . GLY A 1 29 ? -1.160  0.553   -4.755  1.00 0.83 ? 29 GLY A N    1 
ATOM 388  C CA   . GLY A 1 29 ? -2.427  1.097   -5.020  1.00 0.95 ? 29 GLY A CA   1 
ATOM 389  C C    . GLY A 1 29 ? -3.453  -0.010  -5.099  1.00 1.00 ? 29 GLY A C    1 
ATOM 390  O O    . GLY A 1 29 ? -3.371  -0.849  -5.993  1.00 1.02 ? 29 GLY A O    1 
ATOM 391  H H    . GLY A 1 29 ? -0.577  0.356   -5.510  1.00 0.82 ? 29 GLY A H    1 
ATOM 392  H HA2  . GLY A 1 29 ? -2.675  1.797   -4.264  1.00 1.01 ? 29 GLY A HA2  1 
ATOM 393  H HA3  . GLY A 1 29 ? -2.380  1.598   -5.947  1.00 0.98 ? 29 GLY A HA3  1 
ATOM 394  N N    . ASP A 1 30 ? -4.404  -0.058  -4.168  1.00 1.08 ? 30 ASP A N    1 
ATOM 395  C CA   . ASP A 1 30 ? -5.393  -1.137  -4.191  1.00 1.16 ? 30 ASP A CA   1 
ATOM 396  C C    . ASP A 1 30 ? -6.035  -1.141  -5.564  1.00 1.31 ? 30 ASP A C    1 
ATOM 397  O O    . ASP A 1 30 ? -5.863  -2.085  -6.337  1.00 1.34 ? 30 ASP A O    1 
ATOM 398  C CB   . ASP A 1 30 ? -6.466  -0.922  -3.117  1.00 1.29 ? 30 ASP A CB   1 
ATOM 399  C CG   . ASP A 1 30 ? -7.326  -2.156  -2.920  1.00 1.43 ? 30 ASP A CG   1 
ATOM 400  O OD1  . ASP A 1 30 ? -7.450  -2.952  -3.874  1.00 1.97 ? 30 ASP A OD1  1 
ATOM 401  O OD2  . ASP A 1 30 ? -7.874  -2.327  -1.810  1.00 1.80 ? 30 ASP A OD2  1 
ATOM 402  H H    . ASP A 1 30 ? -4.405  0.585   -3.450  1.00 1.12 ? 30 ASP A H    1 
ATOM 403  H HA   . ASP A 1 30 ? -4.889  -2.065  -4.024  1.00 1.06 ? 30 ASP A HA   1 
ATOM 404  H HB2  . ASP A 1 30 ? -5.988  -0.682  -2.179  1.00 1.30 ? 30 ASP A HB2  1 
ATOM 405  H HB3  . ASP A 1 30 ? -7.108  -0.103  -3.412  1.00 1.49 ? 30 ASP A HB3  1 
ATOM 406  N N    . GLU A 1 31 ? -6.678  -0.047  -5.910  1.00 1.43 ? 31 GLU A N    1 
ATOM 407  C CA   . GLU A 1 31 ? -7.228  0.124   -7.232  1.00 1.58 ? 31 GLU A CA   1 
ATOM 408  C C    . GLU A 1 31 ? -6.111  0.623   -8.149  1.00 1.53 ? 31 GLU A C    1 
ATOM 409  O O    . GLU A 1 31 ? -6.368  1.375   -9.091  1.00 1.69 ? 31 GLU A O    1 
ATOM 410  C CB   . GLU A 1 31 ? -8.331  1.171   -7.199  1.00 1.76 ? 31 GLU A CB   1 
ATOM 411  C CG   . GLU A 1 31 ? -7.822  2.523   -6.707  1.00 1.73 ? 31 GLU A CG   1 
ATOM 412  C CD   . GLU A 1 31 ? -8.658  3.687   -7.205  1.00 1.95 ? 31 GLU A CD   1 
ATOM 413  O OE1  . GLU A 1 31 ? -8.865  3.791   -8.431  1.00 2.46 ? 31 GLU A OE1  1 
ATOM 414  O OE2  . GLU A 1 31 ? -9.103  4.500   -6.364  1.00 2.16 ? 31 GLU A OE2  1 
ATOM 415  H H    . GLU A 1 31 ? -6.721  0.694   -5.294  1.00 1.42 ? 31 GLU A H    1 
ATOM 416  H HA   . GLU A 1 31 ? -7.609  -0.813  -7.571  1.00 1.64 ? 31 GLU A HA   1 
ATOM 417  H HB2  . GLU A 1 31 ? -8.733  1.295   -8.196  1.00 1.89 ? 31 GLU A HB2  1 
ATOM 418  H HB3  . GLU A 1 31 ? -9.119  0.841   -6.537  1.00 1.82 ? 31 GLU A HB3  1 
ATOM 419  H HG2  . GLU A 1 31 ? -7.848  2.523   -5.625  1.00 1.73 ? 31 GLU A HG2  1 
ATOM 420  H HG3  . GLU A 1 31 ? -6.787  2.662   -7.041  1.00 1.59 ? 31 GLU A HG3  1 
ATOM 421  N N    . LEU A 1 32 ? -4.861  0.289   -7.811  1.00 1.31 ? 32 LEU A N    1 
ATOM 422  C CA   . LEU A 1 32 ? -3.723  0.800   -8.552  1.00 1.26 ? 32 LEU A CA   1 
ATOM 423  C C    . LEU A 1 32 ? -2.477  -0.074  -8.413  1.00 1.14 ? 32 LEU A C    1 
ATOM 424  O O    . LEU A 1 32 ? -1.357  0.422   -8.421  1.00 1.29 ? 32 LEU A O    1 
ATOM 425  C CB   . LEU A 1 32 ? -3.478  2.208   -8.034  1.00 1.26 ? 32 LEU A CB   1 
ATOM 426  C CG   . LEU A 1 32 ? -2.380  3.047   -8.685  1.00 1.18 ? 32 LEU A CG   1 
ATOM 427  C CD1  . LEU A 1 32 ? -1.238  3.174   -7.713  1.00 1.01 ? 32 LEU A CD1  1 
ATOM 428  C CD2  . LEU A 1 32 ? -1.900  2.482   -10.025 1.00 1.25 ? 32 LEU A CD2  1 
ATOM 429  H H    . LEU A 1 32 ? -4.704  -0.246  -7.016  1.00 1.22 ? 32 LEU A H    1 
ATOM 430  H HA   . LEU A 1 32 ? -3.983  0.852   -9.572  1.00 1.37 ? 32 LEU A HA   1 
ATOM 431  H HB2  . LEU A 1 32 ? -4.403  2.759   -8.117  1.00 1.41 ? 32 LEU A HB2  1 
ATOM 432  H HB3  . LEU A 1 32 ? -3.239  2.108   -6.982  1.00 1.24 ? 32 LEU A HB3  1 
ATOM 433  H HG   . LEU A 1 32 ? -2.767  4.039   -8.861  1.00 1.25 ? 32 LEU A HG   1 
ATOM 434  H HD11 . LEU A 1 32 ? -0.460  2.478   -7.983  1.00 1.33 ? 32 LEU A HD11 1 
ATOM 435  H HD12 . LEU A 1 32 ? -1.608  2.948   -6.702  1.00 1.44 ? 32 LEU A HD12 1 
ATOM 436  H HD13 . LEU A 1 32 ? -0.857  4.178   -7.753  1.00 1.44 ? 32 LEU A HD13 1 
ATOM 437  H HD21 . LEU A 1 32 ? -1.822  3.286   -10.742 1.00 1.65 ? 32 LEU A HD21 1 
ATOM 438  H HD22 . LEU A 1 32 ? -2.600  1.748   -10.388 1.00 1.70 ? 32 LEU A HD22 1 
ATOM 439  H HD23 . LEU A 1 32 ? -0.931  2.024   -9.897  1.00 1.51 ? 32 LEU A HD23 1 
ATOM 440  N N    . GLY A 1 33 ? -2.686  -1.382  -8.307  1.00 1.13 ? 33 GLY A N    1 
ATOM 441  C CA   . GLY A 1 33 ? -1.578  -2.325  -8.199  1.00 1.04 ? 33 GLY A CA   1 
ATOM 442  C C    . GLY A 1 33 ? -0.488  -1.911  -7.227  1.00 0.92 ? 33 GLY A C    1 
ATOM 443  O O    . GLY A 1 33 ? -0.696  -1.038  -6.394  1.00 0.89 ? 33 GLY A O    1 
ATOM 444  H H    . GLY A 1 33 ? -3.606  -1.715  -8.317  1.00 1.32 ? 33 GLY A H    1 
ATOM 445  H HA2  . GLY A 1 33 ? -1.967  -3.279  -7.880  1.00 1.04 ? 33 GLY A HA2  1 
ATOM 446  H HA3  . GLY A 1 33 ? -1.152  -2.451  -9.167  1.00 1.12 ? 33 GLY A HA3  1 
ATOM 447  N N    . CYS A 1 34 ? 0.669   -2.572  -7.303  1.00 0.95 ? 34 CYS A N    1 
ATOM 448  C CA   . CYS A 1 34 ? 1.760   -2.286  -6.376  1.00 0.94 ? 34 CYS A CA   1 
ATOM 449  C C    . CYS A 1 34 ? 3.096   -2.050  -7.069  1.00 1.03 ? 34 CYS A C    1 
ATOM 450  O O    . CYS A 1 34 ? 3.439   -2.713  -8.047  1.00 1.18 ? 34 CYS A O    1 
ATOM 451  C CB   . CYS A 1 34 ? 1.912   -3.435  -5.384  1.00 1.03 ? 34 CYS A CB   1 
ATOM 452  S SG   . CYS A 1 34 ? 2.491   -2.917  -3.743  1.00 1.11 ? 34 CYS A SG   1 
ATOM 453  H H    . CYS A 1 34 ? 0.770   -3.285  -7.968  1.00 1.04 ? 34 CYS A H    1 
ATOM 454  H HA   . CYS A 1 34 ? 1.497   -1.396  -5.830  1.00 0.88 ? 34 CYS A HA   1 
ATOM 455  H HB2  . CYS A 1 34 ? 0.955   -3.918  -5.256  1.00 1.13 ? 34 CYS A HB2  1 
ATOM 456  H HB3  . CYS A 1 34 ? 2.622   -4.147  -5.774  1.00 1.16 ? 34 CYS A HB3  1 
ATOM 457  N N    . PHE A 1 35 ? 3.848   -1.094  -6.528  1.00 0.98 ? 35 PHE A N    1 
ATOM 458  C CA   . PHE A 1 35 ? 5.172   -0.742  -7.043  1.00 1.09 ? 35 PHE A CA   1 
ATOM 459  C C    . PHE A 1 35 ? 6.174   -0.578  -5.904  1.00 1.14 ? 35 PHE A C    1 
ATOM 460  O O    . PHE A 1 35 ? 5.989   0.282   -5.043  1.00 1.16 ? 35 PHE A O    1 
ATOM 461  C CB   . PHE A 1 35 ? 5.112   0.566   -7.827  1.00 1.06 ? 35 PHE A CB   1 
ATOM 462  C CG   . PHE A 1 35 ? 3.888   0.714   -8.669  1.00 1.04 ? 35 PHE A CG   1 
ATOM 463  C CD1  . PHE A 1 35 ? 2.645   0.840   -8.075  1.00 0.96 ? 35 PHE A CD1  1 
ATOM 464  C CD2  . PHE A 1 35 ? 3.980   0.721   -10.050 1.00 1.20 ? 35 PHE A CD2  1 
ATOM 465  C CE1  . PHE A 1 35 ? 1.512   0.971   -8.838  1.00 1.02 ? 35 PHE A CE1  1 
ATOM 466  C CE2  . PHE A 1 35 ? 2.841   0.853   -10.825 1.00 1.25 ? 35 PHE A CE2  1 
ATOM 467  C CZ   . PHE A 1 35 ? 1.603   0.978   -10.213 1.00 1.15 ? 35 PHE A CZ   1 
ATOM 468  H H    . PHE A 1 35 ? 3.513   -0.617  -5.740  1.00 0.90 ? 35 PHE A H    1 
ATOM 469  H HA   . PHE A 1 35 ? 5.508   -1.536  -7.701  1.00 1.23 ? 35 PHE A HA   1 
ATOM 470  H HB2  . PHE A 1 35 ? 5.138   1.391   -7.134  1.00 1.00 ? 35 PHE A HB2  1 
ATOM 471  H HB3  . PHE A 1 35 ? 5.966   0.621   -8.475  1.00 1.19 ? 35 PHE A HB3  1 
ATOM 472  H HD1  . PHE A 1 35 ? 2.570   0.837   -6.994  1.00 0.93 ? 35 PHE A HD1  1 
ATOM 473  H HD2  . PHE A 1 35 ? 4.958   0.622   -10.520 1.00 1.34 ? 35 PHE A HD2  1 
ATOM 474  H HE1  . PHE A 1 35 ? 0.552   1.071   -8.361  1.00 1.03 ? 35 PHE A HE1  1 
ATOM 475  H HE2  . PHE A 1 35 ? 2.917   0.858   -11.899 1.00 1.41 ? 35 PHE A HE2  1 
ATOM 476  H HZ   . PHE A 1 35 ? 0.710   1.089   -10.804 1.00 1.23 ? 35 PHE A HZ   1 
ATOM 477  N N    . VAL A 1 36 ? 7.256   -1.348  -5.910  1.00 1.27 ? 36 VAL A N    1 
ATOM 478  C CA   . VAL A 1 36 ? 8.271   -1.197  -4.874  1.00 1.38 ? 36 VAL A CA   1 
ATOM 479  C C    . VAL A 1 36 ? 9.423   -0.363  -5.398  1.00 1.51 ? 36 VAL A C    1 
ATOM 480  O O    . VAL A 1 36 ? 10.211  -0.815  -6.228  1.00 1.68 ? 36 VAL A O    1 
ATOM 481  C CB   . VAL A 1 36 ? 8.811   -2.539  -4.353  1.00 1.50 ? 36 VAL A CB   1 
ATOM 482  C CG1  . VAL A 1 36 ? 9.506   -2.335  -3.007  1.00 1.60 ? 36 VAL A CG1  1 
ATOM 483  C CG2  . VAL A 1 36 ? 7.692   -3.569  -4.248  1.00 1.40 ? 36 VAL A CG2  1 
ATOM 484  H H    . VAL A 1 36 ? 7.390   -1.996  -6.632  1.00 1.34 ? 36 VAL A H    1 
ATOM 485  H HA   . VAL A 1 36 ? 7.814   -0.666  -4.048  1.00 1.32 ? 36 VAL A HA   1 
ATOM 486  H HB   . VAL A 1 36 ? 9.544   -2.905  -5.059  1.00 1.62 ? 36 VAL A HB   1 
ATOM 487  H HG11 . VAL A 1 36 ? 10.396  -2.944  -2.966  1.00 1.93 ? 36 VAL A HG11 1 
ATOM 488  H HG12 . VAL A 1 36 ? 8.836   -2.619  -2.206  1.00 1.95 ? 36 VAL A HG12 1 
ATOM 489  H HG13 . VAL A 1 36 ? 9.781   -1.289  -2.890  1.00 1.87 ? 36 VAL A HG13 1 
ATOM 490  H HG21 . VAL A 1 36 ? 7.482   -3.973  -5.227  1.00 1.75 ? 36 VAL A HG21 1 
ATOM 491  H HG22 . VAL A 1 36 ? 6.802   -3.097  -3.856  1.00 1.63 ? 36 VAL A HG22 1 
ATOM 492  H HG23 . VAL A 1 36 ? 7.996   -4.367  -3.587  1.00 1.72 ? 36 VAL A HG23 1 
ATOM 493  N N    . GLY A 1 37 ? 9.508   0.862   -4.911  1.00 1.47 ? 37 GLY A N    1 
ATOM 494  C CA   . GLY A 1 37 ? 10.567  1.761   -5.353  1.00 1.60 ? 37 GLY A CA   1 
ATOM 495  C C    . GLY A 1 37 ? 10.550  1.967   -6.863  1.00 1.52 ? 37 GLY A C    1 
ATOM 496  O O    . GLY A 1 37 ? 11.585  2.216   -7.478  1.00 1.65 ? 37 GLY A O    1 
ATOM 497  H H    . GLY A 1 37 ? 8.839   1.159   -4.245  1.00 1.40 ? 37 GLY A H    1 
ATOM 498  H HA2  . GLY A 1 37 ? 10.444  2.719   -4.867  1.00 1.61 ? 37 GLY A HA2  1 
ATOM 499  H HA3  . GLY A 1 37 ? 11.523  1.346   -5.070  1.00 1.79 ? 37 GLY A HA3  1 
ATOM 500  N N    . THR A 1 38 ? 9.363   1.848   -7.455  1.00 1.41 ? 38 THR A N    1 
ATOM 501  C CA   . THR A 1 38 ? 9.187   2.013   -8.896  1.00 1.41 ? 38 THR A CA   1 
ATOM 502  C C    . THR A 1 38 ? 8.803   3.456   -9.227  1.00 1.31 ? 38 THR A C    1 
ATOM 503  O O    . THR A 1 38 ? 8.774   4.312   -8.344  1.00 1.31 ? 38 THR A O    1 
ATOM 504  C CB   . THR A 1 38 ? 8.099   1.054   -9.396  1.00 1.42 ? 38 THR A CB   1 
ATOM 505  O OG1  . THR A 1 38 ? 8.033   -0.106  -8.584  1.00 1.84 ? 38 THR A OG1  1 
ATOM 506  C CG2  . THR A 1 38 ? 8.285   0.593   -10.824 1.00 1.68 ? 38 THR A CG2  1 
ATOM 507  H H    . THR A 1 38 ? 8.581   1.636   -6.905  1.00 1.39 ? 38 THR A H    1 
ATOM 508  H HA   . THR A 1 38 ? 10.122  1.774   -9.379  1.00 1.56 ? 38 THR A HA   1 
ATOM 509  H HB   . THR A 1 38 ? 7.146   1.561   -9.343  1.00 1.50 ? 38 THR A HB   1 
ATOM 510  H HG1  . THR A 1 38 ? 7.346   -0.689  -8.914  1.00 2.21 ? 38 THR A HG1  1 
ATOM 511  H HG21 . THR A 1 38 ? 7.324   0.623   -11.334 1.00 2.09 ? 38 THR A HG21 1 
ATOM 512  H HG22 . THR A 1 38 ? 8.664   -0.417  -10.830 1.00 1.97 ? 38 THR A HG22 1 
ATOM 513  H HG23 . THR A 1 38 ? 8.987   1.243   -11.329 1.00 2.14 ? 38 THR A HG23 1 
ATOM 514  N N    . ALA A 1 39 ? 8.491   3.725   -10.496 1.00 1.35 ? 39 ALA A N    1 
ATOM 515  C CA   . ALA A 1 39 ? 8.098   5.069   -10.910 1.00 1.32 ? 39 ALA A CA   1 
ATOM 516  C C    . ALA A 1 39 ? 6.846   5.513   -10.162 1.00 1.20 ? 39 ALA A C    1 
ATOM 517  O O    . ALA A 1 39 ? 6.793   6.607   -9.608  1.00 1.17 ? 39 ALA A O    1 
ATOM 518  C CB   . ALA A 1 39 ? 7.861   5.129   -12.415 1.00 1.50 ? 39 ALA A CB   1 
ATOM 519  H H    . ALA A 1 39 ? 8.515   3.009   -11.161 1.00 1.46 ? 39 ALA A H    1 
ATOM 520  H HA   . ALA A 1 39 ? 8.909   5.743   -10.668 1.00 1.32 ? 39 ALA A HA   1 
ATOM 521  H HB1  . ALA A 1 39 ? 7.097   5.862   -12.629 1.00 1.86 ? 39 ALA A HB1  1 
ATOM 522  H HB2  . ALA A 1 39 ? 7.538   4.161   -12.771 1.00 1.90 ? 39 ALA A HB2  1 
ATOM 523  H HB3  . ALA A 1 39 ? 8.777   5.408   -12.914 1.00 1.81 ? 39 ALA A HB3  1 
ATOM 524  N N    . GLU A 1 40 ? 5.843   4.645   -10.140 1.00 1.18 ? 40 GLU A N    1 
ATOM 525  C CA   . GLU A 1 40 ? 4.589   4.931   -9.459  1.00 1.10 ? 40 GLU A CA   1 
ATOM 526  C C    . GLU A 1 40 ? 4.718   4.735   -7.944  1.00 1.00 ? 40 GLU A C    1 
ATOM 527  O O    . GLU A 1 40 ? 3.722   4.769   -7.222  1.00 1.00 ? 40 GLU A O    1 
ATOM 528  C CB   . GLU A 1 40 ? 3.489   4.024   -10.014 1.00 1.16 ? 40 GLU A CB   1 
ATOM 529  C CG   . GLU A 1 40 ? 2.543   4.711   -10.995 1.00 1.29 ? 40 GLU A CG   1 
ATOM 530  C CD   . GLU A 1 40 ? 2.989   4.592   -12.442 1.00 1.47 ? 40 GLU A CD   1 
ATOM 531  O OE1  . GLU A 1 40 ? 3.247   3.457   -12.895 1.00 1.82 ? 40 GLU A OE1  1 
ATOM 532  O OE2  . GLU A 1 40 ? 3.070   5.634   -13.126 1.00 1.97 ? 40 GLU A OE2  1 
ATOM 533  H H    . GLU A 1 40 ? 5.950   3.781   -10.587 1.00 1.25 ? 40 GLU A H    1 
ATOM 534  H HA   . GLU A 1 40 ? 4.328   5.957   -9.655  1.00 1.14 ? 40 GLU A HA   1 
ATOM 535  H HB2  . GLU A 1 40 ? 3.950   3.188   -10.519 1.00 1.22 ? 40 GLU A HB2  1 
ATOM 536  H HB3  . GLU A 1 40 ? 2.907   3.653   -9.190  1.00 1.11 ? 40 GLU A HB3  1 
ATOM 537  H HG2  . GLU A 1 40 ? 1.567   4.260   -10.902 1.00 1.35 ? 40 GLU A HG2  1 
ATOM 538  H HG3  . GLU A 1 40 ? 2.478   5.758   -10.738 1.00 1.30 ? 40 GLU A HG3  1 
ATOM 539  N N    . ALA A 1 41 ? 5.941   4.503   -7.470  1.00 1.00 ? 41 ALA A N    1 
ATOM 540  C CA   . ALA A 1 41 ? 6.182   4.281   -6.049  1.00 0.98 ? 41 ALA A CA   1 
ATOM 541  C C    . ALA A 1 41 ? 6.947   5.436   -5.411  1.00 0.98 ? 41 ALA A C    1 
ATOM 542  O O    . ALA A 1 41 ? 6.922   5.611   -4.193  1.00 0.97 ? 41 ALA A O    1 
ATOM 543  C CB   . ALA A 1 41 ? 6.961   2.999   -5.866  1.00 1.10 ? 41 ALA A CB   1 
ATOM 544  H H    . ALA A 1 41 ? 6.697   4.466   -8.087  1.00 1.07 ? 41 ALA A H    1 
ATOM 545  H HA   . ALA A 1 41 ? 5.228   4.170   -5.558  1.00 0.96 ? 41 ALA A HA   1 
ATOM 546  H HB1  . ALA A 1 41 ? 8.014   3.230   -5.830  1.00 1.55 ? 41 ALA A HB1  1 
ATOM 547  H HB2  . ALA A 1 41 ? 6.768   2.344   -6.701  1.00 1.51 ? 41 ALA A HB2  1 
ATOM 548  H HB3  . ALA A 1 41 ? 6.663   2.514   -4.949  1.00 1.48 ? 41 ALA A HB3  1 
ATOM 549  N N    . LEU A 1 42 ? 7.643   6.209   -6.237  1.00 1.06 ? 42 LEU A N    1 
ATOM 550  C CA   . LEU A 1 42 ? 8.437   7.334   -5.754  1.00 1.11 ? 42 LEU A CA   1 
ATOM 551  C C    . LEU A 1 42 ? 7.624   8.330   -4.926  1.00 1.08 ? 42 LEU A C    1 
ATOM 552  O O    . LEU A 1 42 ? 8.196   9.178   -4.246  1.00 1.18 ? 42 LEU A O    1 
ATOM 553  C CB   . LEU A 1 42 ? 9.122   8.054   -6.925  1.00 1.23 ? 42 LEU A CB   1 
ATOM 554  C CG   . LEU A 1 42 ? 8.227   8.395   -8.125  1.00 1.27 ? 42 LEU A CG   1 
ATOM 555  C CD1  . LEU A 1 42 ? 6.757   8.364   -7.745  1.00 1.20 ? 42 LEU A CD1  1 
ATOM 556  C CD2  . LEU A 1 42 ? 8.613   9.752   -8.707  1.00 1.45 ? 42 LEU A CD2  1 
ATOM 557  H H    . LEU A 1 42 ? 7.638   6.011   -7.203  1.00 1.11 ? 42 LEU A H    1 
ATOM 558  H HA   . LEU A 1 42 ? 9.193   6.926   -5.118  1.00 1.17 ? 42 LEU A HA   1 
ATOM 559  H HB2  . LEU A 1 42 ? 9.547   8.973   -6.551  1.00 1.25 ? 42 LEU A HB2  1 
ATOM 560  H HB3  . LEU A 1 42 ? 9.929   7.427   -7.277  1.00 1.34 ? 42 LEU A HB3  1 
ATOM 561  H HG   . LEU A 1 42 ? 8.378   7.657   -8.890  1.00 1.33 ? 42 LEU A HG   1 
ATOM 562  H HD11 . LEU A 1 42 ? 6.154   8.529   -8.626  1.00 1.49 ? 42 LEU A HD11 1 
ATOM 563  H HD12 . LEU A 1 42 ? 6.555   9.133   -7.021  1.00 1.62 ? 42 LEU A HD12 1 
ATOM 564  H HD13 . LEU A 1 42 ? 6.520   7.394   -7.322  1.00 1.57 ? 42 LEU A HD13 1 
ATOM 565  H HD21 . LEU A 1 42 ? 9.181   9.605   -9.614  1.00 1.78 ? 42 LEU A HD21 1 
ATOM 566  H HD22 . LEU A 1 42 ? 9.215   10.293  -7.992  1.00 1.66 ? 42 LEU A HD22 1 
ATOM 567  H HD23 . LEU A 1 42 ? 7.720   10.317  -8.929  1.00 1.87 ? 42 LEU A HD23 1 
ATOM 568  N N    . ARG A 1 43 ? 6.301   8.236   -4.974  1.00 1.04 ? 43 ARG A N    1 
ATOM 569  C CA   . ARG A 1 43 ? 5.462   9.148   -4.212  1.00 1.15 ? 43 ARG A CA   1 
ATOM 570  C C    . ARG A 1 43 ? 5.844   9.147   -2.735  1.00 1.25 ? 43 ARG A C    1 
ATOM 571  O O    . ARG A 1 43 ? 5.576   10.105  -2.013  1.00 1.45 ? 43 ARG A O    1 
ATOM 572  C CB   . ARG A 1 43 ? 3.988   8.788   -4.380  1.00 1.18 ? 43 ARG A CB   1 
ATOM 573  C CG   . ARG A 1 43 ? 3.142   9.965   -4.831  1.00 1.38 ? 43 ARG A CG   1 
ATOM 574  C CD   . ARG A 1 43 ? 3.612   10.504  -6.175  1.00 1.42 ? 43 ARG A CD   1 
ATOM 575  N NE   . ARG A 1 43 ? 2.542   10.470  -7.166  1.00 1.66 ? 43 ARG A NE   1 
ATOM 576  C CZ   . ARG A 1 43 ? 2.514   11.228  -8.257  1.00 2.01 ? 43 ARG A CZ   1 
ATOM 577  N NH1  . ARG A 1 43 ? 3.494   12.089  -8.504  1.00 2.24 ? 43 ARG A NH1  1 
ATOM 578  N NH2  . ARG A 1 43 ? 1.498   11.125  -9.103  1.00 2.37 ? 43 ARG A NH2  1 
ATOM 579  H H    . ARG A 1 43 ? 5.883   7.548   -5.527  1.00 1.01 ? 43 ARG A H    1 
ATOM 580  H HA   . ARG A 1 43 ? 5.612   10.133  -4.598  1.00 1.25 ? 43 ARG A HA   1 
ATOM 581  H HB2  . ARG A 1 43 ? 3.894   7.999   -5.113  1.00 1.11 ? 43 ARG A HB2  1 
ATOM 582  H HB3  . ARG A 1 43 ? 3.607   8.439   -3.440  1.00 1.21 ? 43 ARG A HB3  1 
ATOM 583  H HG2  . ARG A 1 43 ? 2.115   9.647   -4.924  1.00 1.45 ? 43 ARG A HG2  1 
ATOM 584  H HG3  . ARG A 1 43 ? 3.213   10.751  -4.094  1.00 1.51 ? 43 ARG A HG3  1 
ATOM 585  H HD2  . ARG A 1 43 ? 3.937   11.526  -6.043  1.00 1.55 ? 43 ARG A HD2  1 
ATOM 586  H HD3  . ARG A 1 43 ? 4.445   9.901   -6.529  1.00 1.32 ? 43 ARG A HD3  1 
ATOM 587  H HE   . ARG A 1 43 ? 1.802   9.847   -7.009  1.00 1.78 ? 43 ARG A HE   1 
ATOM 588  H HH11 . ARG A 1 43 ? 4.260   12.173  -7.868  1.00 2.09 ? 43 ARG A HH11 1 
ATOM 589  H HH12 . ARG A 1 43 ? 3.466   12.654  -9.329  1.00 2.69 ? 43 ARG A HH12 1 
ATOM 590  H HH21 . ARG A 1 43 ? 0.758   10.480  -8.917  1.00 2.38 ? 43 ARG A HH21 1 
ATOM 591  H HH22 . ARG A 1 43 ? 1.474   11.691  -9.926  1.00 2.75 ? 43 ARG A HH22 1 
ATOM 592  N N    . CYS A 1 44 ? 6.474   8.073   -2.286  1.00 1.23 ? 44 CYS A N    1 
ATOM 593  C CA   . CYS A 1 44 ? 6.871   7.969   -0.895  1.00 1.43 ? 44 CYS A CA   1 
ATOM 594  C C    . CYS A 1 44 ? 8.160   8.722   -0.596  1.00 1.64 ? 44 CYS A C    1 
ATOM 595  O O    . CYS A 1 44 ? 8.529   8.879   0.568   1.00 1.90 ? 44 CYS A O    1 
ATOM 596  C CB   . CYS A 1 44 ? 6.984   6.503   -0.479  1.00 1.46 ? 44 CYS A CB   1 
ATOM 597  S SG   . CYS A 1 44 ? 6.406   6.168   1.214   1.00 1.76 ? 44 CYS A SG   1 
ATOM 598  H H    . CYS A 1 44 ? 6.678   7.339   -2.898  1.00 1.14 ? 44 CYS A H    1 
ATOM 599  H HA   . CYS A 1 44 ? 6.089   8.438   -0.318  1.00 1.49 ? 44 CYS A HA   1 
ATOM 600  H HB2  . CYS A 1 44 ? 6.392   5.901   -1.152  1.00 1.41 ? 44 CYS A HB2  1 
ATOM 601  H HB3  . CYS A 1 44 ? 8.017   6.194   -0.542  1.00 1.58 ? 44 CYS A HB3  1 
ATOM 602  N N    . GLN A 1 45 ? 8.828   9.219   -1.627  1.00 1.59 ? 45 GLN A N    1 
ATOM 603  C CA   . GLN A 1 45 ? 10.042  9.988   -1.422  1.00 1.81 ? 45 GLN A CA   1 
ATOM 604  C C    . GLN A 1 45 ? 9.714   11.194  -0.560  1.00 2.03 ? 45 GLN A C    1 
ATOM 605  O O    . GLN A 1 45 ? 10.567  11.736  0.146   1.00 2.30 ? 45 GLN A O    1 
ATOM 606  C CB   . GLN A 1 45 ? 10.610  10.456  -2.757  1.00 1.76 ? 45 GLN A CB   1 
ATOM 607  C CG   . GLN A 1 45 ? 12.014  9.952   -3.049  1.00 2.10 ? 45 GLN A CG   1 
ATOM 608  C CD   . GLN A 1 45 ? 12.412  10.179  -4.495  1.00 2.27 ? 45 GLN A CD   1 
ATOM 609  O OE1  . GLN A 1 45 ? 13.414  10.835  -4.778  1.00 2.78 ? 45 GLN A OE1  1 
ATOM 610  N NE2  . GLN A 1 45 ? 11.623  9.639   -5.416  1.00 2.38 ? 45 GLN A NE2  1 
ATOM 611  H H    . GLN A 1 45 ? 8.488   9.093   -2.530  1.00 1.44 ? 45 GLN A H    1 
ATOM 612  H HA   . GLN A 1 45 ? 10.755  9.365   -0.918  1.00 1.95 ? 45 GLN A HA   1 
ATOM 613  H HB2  . GLN A 1 45 ? 9.957   10.114  -3.537  1.00 1.89 ? 45 GLN A HB2  1 
ATOM 614  H HB3  . GLN A 1 45 ? 10.631  11.535  -2.770  1.00 1.78 ? 45 GLN A HB3  1 
ATOM 615  H HG2  . GLN A 1 45 ? 12.711  10.476  -2.412  1.00 2.35 ? 45 GLN A HG2  1 
ATOM 616  H HG3  . GLN A 1 45 ? 12.056  8.894   -2.838  1.00 2.58 ? 45 GLN A HG3  1 
ATOM 617  H HE21 . GLN A 1 45 ? 10.841  9.131   -5.115  1.00 2.46 ? 45 GLN A HE21 1 
ATOM 618  H HE22 . GLN A 1 45 ? 11.853  9.774   -6.359  1.00 2.68 ? 45 GLN A HE22 1 
ATOM 619  N N    . GLU A 1 46 ? 8.452   11.602  -0.627  1.00 1.98 ? 46 GLU A N    1 
ATOM 620  C CA   . GLU A 1 46 ? 7.976   12.731  0.133   1.00 2.30 ? 46 GLU A CA   1 
ATOM 621  C C    . GLU A 1 46 ? 7.645   12.309  1.568   1.00 2.48 ? 46 GLU A C    1 
ATOM 622  O O    . GLU A 1 46 ? 7.464   13.150  2.451   1.00 2.83 ? 46 GLU A O    1 
ATOM 623  C CB   . GLU A 1 46 ? 6.759   13.306  -0.588  1.00 2.30 ? 46 GLU A CB   1 
ATOM 624  C CG   . GLU A 1 46 ? 5.515   12.459  -0.446  1.00 2.58 ? 46 GLU A CG   1 
ATOM 625  C CD   . GLU A 1 46 ? 4.262   13.283  -0.244  1.00 3.12 ? 46 GLU A CD   1 
ATOM 626  O OE1  . GLU A 1 46 ? 4.282   14.204  0.600   1.00 3.41 ? 46 GLU A OE1  1 
ATOM 627  O OE2  . GLU A 1 46 ? 3.257   13.007  -0.932  1.00 3.70 ? 46 GLU A OE2  1 
ATOM 628  H H    . GLU A 1 46 ? 7.814   11.119  -1.206  1.00 1.79 ? 46 GLU A H    1 
ATOM 629  H HA   . GLU A 1 46 ? 8.758   13.476  0.155   1.00 2.47 ? 46 GLU A HA   1 
ATOM 630  H HB2  . GLU A 1 46 ? 6.552   14.297  -0.216  1.00 2.65 ? 46 GLU A HB2  1 
ATOM 631  H HB3  . GLU A 1 46 ? 6.990   13.359  -1.639  1.00 2.44 ? 46 GLU A HB3  1 
ATOM 632  H HG2  . GLU A 1 46 ? 5.397   11.878  -1.343  1.00 2.79 ? 46 GLU A HG2  1 
ATOM 633  H HG3  . GLU A 1 46 ? 5.645   11.801  0.391   1.00 2.76 ? 46 GLU A HG3  1 
ATOM 634  N N    . GLU A 1 47 ? 7.596   10.993  1.796   1.00 2.30 ? 47 GLU A N    1 
ATOM 635  C CA   . GLU A 1 47 ? 7.312   10.460  3.129   1.00 2.51 ? 47 GLU A CA   1 
ATOM 636  C C    . GLU A 1 47 ? 8.572   10.480  3.991   1.00 2.88 ? 47 GLU A C    1 
ATOM 637  O O    . GLU A 1 47 ? 8.522   10.201  5.190   1.00 3.13 ? 47 GLU A O    1 
ATOM 638  C CB   . GLU A 1 47 ? 6.779   9.026   3.031   1.00 2.33 ? 47 GLU A CB   1 
ATOM 639  C CG   . GLU A 1 47 ? 6.087   8.535   4.297   1.00 2.68 ? 47 GLU A CG   1 
ATOM 640  C CD   . GLU A 1 47 ? 6.834   7.403   4.979   1.00 2.97 ? 47 GLU A CD   1 
ATOM 641  O OE1  . GLU A 1 47 ? 6.918   6.305   4.389   1.00 3.38 ? 47 GLU A OE1  1 
ATOM 642  O OE2  . GLU A 1 47 ? 7.328   7.612   6.108   1.00 3.38 ? 47 GLU A OE2  1 
ATOM 643  H H    . GLU A 1 47 ? 7.770   10.367  1.052   1.00 2.07 ? 47 GLU A H    1 
ATOM 644  H HA   . GLU A 1 47 ? 6.561   11.088  3.589   1.00 2.66 ? 47 GLU A HA   1 
ATOM 645  H HB2  . GLU A 1 47 ? 6.070   8.974   2.218   1.00 2.20 ? 47 GLU A HB2  1 
ATOM 646  H HB3  . GLU A 1 47 ? 7.605   8.362   2.817   1.00 2.44 ? 47 GLU A HB3  1 
ATOM 647  H HG2  . GLU A 1 47 ? 6.006   9.359   4.990   1.00 3.18 ? 47 GLU A HG2  1 
ATOM 648  H HG3  . GLU A 1 47 ? 5.098   8.188   4.037   1.00 2.87 ? 47 GLU A HG3  1 
ATOM 649  N N    . ASN A 1 48 ? 9.702   10.820  3.373   1.00 2.96 ? 48 ASN A N    1 
ATOM 650  C CA   . ASN A 1 48 ? 10.968  10.882  4.072   1.00 3.38 ? 48 ASN A CA   1 
ATOM 651  C C    . ASN A 1 48 ? 11.026  12.102  4.985   1.00 3.78 ? 48 ASN A C    1 
ATOM 652  O O    . ASN A 1 48 ? 11.844  12.160  5.902   1.00 4.17 ? 48 ASN A O    1 
ATOM 653  C CB   . ASN A 1 48 ? 12.115  10.940  3.061   1.00 3.54 ? 48 ASN A CB   1 
ATOM 654  C CG   . ASN A 1 48 ? 13.130  9.833   3.259   1.00 3.90 ? 48 ASN A CG   1 
ATOM 655  O OD1  . ASN A 1 48 ? 13.286  9.304   4.359   1.00 4.41 ? 48 ASN A OD1  1 
ATOM 656  N ND2  . ASN A 1 48 ? 13.832  9.481   2.187   1.00 4.03 ? 48 ASN A ND2  1 
ATOM 657  H H    . ASN A 1 48 ? 9.684   11.031  2.424   1.00 2.77 ? 48 ASN A H    1 
ATOM 658  H HA   . ASN A 1 48 ? 11.061  9.990   4.660   1.00 3.51 ? 48 ASN A HA   1 
ATOM 659  H HB2  . ASN A 1 48 ? 11.708  10.851  2.064   1.00 3.82 ? 48 ASN A HB2  1 
ATOM 660  H HB3  . ASN A 1 48 ? 12.622  11.889  3.153   1.00 3.63 ? 48 ASN A HB3  1 
ATOM 661  H HD21 . ASN A 1 48 ? 13.655  9.948   1.344   1.00 3.86 ? 48 ASN A HD21 1 
ATOM 662  H HD22 . ASN A 1 48 ? 14.498  8.768   2.282   1.00 4.50 ? 48 ASN A HD22 1 
ATOM 663  N N    . TYR A 1 49 ? 10.153  13.080  4.731   1.00 3.82 ? 49 TYR A N    1 
ATOM 664  C CA   . TYR A 1 49 ? 10.131  14.305  5.534   1.00 4.41 ? 49 TYR A CA   1 
ATOM 665  C C    . TYR A 1 49 ? 9.102   14.220  6.652   1.00 4.76 ? 49 TYR A C    1 
ATOM 666  O O    . TYR A 1 49 ? 9.301   14.760  7.738   1.00 5.26 ? 49 TYR A O    1 
ATOM 667  C CB   . TYR A 1 49 ? 9.799   15.510  4.643   1.00 4.66 ? 49 TYR A CB   1 
ATOM 668  C CG   . TYR A 1 49 ? 10.936  16.011  3.793   1.00 4.91 ? 49 TYR A CG   1 
ATOM 669  C CD1  . TYR A 1 49 ? 12.214  16.014  4.282   1.00 5.04 ? 49 TYR A CD1  1 
ATOM 670  C CD2  . TYR A 1 49 ? 10.721  16.483  2.506   1.00 5.32 ? 49 TYR A CD2  1 
ATOM 671  C CE1  . TYR A 1 49 ? 13.276  16.472  3.525   1.00 5.55 ? 49 TYR A CE1  1 
ATOM 672  C CE2  . TYR A 1 49 ? 11.770  16.943  1.732   1.00 5.82 ? 49 TYR A CE2  1 
ATOM 673  C CZ   . TYR A 1 49 ? 13.048  16.937  2.247   1.00 5.92 ? 49 TYR A CZ   1 
ATOM 674  O OH   . TYR A 1 49 ? 14.097  17.397  1.484   1.00 6.59 ? 49 TYR A OH   1 
ATOM 675  H H    . TYR A 1 49 ? 9.521   12.984  3.983   1.00 3.53 ? 49 TYR A H    1 
ATOM 676  H HA   . TYR A 1 49 ? 11.099  14.440  5.966   1.00 4.68 ? 49 TYR A HA   1 
ATOM 677  H HB2  . TYR A 1 49 ? 9.022   15.231  3.981   1.00 4.44 ? 49 TYR A HB2  1 
ATOM 678  H HB3  . TYR A 1 49 ? 9.462   16.326  5.263   1.00 5.13 ? 49 TYR A HB3  1 
ATOM 679  H HD1  . TYR A 1 49 ? 12.367  15.646  5.275   1.00 4.96 ? 49 TYR A HD1  1 
ATOM 680  H HD2  . TYR A 1 49 ? 9.718   16.485  2.107   1.00 5.44 ? 49 TYR A HD2  1 
ATOM 681  H HE1  . TYR A 1 49 ? 14.277  16.466  3.934   1.00 5.83 ? 49 TYR A HE1  1 
ATOM 682  H HE2  . TYR A 1 49 ? 11.586  17.306  0.731   1.00 6.30 ? 49 TYR A HE2  1 
ATOM 683  H HH   . TYR A 1 49 ? 13.846  18.218  1.056   1.00 6.80 ? 49 TYR A HH   1 
ATOM 684  N N    . LEU A 1 50 ? 8.002   13.551  6.368   1.00 4.83 ? 50 LEU A N    1 
ATOM 685  C CA   . LEU A 1 50 ? 6.922   13.399  7.326   1.00 5.32 ? 50 LEU A CA   1 
ATOM 686  C C    . LEU A 1 50 ? 6.701   11.933  7.708   1.00 5.33 ? 50 LEU A C    1 
ATOM 687  O O    . LEU A 1 50 ? 6.012   11.195  7.000   1.00 5.17 ? 50 LEU A O    1 
ATOM 688  C CB   . LEU A 1 50 ? 5.635   14.002  6.756   1.00 5.74 ? 50 LEU A CB   1 
ATOM 689  C CG   . LEU A 1 50 ? 4.909   14.992  7.673   1.00 6.45 ? 50 LEU A CG   1 
ATOM 690  C CD1  . LEU A 1 50 ? 5.878   16.014  8.252   1.00 6.98 ? 50 LEU A CD1  1 
ATOM 691  C CD2  . LEU A 1 50 ? 3.792   15.692  6.915   1.00 6.91 ? 50 LEU A CD2  1 
ATOM 692  H H    . LEU A 1 50 ? 7.912   13.162  5.494   1.00 4.74 ? 50 LEU A H    1 
ATOM 693  H HA   . LEU A 1 50 ? 7.201   13.942  8.199   1.00 5.71 ? 50 LEU A HA   1 
ATOM 694  H HB2  . LEU A 1 50 ? 5.882   14.512  5.837   1.00 5.90 ? 50 LEU A HB2  1 
ATOM 695  H HB3  . LEU A 1 50 ? 4.955   13.196  6.526   1.00 5.77 ? 50 LEU A HB3  1 
ATOM 696  H HG   . LEU A 1 50 ? 4.464   14.450  8.496   1.00 6.65 ? 50 LEU A HG   1 
ATOM 697  H HD11 . LEU A 1 50 ? 6.309   15.626  9.163   1.00 7.12 ? 50 LEU A HD11 1 
ATOM 698  H HD12 . LEU A 1 50 ? 5.348   16.929  8.468   1.00 7.36 ? 50 LEU A HD12 1 
ATOM 699  H HD13 . LEU A 1 50 ? 6.662   16.213  7.537   1.00 7.15 ? 50 LEU A HD13 1 
ATOM 700  H HD21 . LEU A 1 50 ? 4.197   16.533  6.373   1.00 6.92 ? 50 LEU A HD21 1 
ATOM 701  H HD22 . LEU A 1 50 ? 3.045   16.041  7.613   1.00 7.37 ? 50 LEU A HD22 1 
ATOM 702  H HD23 . LEU A 1 50 ? 3.338   15.000  6.221   1.00 7.10 ? 50 LEU A HD23 1 
ATOM 703  N N    . PRO A 1 51 ? 7.307   11.485  8.827   1.00 5.85 ? 51 PRO A N    1 
ATOM 704  C CA   . PRO A 1 51 ? 7.204   10.097  9.309   1.00 6.17 ? 51 PRO A CA   1 
ATOM 705  C C    . PRO A 1 51 ? 5.842   9.750   9.871   1.00 6.08 ? 51 PRO A C    1 
ATOM 706  O O    . PRO A 1 51 ? 5.442   8.586   9.944   1.00 6.27 ? 51 PRO A O    1 
ATOM 707  C CB   . PRO A 1 51 ? 8.254   10.034  10.426  1.00 7.08 ? 51 PRO A CB   1 
ATOM 708  C CG   . PRO A 1 51 ? 9.121   11.202  10.153  1.00 7.22 ? 51 PRO A CG   1 
ATOM 709  C CD   . PRO A 1 51 ? 8.175   12.266  9.704   1.00 6.51 ? 51 PRO A CD   1 
ATOM 710  H HA   . PRO A 1 51 ? 7.454   9.425   8.554   1.00 6.15 ? 51 PRO A HA   1 
ATOM 711  H HB2  . PRO A 1 51 ? 7.770   10.115  11.389  1.00 7.37 ? 51 PRO A HB2  1 
ATOM 712  H HB3  . PRO A 1 51 ? 8.804   9.107   10.363  1.00 7.48 ? 51 PRO A HB3  1 
ATOM 713  H HG2  . PRO A 1 51 ? 9.650   11.503  11.046  1.00 7.95 ? 51 PRO A HG2  1 
ATOM 714  H HG3  . PRO A 1 51 ? 9.801   10.953  9.357   1.00 7.28 ? 51 PRO A HG3  1 
ATOM 715  H HD2  . PRO A 1 51 ? 7.626   12.673  10.544  1.00 6.89 ? 51 PRO A HD2  1 
ATOM 716  H HD3  . PRO A 1 51 ? 8.689   13.042  9.159   1.00 6.33 ? 51 PRO A HD3  1 
ATOM 717  N N    . SER A 1 52 ? 5.171   10.790  10.277  1.00 6.09 ? 52 SER A N    1 
ATOM 718  C CA   . SER A 1 52 ? 3.836   10.722  10.878  1.00 6.20 ? 52 SER A CA   1 
ATOM 719  C C    . SER A 1 52 ? 3.032   9.517   10.389  1.00 5.73 ? 52 SER A C    1 
ATOM 720  O O    . SER A 1 52 ? 2.552   9.503   9.256   1.00 5.49 ? 52 SER A O    1 
ATOM 721  C CB   . SER A 1 52 ? 3.067   12.010  10.579  1.00 6.56 ? 52 SER A CB   1 
ATOM 722  O OG   . SER A 1 52 ? 3.410   13.033  11.499  1.00 7.00 ? 52 SER A OG   1 
ATOM 723  H H    . SER A 1 52 ? 5.606   11.648  10.172  1.00 6.21 ? 52 SER A H    1 
ATOM 724  H HA   . SER A 1 52 ? 3.962   10.640  11.946  1.00 6.65 ? 52 SER A HA   1 
ATOM 725  H HB2  . SER A 1 52 ? 3.309   12.346  9.581   1.00 6.64 ? 52 SER A HB2  1 
ATOM 726  H HB3  . SER A 1 52 ? 2.007   11.820  10.648  1.00 6.78 ? 52 SER A HB3  1 
ATOM 727  H HG   . SER A 1 52 ? 2.679   13.649  11.579  1.00 7.24 ? 52 SER A HG   1 
ATOM 728  N N    . PRO A 1 53 ? 2.851   8.493   11.250  1.00 5.84 ? 53 PRO A N    1 
ATOM 729  C CA   . PRO A 1 53 ? 2.075   7.307   10.892  1.00 5.59 ? 53 PRO A CA   1 
ATOM 730  C C    . PRO A 1 53 ? 0.669   7.714   10.491  1.00 4.86 ? 53 PRO A C    1 
ATOM 731  O O    . PRO A 1 53 ? -0.142  8.096   11.330  1.00 5.07 ? 53 PRO A O    1 
ATOM 732  C CB   . PRO A 1 53 ? 2.066   6.462   12.174  1.00 6.27 ? 53 PRO A CB   1 
ATOM 733  C CG   . PRO A 1 53 ? 2.470   7.394   13.265  1.00 6.71 ? 53 PRO A CG   1 
ATOM 734  C CD   . PRO A 1 53 ? 3.358   8.425   12.628  1.00 6.50 ? 53 PRO A CD   1 
ATOM 735  H HA   . PRO A 1 53 ? 2.538   6.757   10.085  1.00 5.77 ? 53 PRO A HA   1 
ATOM 736  H HB2  . PRO A 1 53 ? 1.077   6.065   12.339  1.00 6.13 ? 53 PRO A HB2  1 
ATOM 737  H HB3  . PRO A 1 53 ? 2.771   5.648   12.073  1.00 6.78 ? 53 PRO A HB3  1 
ATOM 738  H HG2  . PRO A 1 53 ? 1.595   7.864   13.688  1.00 6.69 ? 53 PRO A HG2  1 
ATOM 739  H HG3  . PRO A 1 53 ? 3.013   6.854   14.027  1.00 7.39 ? 53 PRO A HG3  1 
ATOM 740  H HD2  . PRO A 1 53 ? 3.249   9.376   13.128  1.00 6.46 ? 53 PRO A HD2  1 
ATOM 741  H HD3  . PRO A 1 53 ? 4.387   8.101   12.644  1.00 7.07 ? 53 PRO A HD3  1 
ATOM 742  N N    . CYS A 1 54 ? 0.406   7.677   9.194   1.00 4.33 ? 54 CYS A N    1 
ATOM 743  C CA   . CYS A 1 54 ? -0.891  8.093   8.666   1.00 3.84 ? 54 CYS A CA   1 
ATOM 744  C C    . CYS A 1 54 ? -1.716  6.909   8.182   1.00 3.39 ? 54 CYS A C    1 
ATOM 745  O O    . CYS A 1 54 ? -1.172  5.916   7.697   1.00 3.93 ? 54 CYS A O    1 
ATOM 746  C CB   . CYS A 1 54 ? -0.708  9.098   7.516   1.00 4.12 ? 54 CYS A CB   1 
ATOM 747  S SG   . CYS A 1 54 ? 0.963   9.138   6.775   1.00 4.10 ? 54 CYS A SG   1 
ATOM 748  H H    . CYS A 1 54 ? 1.109   7.394   8.574   1.00 4.51 ? 54 CYS A H    1 
ATOM 749  H HA   . CYS A 1 54 ? -1.430  8.584   9.465   1.00 4.01 ? 54 CYS A HA   1 
ATOM 750  H HB2  . CYS A 1 54 ? -1.403  8.859   6.729   1.00 4.61 ? 54 CYS A HB2  1 
ATOM 751  H HB3  . CYS A 1 54 ? -0.923  10.090  7.884   1.00 4.39 ? 54 CYS A HB3  1 
ATOM 752  N N    . GLN A 1 55 ? -3.039  7.040   8.324   1.00 2.81 ? 55 GLN A N    1 
ATOM 753  C CA   . GLN A 1 55 ? -3.993  6.013   7.900   1.00 2.78 ? 55 GLN A CA   1 
ATOM 754  C C    . GLN A 1 55 ? -3.419  5.138   6.792   1.00 2.68 ? 55 GLN A C    1 
ATOM 755  O O    . GLN A 1 55 ? -2.792  5.632   5.857   1.00 2.89 ? 55 GLN A O    1 
ATOM 756  C CB   . GLN A 1 55 ? -5.277  6.683   7.403   1.00 2.94 ? 55 GLN A CB   1 
ATOM 757  C CG   . GLN A 1 55 ? -6.340  5.707   6.922   1.00 3.60 ? 55 GLN A CG   1 
ATOM 758  C CD   . GLN A 1 55 ? -6.946  6.125   5.596   1.00 4.35 ? 55 GLN A CD   1 
ATOM 759  O OE1  . GLN A 1 55 ? -6.830  7.282   5.189   1.00 4.80 ? 55 GLN A OE1  1 
ATOM 760  N NE2  . GLN A 1 55 ? -7.591  5.188   4.912   1.00 4.93 ? 55 GLN A NE2  1 
ATOM 761  H H    . GLN A 1 55 ? -3.388  7.861   8.731   1.00 2.80 ? 55 GLN A H    1 
ATOM 762  H HA   . GLN A 1 55 ? -4.225  5.397   8.749   1.00 3.37 ? 55 GLN A HA   1 
ATOM 763  H HB2  . GLN A 1 55 ? -5.696  7.271   8.206   1.00 3.50 ? 55 GLN A HB2  1 
ATOM 764  H HB3  . GLN A 1 55 ? -5.027  7.339   6.581   1.00 2.72 ? 55 GLN A HB3  1 
ATOM 765  H HG2  . GLN A 1 55 ? -5.893  4.730   6.807   1.00 3.82 ? 55 GLN A HG2  1 
ATOM 766  H HG3  . GLN A 1 55 ? -7.127  5.658   7.661   1.00 3.89 ? 55 GLN A HG3  1 
ATOM 767  H HE21 . GLN A 1 55 ? -7.642  4.287   5.293   1.00 4.89 ? 55 GLN A HE21 1 
ATOM 768  H HE22 . GLN A 1 55 ? -7.988  5.436   4.051   1.00 5.61 ? 55 GLN A HE22 1 
ATOM 769  N N    . SER A 1 56 ? -3.643  3.842   6.903   1.00 2.94 ? 56 SER A N    1 
ATOM 770  C CA   . SER A 1 56 ? -3.152  2.905   5.907   1.00 3.10 ? 56 SER A CA   1 
ATOM 771  C C    . SER A 1 56 ? -4.295  2.075   5.369   1.00 2.58 ? 56 SER A C    1 
ATOM 772  O O    . SER A 1 56 ? -5.437  2.228   5.807   1.00 2.69 ? 56 SER A O    1 
ATOM 773  C CB   . SER A 1 56 ? -2.078  2.006   6.509   1.00 3.99 ? 56 SER A CB   1 
ATOM 774  O OG   . SER A 1 56 ? -1.059  2.777   7.120   1.00 4.68 ? 56 SER A OG   1 
ATOM 775  H H    . SER A 1 56 ? -4.156  3.506   7.668   1.00 3.34 ? 56 SER A H    1 
ATOM 776  H HA   . SER A 1 56 ? -2.724  3.474   5.094   1.00 3.48 ? 56 SER A HA   1 
ATOM 777  H HB2  . SER A 1 56 ? -2.524  1.363   7.256   1.00 4.10 ? 56 SER A HB2  1 
ATOM 778  H HB3  . SER A 1 56 ? -1.637  1.403   5.727   1.00 4.48 ? 56 SER A HB3  1 
ATOM 779  H HG   . SER A 1 56 ? -0.527  3.198   6.441   1.00 4.99 ? 56 SER A HG   1 
ATOM 780  N N    . GLY A 1 57 ? -4.002  1.190   4.429   1.00 2.49 ? 57 GLY A N    1 
ATOM 781  C CA   . GLY A 1 57 ? -5.057  0.364   3.883   1.00 2.63 ? 57 GLY A CA   1 
ATOM 782  C C    . GLY A 1 57 ? -4.664  -1.074  3.905   1.00 2.44 ? 57 GLY A C    1 
ATOM 783  O O    . GLY A 1 57 ? -4.845  -1.797  2.927   1.00 2.35 ? 57 GLY A O    1 
ATOM 784  H H    . GLY A 1 57 ? -3.052  1.082   4.106   1.00 2.69 ? 57 GLY A H    1 
ATOM 785  H HA2  . GLY A 1 57 ? -5.956  0.495   4.471   1.00 3.06 ? 57 GLY A HA2  1 
ATOM 786  H HA3  . GLY A 1 57 ? -5.252  0.662   2.863   1.00 2.96 ? 57 GLY A HA3  1 
ATOM 787  N N    . GLN A 1 58 ? -4.077  -1.489  5.018   1.00 2.58 ? 58 GLN A N    1 
ATOM 788  C CA   . GLN A 1 58 ? -3.607  -2.834  5.128   1.00 2.45 ? 58 GLN A CA   1 
ATOM 789  C C    . GLN A 1 58 ? -4.594  -3.758  5.833   1.00 1.91 ? 58 GLN A C    1 
ATOM 790  O O    . GLN A 1 58 ? -4.437  -4.061  7.013   1.00 2.06 ? 58 GLN A O    1 
ATOM 791  C CB   . GLN A 1 58 ? -2.304  -2.787  5.887   1.00 3.00 ? 58 GLN A CB   1 
ATOM 792  C CG   . GLN A 1 58 ? -1.140  -2.421  4.993   1.00 3.60 ? 58 GLN A CG   1 
ATOM 793  C CD   . GLN A 1 58 ? -0.476  -3.625  4.356   1.00 3.96 ? 58 GLN A CD   1 
ATOM 794  O OE1  . GLN A 1 58 ? -0.815  -4.014  3.240   1.00 4.27 ? 58 GLN A OE1  1 
ATOM 795  N NE2  . GLN A 1 58 ? 0.480   -4.219  5.061   1.00 4.27 ? 58 GLN A NE2  1 
ATOM 796  H H    . GLN A 1 58 ? -3.923  -0.869  5.755   1.00 2.87 ? 58 GLN A H    1 
ATOM 797  H HA   . GLN A 1 58 ? -3.393  -3.201  4.146   1.00 2.52 ? 58 GLN A HA   1 
ATOM 798  H HB2  . GLN A 1 58 ? -2.380  -2.048  6.671   1.00 3.23 ? 58 GLN A HB2  1 
ATOM 799  H HB3  . GLN A 1 58 ? -2.117  -3.742  6.322   1.00 2.89 ? 58 GLN A HB3  1 
ATOM 800  H HG2  . GLN A 1 58 ? -1.496  -1.769  4.211   1.00 3.51 ? 58 GLN A HG2  1 
ATOM 801  H HG3  . GLN A 1 58 ? -0.422  -1.903  5.580   1.00 3.98 ? 58 GLN A HG3  1 
ATOM 802  H HE21 . GLN A 1 58 ? 0.701   -3.853  5.944   1.00 4.39 ? 58 GLN A HE21 1 
ATOM 803  H HE22 . GLN A 1 58 ? 0.927   -4.998  4.669   1.00 4.55 ? 58 GLN A HE22 1 
ATOM 804  N N    . LYS A 1 59 ? -5.576  -4.256  5.075   1.00 1.57 ? 59 LYS A N    1 
ATOM 805  C CA   . LYS A 1 59 ? -6.533  -5.194  5.582   1.00 1.34 ? 59 LYS A CA   1 
ATOM 806  C C    . LYS A 1 59 ? -5.881  -6.574  5.668   1.00 1.21 ? 59 LYS A C    1 
ATOM 807  O O    . LYS A 1 59 ? -5.579  -7.184  4.647   1.00 1.06 ? 59 LYS A O    1 
ATOM 808  C CB   . LYS A 1 59 ? -7.792  -5.203  4.713   1.00 1.53 ? 59 LYS A CB   1 
ATOM 809  C CG   . LYS A 1 59 ? -7.626  -4.708  3.281   1.00 1.72 ? 59 LYS A CG   1 
ATOM 810  C CD   . LYS A 1 59 ? -8.409  -3.413  3.077   1.00 2.01 ? 59 LYS A CD   1 
ATOM 811  C CE   . LYS A 1 59 ? -7.769  -2.503  2.035   1.00 2.41 ? 59 LYS A CE   1 
ATOM 812  N NZ   . LYS A 1 59 ? -7.352  -3.259  0.823   1.00 3.08 ? 59 LYS A NZ   1 
ATOM 813  H H    . LYS A 1 59 ? -5.638  -4.009  4.153   1.00 1.74 ? 59 LYS A H    1 
ATOM 814  H HA   . LYS A 1 59 ? -6.794  -4.867  6.569   1.00 1.52 ? 59 LYS A HA   1 
ATOM 815  H HB2  . LYS A 1 59 ? -8.195  -6.202  4.685   1.00 1.90 ? 59 LYS A HB2  1 
ATOM 816  H HB3  . LYS A 1 59 ? -8.490  -4.555  5.184   1.00 1.90 ? 59 LYS A HB3  1 
ATOM 817  H HG2  . LYS A 1 59 ? -6.584  -4.529  3.075   1.00 1.82 ? 59 LYS A HG2  1 
ATOM 818  H HG3  . LYS A 1 59 ? -8.008  -5.457  2.605   1.00 2.10 ? 59 LYS A HG3  1 
ATOM 819  H HD2  . LYS A 1 59 ? -9.408  -3.663  2.757   1.00 2.17 ? 59 LYS A HD2  1 
ATOM 820  H HD3  . LYS A 1 59 ? -8.460  -2.885  4.018   1.00 2.46 ? 59 LYS A HD3  1 
ATOM 821  H HE2  . LYS A 1 59 ? -8.493  -1.754  1.745   1.00 2.74 ? 59 LYS A HE2  1 
ATOM 822  H HE3  . LYS A 1 59 ? -6.897  -2.012  2.473   1.00 2.41 ? 59 LYS A HE3  1 
ATOM 823  H HZ1  . LYS A 1 59 ? -8.102  -3.924  0.541   1.00 3.49 ? 59 LYS A HZ1  1 
ATOM 824  H HZ2  . LYS A 1 59 ? -6.484  -3.794  1.016   1.00 3.38 ? 59 LYS A HZ2  1 
ATOM 825  H HZ3  . LYS A 1 59 ? -7.173  -2.602  0.035   1.00 3.38 ? 59 LYS A HZ3  1 
ATOM 826  N N    . PRO A 1 60 ? -5.602  -7.060  6.887   1.00 1.33 ? 60 PRO A N    1 
ATOM 827  C CA   . PRO A 1 60 ? -4.925  -8.338  7.101   1.00 1.32 ? 60 PRO A CA   1 
ATOM 828  C C    . PRO A 1 60 ? -5.341  -9.472  6.168   1.00 1.22 ? 60 PRO A C    1 
ATOM 829  O O    . PRO A 1 60 ? -6.453  -9.502  5.643   1.00 1.20 ? 60 PRO A O    1 
ATOM 830  C CB   . PRO A 1 60 ? -5.299  -8.680  8.542   1.00 1.55 ? 60 PRO A CB   1 
ATOM 831  C CG   . PRO A 1 60 ? -5.464  -7.362  9.221   1.00 1.64 ? 60 PRO A CG   1 
ATOM 832  C CD   . PRO A 1 60 ? -5.880  -6.372  8.163   1.00 1.54 ? 60 PRO A CD   1 
ATOM 833  H HA   . PRO A 1 60 ? -3.865  -8.217  7.022   1.00 1.30 ? 60 PRO A HA   1 
ATOM 834  H HB2  . PRO A 1 60 ? -6.219  -9.246  8.551   1.00 1.60 ? 60 PRO A HB2  1 
ATOM 835  H HB3  . PRO A 1 60 ? -4.510  -9.260  8.996   1.00 1.62 ? 60 PRO A HB3  1 
ATOM 836  H HG2  . PRO A 1 60 ? -6.230  -7.438  9.979   1.00 1.79 ? 60 PRO A HG2  1 
ATOM 837  H HG3  . PRO A 1 60 ? -4.527  -7.062  9.666   1.00 1.68 ? 60 PRO A HG3  1 
ATOM 838  H HD2  . PRO A 1 60 ? -6.931  -6.144  8.252   1.00 1.64 ? 60 PRO A HD2  1 
ATOM 839  H HD3  . PRO A 1 60 ? -5.293  -5.472  8.249   1.00 1.57 ? 60 PRO A HD3  1 
ATOM 840  N N    . CYS A 1 61 ? -4.420  -10.430 6.022   1.00 1.23 ? 61 CYS A N    1 
ATOM 841  C CA   . CYS A 1 61 ? -4.630  -11.618 5.212   1.00 1.21 ? 61 CYS A CA   1 
ATOM 842  C C    . CYS A 1 61 ? -3.626  -12.697 5.591   1.00 1.33 ? 61 CYS A C    1 
ATOM 843  O O    . CYS A 1 61 ? -2.530  -12.409 6.103   1.00 1.38 ? 61 CYS A O    1 
ATOM 844  C CB   . CYS A 1 61 ? -4.523  -11.336 3.711   1.00 1.09 ? 61 CYS A CB   1 
ATOM 845  S SG   . CYS A 1 61 ? -3.645  -9.800  3.284   1.00 1.04 ? 61 CYS A SG   1 
ATOM 846  H H    . CYS A 1 61 ? -3.579  -10.347 6.505   1.00 1.29 ? 61 CYS A H    1 
ATOM 847  H HA   . CYS A 1 61 ? -5.616  -11.977 5.431   1.00 1.26 ? 61 CYS A HA   1 
ATOM 848  H HB2  . CYS A 1 61 ? -3.998  -12.153 3.241   1.00 1.26 ? 61 CYS A HB2  1 
ATOM 849  H HB3  . CYS A 1 61 ? -5.519  -11.272 3.295   1.00 1.14 ? 61 CYS A HB3  1 
ATOM 850  N N    . GLY A 1 62 ? -4.011  -13.939 5.326   1.00 1.42 ? 62 GLY A N    1 
ATOM 851  C CA   . GLY A 1 62 ? -3.171  -15.067 5.635   1.00 1.59 ? 62 GLY A CA   1 
ATOM 852  C C    . GLY A 1 62 ? -1.980  -15.210 4.705   1.00 1.59 ? 62 GLY A C    1 
ATOM 853  O O    . GLY A 1 62 ? -1.258  -16.205 4.774   1.00 1.76 ? 62 GLY A O    1 
ATOM 854  H H    . GLY A 1 62 ? -4.881  -14.089 4.918   1.00 1.41 ? 62 GLY A H    1 
ATOM 855  H HA2  . GLY A 1 62 ? -2.819  -14.957 6.644   1.00 1.67 ? 62 GLY A HA2  1 
ATOM 856  H HA3  . GLY A 1 62 ? -3.767  -15.968 5.575   1.00 1.69 ? 62 GLY A HA3  1 
ATOM 857  N N    . SER A 1 63 ? -1.768  -14.232 3.829   1.00 1.43 ? 63 SER A N    1 
ATOM 858  C CA   . SER A 1 63 ? -0.660  -14.283 2.902   1.00 1.45 ? 63 SER A CA   1 
ATOM 859  C C    . SER A 1 63 ? 0.562   -13.561 3.464   1.00 1.47 ? 63 SER A C    1 
ATOM 860  O O    . SER A 1 63 ? 1.260   -12.846 2.746   1.00 1.38 ? 63 SER A O    1 
ATOM 861  C CB   . SER A 1 63 ? -1.064  -13.685 1.552   1.00 1.32 ? 63 SER A CB   1 
ATOM 862  O OG   . SER A 1 63 ? -0.110  -13.990 0.549   1.00 1.40 ? 63 SER A OG   1 
ATOM 863  H H    . SER A 1 63 ? -2.364  -13.472 3.800   1.00 1.31 ? 63 SER A H    1 
ATOM 864  H HA   . SER A 1 63 ? -0.420  -15.312 2.773   1.00 1.59 ? 63 SER A HA   1 
ATOM 865  H HB2  . SER A 1 63 ? -2.020  -14.088 1.254   1.00 1.33 ? 63 SER A HB2  1 
ATOM 866  H HB3  . SER A 1 63 ? -1.138  -12.613 1.645   1.00 1.19 ? 63 SER A HB3  1 
ATOM 867  H HG   . SER A 1 63 ? 0.045   -13.214 0.008   1.00 1.66 ? 63 SER A HG   1 
ATOM 868  N N    . GLY A 1 64 ? 0.817   -13.768 4.751   1.00 1.62 ? 64 GLY A N    1 
ATOM 869  C CA   . GLY A 1 64 ? 1.956   -13.157 5.403   1.00 1.70 ? 64 GLY A CA   1 
ATOM 870  C C    . GLY A 1 64 ? 1.910   -11.645 5.448   1.00 1.57 ? 64 GLY A C    1 
ATOM 871  O O    . GLY A 1 64 ? 2.909   -10.977 5.176   1.00 1.62 ? 64 GLY A O    1 
ATOM 872  H H    . GLY A 1 64 ? 0.231   -14.358 5.260   1.00 1.69 ? 64 GLY A H    1 
ATOM 873  H HA2  . GLY A 1 64 ? 2.018   -13.527 6.414   1.00 1.83 ? 64 GLY A HA2  1 
ATOM 874  H HA3  . GLY A 1 64 ? 2.829   -13.454 4.878   1.00 1.77 ? 64 GLY A HA3  1 
ATOM 875  N N    . GLY A 1 65 ? 0.755   -11.106 5.783   1.00 1.45 ? 65 GLY A N    1 
ATOM 876  C CA   . GLY A 1 65 ? 0.599   -9.669  5.857   1.00 1.36 ? 65 GLY A CA   1 
ATOM 877  C C    . GLY A 1 65 ? -0.819  -9.193  5.722   1.00 1.23 ? 65 GLY A C    1 
ATOM 878  O O    . GLY A 1 65 ? -1.765  -9.889  6.087   1.00 1.23 ? 65 GLY A O    1 
ATOM 879  H H    . GLY A 1 65 ? 0.000   -11.686 5.973   1.00 1.43 ? 65 GLY A H    1 
ATOM 880  H HA2  . GLY A 1 65 ? 0.993   -9.329  6.792   1.00 1.48 ? 65 GLY A HA2  1 
ATOM 881  H HA3  . GLY A 1 65 ? 1.184   -9.234  5.072   1.00 1.32 ? 65 GLY A HA3  1 
ATOM 882  N N    . ARG A 1 66 ? -0.961  -7.987  5.191   1.00 1.16 ? 66 ARG A N    1 
ATOM 883  C CA   . ARG A 1 66 ? -2.255  -7.391  4.994   1.00 1.09 ? 66 ARG A CA   1 
ATOM 884  C C    . ARG A 1 66 ? -2.453  -7.046  3.536   1.00 0.95 ? 66 ARG A C    1 
ATOM 885  O O    . ARG A 1 66 ? -1.494  -6.830  2.801   1.00 0.90 ? 66 ARG A O    1 
ATOM 886  C CB   . ARG A 1 66 ? -2.441  -6.115  5.803   1.00 1.21 ? 66 ARG A CB   1 
ATOM 887  C CG   . ARG A 1 66 ? -1.570  -6.044  7.041   1.00 1.38 ? 66 ARG A CG   1 
ATOM 888  C CD   . ARG A 1 66 ? -1.886  -7.170  8.001   1.00 1.45 ? 66 ARG A CD   1 
ATOM 889  N NE   . ARG A 1 66 ? -1.340  -6.911  9.334   1.00 1.65 ? 66 ARG A NE   1 
ATOM 890  C CZ   . ARG A 1 66 ? -0.640  -7.795  10.042  1.00 2.13 ? 66 ARG A CZ   1 
ATOM 891  N NH1  . ARG A 1 66 ? -0.456  -9.032  9.597   1.00 2.77 ? 66 ARG A NH1  1 
ATOM 892  N NH2  . ARG A 1 66 ? -0.123  -7.442  11.211  1.00 2.26 ? 66 ARG A NH2  1 
ATOM 893  H H    . ARG A 1 66 ? -0.173  -7.494  4.924   1.00 1.19 ? 66 ARG A H    1 
ATOM 894  H HA   . ARG A 1 66 ? -2.976  -8.107  5.312   1.00 1.10 ? 66 ARG A HA   1 
ATOM 895  H HB2  . ARG A 1 66 ? -2.209  -5.268  5.172   1.00 1.18 ? 66 ARG A HB2  1 
ATOM 896  H HB3  . ARG A 1 66 ? -3.480  -6.054  6.101   1.00 1.24 ? 66 ARG A HB3  1 
ATOM 897  H HG2  . ARG A 1 66 ? -0.534  -6.119  6.744   1.00 1.39 ? 66 ARG A HG2  1 
ATOM 898  H HG3  . ARG A 1 66 ? -1.738  -5.100  7.538   1.00 1.49 ? 66 ARG A HG3  1 
ATOM 899  H HD2  . ARG A 1 66 ? -2.955  -7.274  8.061   1.00 1.44 ? 66 ARG A HD2  1 
ATOM 900  H HD3  . ARG A 1 66 ? -1.464  -8.080  7.616   1.00 1.40 ? 66 ARG A HD3  1 
ATOM 901  H HE   . ARG A 1 66 ? -1.478  -6.017  9.710   1.00 1.72 ? 66 ARG A HE   1 
ATOM 902  H HH11 . ARG A 1 66 ? -0.844  -9.314  8.723   1.00 2.73 ? 66 ARG A HH11 1 
ATOM 903  H HH12 . ARG A 1 66 ? 0.072   -9.684  10.143  1.00 3.40 ? 66 ARG A HH12 1 
ATOM 904  H HH21 . ARG A 1 66 ? -0.260  -6.515  11.558  1.00 2.03 ? 66 ARG A HH21 1 
ATOM 905  H HH22 . ARG A 1 66 ? 0.402   -8.104  11.745  1.00 2.76 ? 66 ARG A HH22 1 
ATOM 906  N N    . CYS A 1 67 ? -3.699  -6.975  3.129   1.00 0.93 ? 67 CYS A N    1 
ATOM 907  C CA   . CYS A 1 67 ? -4.025  -6.622  1.763   1.00 0.88 ? 67 CYS A CA   1 
ATOM 908  C C    . CYS A 1 67 ? -3.550  -5.211  1.482   1.00 0.94 ? 67 CYS A C    1 
ATOM 909  O O    . CYS A 1 67 ? -3.242  -4.452  2.397   1.00 1.17 ? 67 CYS A O    1 
ATOM 910  C CB   . CYS A 1 67 ? -5.525  -6.816  1.514   1.00 0.98 ? 67 CYS A CB   1 
ATOM 911  S SG   . CYS A 1 67 ? -6.035  -6.755  -0.233  1.00 1.03 ? 67 CYS A SG   1 
ATOM 912  H H    . CYS A 1 67 ? -4.415  -7.147  3.768   1.00 1.00 ? 67 CYS A H    1 
ATOM 913  H HA   . CYS A 1 67 ? -3.473  -7.271  1.113   1.00 0.81 ? 67 CYS A HA   1 
ATOM 914  H HB2  . CYS A 1 67 ? -5.809  -7.779  1.905   1.00 0.99 ? 67 CYS A HB2  1 
ATOM 915  H HB3  . CYS A 1 67 ? -6.070  -6.065  2.034   1.00 1.11 ? 67 CYS A HB3  1 
ATOM 916  N N    . ALA A 1 68 ? -3.404  -4.899  0.212   1.00 0.84 ? 68 ALA A N    1 
ATOM 917  C CA   . ALA A 1 68 ? -2.870  -3.611  -0.193  1.00 0.90 ? 68 ALA A CA   1 
ATOM 918  C C    . ALA A 1 68 ? -3.352  -3.194  -1.598  1.00 0.94 ? 68 ALA A C    1 
ATOM 919  O O    . ALA A 1 68 ? -4.448  -2.658  -1.766  1.00 1.25 ? 68 ALA A O    1 
ATOM 920  C CB   . ALA A 1 68 ? -1.342  -3.718  -0.140  1.00 0.87 ? 68 ALA A CB   1 
ATOM 921  H H    . ALA A 1 68 ? -3.594  -5.577  -0.467  1.00 0.80 ? 68 ALA A H    1 
ATOM 922  H HA   . ALA A 1 68 ? -3.179  -2.861  0.522   1.00 1.02 ? 68 ALA A HA   1 
ATOM 923  H HB1  . ALA A 1 68 ? -1.032  -4.679  -0.570  1.00 1.38 ? 68 ALA A HB1  1 
ATOM 924  H HB2  . ALA A 1 68 ? -1.008  -3.668  0.885   1.00 1.24 ? 68 ALA A HB2  1 
ATOM 925  H HB3  . ALA A 1 68 ? -0.902  -2.907  -0.699  1.00 1.32 ? 68 ALA A HB3  1 
ATOM 926  N N    . ALA A 1 69 ? -2.486  -3.421  -2.579  1.00 0.77 ? 69 ALA A N    1 
ATOM 927  C CA   . ALA A 1 69 ? -2.719  -3.091  -3.986  1.00 0.84 ? 69 ALA A CA   1 
ATOM 928  C C    . ALA A 1 69 ? -3.719  -4.025  -4.652  1.00 0.89 ? 69 ALA A C    1 
ATOM 929  O O    . ALA A 1 69 ? -4.363  -4.809  -3.964  1.00 0.87 ? 69 ALA A O    1 
ATOM 930  C CB   . ALA A 1 69 ? -1.406  -3.141  -4.736  1.00 0.88 ? 69 ALA A CB   1 
ATOM 931  H H    . ALA A 1 69 ? -1.646  -3.814  -2.343  1.00 0.76 ? 69 ALA A H    1 
ATOM 932  H HA   . ALA A 1 69 ? -3.100  -2.100  -4.032  1.00 0.91 ? 69 ALA A HA   1 
ATOM 933  H HB1  . ALA A 1 69 ? -1.606  -3.217  -5.791  1.00 1.34 ? 69 ALA A HB1  1 
ATOM 934  H HB2  . ALA A 1 69 ? -0.844  -4.007  -4.413  1.00 1.32 ? 69 ALA A HB2  1 
ATOM 935  H HB3  . ALA A 1 69 ? -0.835  -2.247  -4.536  1.00 1.39 ? 69 ALA A HB3  1 
ATOM 936  N N    . ALA A 1 70 ? -3.847  -3.937  -6.009  1.00 1.01 ? 70 ALA A N    1 
ATOM 937  C CA   . ALA A 1 70 ? -4.781  -4.810  -6.748  1.00 1.12 ? 70 ALA A CA   1 
ATOM 938  C C    . ALA A 1 70 ? -4.741  -6.185  -6.153  1.00 1.08 ? 70 ALA A C    1 
ATOM 939  O O    . ALA A 1 70 ? -4.082  -7.070  -6.688  1.00 1.29 ? 70 ALA A O    1 
ATOM 940  C CB   . ALA A 1 70 ? -4.413  -4.949  -8.223  1.00 1.28 ? 70 ALA A CB   1 
ATOM 941  H H    . ALA A 1 70 ? -3.297  -3.284  -6.515  1.00 1.04 ? 70 ALA A H    1 
ATOM 942  H HA   . ALA A 1 70 ? -5.778  -4.401  -6.670  1.00 1.18 ? 70 ALA A HA   1 
ATOM 943  H HB1  . ALA A 1 70 ? -3.499  -4.413  -8.423  1.00 1.67 ? 70 ALA A HB1  1 
ATOM 944  H HB2  . ALA A 1 70 ? -5.210  -4.552  -8.833  1.00 1.63 ? 70 ALA A HB2  1 
ATOM 945  H HB3  . ALA A 1 70 ? -4.268  -6.014  -8.456  1.00 1.68 ? 70 ALA A HB3  1 
ATOM 946  N N    . GLY A 1 71 ? -5.356  -6.363  -5.010  1.00 1.03 ? 71 GLY A N    1 
ATOM 947  C CA   . GLY A 1 71 ? -5.252  -7.629  -4.381  1.00 0.99 ? 71 GLY A CA   1 
ATOM 948  C C    . GLY A 1 71 ? -3.793  -7.940  -4.160  1.00 0.92 ? 71 GLY A C    1 
ATOM 949  O O    . GLY A 1 71 ? -3.176  -8.688  -4.908  1.00 1.09 ? 71 GLY A O    1 
ATOM 950  H H    . GLY A 1 71 ? -5.804  -5.621  -4.563  1.00 1.15 ? 71 GLY A H    1 
ATOM 951  H HA2  . GLY A 1 71 ? -5.766  -7.596  -3.435  1.00 0.97 ? 71 GLY A HA2  1 
ATOM 952  H HA3  . GLY A 1 71 ? -5.683  -8.379  -5.009  1.00 1.08 ? 71 GLY A HA3  1 
ATOM 953  N N    . ILE A 1 72 ? -3.248  -7.351  -3.124  1.00 0.79 ? 72 ILE A N    1 
ATOM 954  C CA   . ILE A 1 72 ? -1.864  -7.532  -2.766  1.00 0.75 ? 72 ILE A CA   1 
ATOM 955  C C    . ILE A 1 72 ? -1.742  -7.503  -1.261  1.00 0.72 ? 72 ILE A C    1 
ATOM 956  O O    . ILE A 1 72 ? -2.094  -6.533  -0.608  1.00 0.80 ? 72 ILE A O    1 
ATOM 957  C CB   . ILE A 1 72 ? -0.937  -6.460  -3.396  1.00 0.75 ? 72 ILE A CB   1 
ATOM 958  C CG1  . ILE A 1 72 ? -0.553  -6.857  -4.821  1.00 0.88 ? 72 ILE A CG1  1 
ATOM 959  C CG2  . ILE A 1 72 ? 0.315   -6.226  -2.559  1.00 0.76 ? 72 ILE A CG2  1 
ATOM 960  C CD1  . ILE A 1 72 ? 0.732   -7.664  -4.943  1.00 0.99 ? 72 ILE A CD1  1 
ATOM 961  H H    . ILE A 1 72 ? -3.794  -6.785  -2.579  1.00 0.81 ? 72 ILE A H    1 
ATOM 962  H HA   . ILE A 1 72 ? -1.570  -8.495  -3.119  1.00 0.82 ? 72 ILE A HA   1 
ATOM 963  H HB   . ILE A 1 72 ? -1.484  -5.532  -3.433  1.00 0.74 ? 72 ILE A HB   1 
ATOM 964  H HG12 . ILE A 1 72 ? -1.354  -7.445  -5.239  1.00 0.93 ? 72 ILE A HG12 1 
ATOM 965  H HG13 . ILE A 1 72 ? -0.429  -5.958  -5.402  1.00 0.92 ? 72 ILE A HG13 1 
ATOM 966  H HG21 . ILE A 1 72 ? 0.069   -5.646  -1.682  1.00 1.21 ? 72 ILE A HG21 1 
ATOM 967  H HG22 . ILE A 1 72 ? 1.041   -5.691  -3.154  1.00 1.26 ? 72 ILE A HG22 1 
ATOM 968  H HG23 . ILE A 1 72 ? 0.732   -7.179  -2.262  1.00 1.32 ? 72 ILE A HG23 1 
ATOM 969  H HD11 . ILE A 1 72 ? 1.444   -7.116  -5.544  1.00 1.47 ? 72 ILE A HD11 1 
ATOM 970  H HD12 . ILE A 1 72 ? 0.518   -8.612  -5.421  1.00 1.33 ? 72 ILE A HD12 1 
ATOM 971  H HD13 . ILE A 1 72 ? 1.153   -7.833  -3.959  1.00 1.48 ? 72 ILE A HD13 1 
ATOM 972  N N    . CYS A 1 73 ? -1.247  -8.582  -0.727  1.00 0.74 ? 73 CYS A N    1 
ATOM 973  C CA   . CYS A 1 73 ? -1.065  -8.716  0.681   1.00 0.78 ? 73 CYS A CA   1 
ATOM 974  C C    . CYS A 1 73 ? 0.406   -8.442  0.963   1.00 0.86 ? 73 CYS A C    1 
ATOM 975  O O    . CYS A 1 73 ? 1.278   -9.261  0.653   1.00 0.97 ? 73 CYS A O    1 
ATOM 976  C CB   . CYS A 1 73 ? -1.549  -10.116 1.132   1.00 0.85 ? 73 CYS A CB   1 
ATOM 977  S SG   . CYS A 1 73 ? -1.719  -10.351 2.931   1.00 0.99 ? 73 CYS A SG   1 
ATOM 978  H H    . CYS A 1 73 ? -0.983  -9.291  -1.295  1.00 0.81 ? 73 CYS A H    1 
ATOM 979  H HA   . CYS A 1 73 ? -1.665  -7.953  1.133   1.00 0.76 ? 73 CYS A HA   1 
ATOM 980  H HB2  . CYS A 1 73 ? -2.528  -10.288 0.708   1.00 0.83 ? 73 CYS A HB2  1 
ATOM 981  H HB3  . CYS A 1 73 ? -0.879  -10.873 0.754   1.00 0.91 ? 73 CYS A HB3  1 
ATOM 982  N N    . CYS A 1 74 ? 0.686   -7.233  1.456   1.00 0.87 ? 74 CYS A N    1 
ATOM 983  C CA   . CYS A 1 74 ? 2.063   -6.821  1.681   1.00 0.98 ? 74 CYS A CA   1 
ATOM 984  C C    . CYS A 1 74 ? 2.585   -7.186  3.055   1.00 1.15 ? 74 CYS A C    1 
ATOM 985  O O    . CYS A 1 74 ? 1.833   -7.327  4.020   1.00 1.20 ? 74 CYS A O    1 
ATOM 986  C CB   . CYS A 1 74 ? 2.252   -5.323  1.433   1.00 0.97 ? 74 CYS A CB   1 
ATOM 987  S SG   . CYS A 1 74 ? 3.938   -4.901  0.894   1.00 1.08 ? 74 CYS A SG   1 
ATOM 988  H H    . CYS A 1 74 ? -0.046  -6.591  1.614   1.00 0.84 ? 74 CYS A H    1 
ATOM 989  H HA   . CYS A 1 74 ? 2.658   -7.352  0.967   1.00 1.01 ? 74 CYS A HA   1 
ATOM 990  H HB2  . CYS A 1 74 ? 1.568   -4.996  0.662   1.00 0.88 ? 74 CYS A HB2  1 
ATOM 991  H HB3  . CYS A 1 74 ? 2.052   -4.782  2.348   1.00 1.04 ? 74 CYS A HB3  1 
ATOM 992  N N    . SER A 1 75 ? 3.901   -7.332  3.104   1.00 1.27 ? 75 SER A N    1 
ATOM 993  C CA   . SER A 1 75 ? 4.612   -7.682  4.305   1.00 1.46 ? 75 SER A CA   1 
ATOM 994  C C    . SER A 1 75 ? 5.649   -6.610  4.651   1.00 1.57 ? 75 SER A C    1 
ATOM 995  O O    . SER A 1 75 ? 5.774   -5.609  3.946   1.00 1.50 ? 75 SER A O    1 
ATOM 996  C CB   . SER A 1 75 ? 5.291   -9.039  4.118   1.00 1.56 ? 75 SER A CB   1 
ATOM 997  O OG   . SER A 1 75 ? 4.520   -9.884  3.278   1.00 1.47 ? 75 SER A OG   1 
ATOM 998  H H    . SER A 1 75 ? 4.412   -7.199  2.295   1.00 1.26 ? 75 SER A H    1 
ATOM 999  H HA   . SER A 1 75 ? 3.895   -7.748  5.090   1.00 1.48 ? 75 SER A HA   1 
ATOM 1000 H HB2  . SER A 1 75 ? 6.260   -8.893  3.664   1.00 1.61 ? 75 SER A HB2  1 
ATOM 1001 H HB3  . SER A 1 75 ? 5.413   -9.517  5.075   1.00 1.68 ? 75 SER A HB3  1 
ATOM 1002 H HG   . SER A 1 75 ? 3.789   -10.254 3.777   1.00 1.65 ? 75 SER A HG   1 
ATOM 1003 N N    . PRO A 1 76 ? 6.408   -6.808  5.745   1.00 1.76 ? 76 PRO A N    1 
ATOM 1004 C CA   . PRO A 1 76 ? 7.436   -5.854  6.187   1.00 1.89 ? 76 PRO A CA   1 
ATOM 1005 C C    . PRO A 1 76 ? 8.667   -5.872  5.280   1.00 1.92 ? 76 PRO A C    1 
ATOM 1006 O O    . PRO A 1 76 ? 9.538   -5.008  5.382   1.00 2.02 ? 76 PRO A O    1 
ATOM 1007 C CB   . PRO A 1 76 ? 7.821   -6.356  7.588   1.00 2.10 ? 76 PRO A CB   1 
ATOM 1008 C CG   . PRO A 1 76 ? 6.802   -7.388  7.947   1.00 2.05 ? 76 PRO A CG   1 
ATOM 1009 C CD   . PRO A 1 76 ? 6.319   -7.957  6.649   1.00 1.87 ? 76 PRO A CD   1 
ATOM 1010 H HA   . PRO A 1 76 ? 7.050   -4.850  6.251   1.00 1.86 ? 76 PRO A HA   1 
ATOM 1011 H HB2  . PRO A 1 76 ? 8.812   -6.783  7.553   1.00 2.20 ? 76 PRO A HB2  1 
ATOM 1012 H HB3  . PRO A 1 76 ? 7.806   -5.530  8.284   1.00 2.19 ? 76 PRO A HB3  1 
ATOM 1013 H HG2  . PRO A 1 76 ? 7.259   -8.160  8.548   1.00 2.18 ? 76 PRO A HG2  1 
ATOM 1014 H HG3  . PRO A 1 76 ? 5.985   -6.928  8.483   1.00 2.06 ? 76 PRO A HG3  1 
ATOM 1015 H HD2  . PRO A 1 76 ? 6.962   -8.762  6.323   1.00 1.93 ? 76 PRO A HD2  1 
ATOM 1016 H HD3  . PRO A 1 76 ? 5.297   -8.297  6.740   1.00 1.80 ? 76 PRO A HD3  1 
ATOM 1017 N N    . ASP A 1 77 ? 8.729   -6.863  4.394   1.00 1.88 ? 77 ASP A N    1 
ATOM 1018 C CA   . ASP A 1 77 ? 9.850   -6.993  3.462   1.00 1.95 ? 77 ASP A CA   1 
ATOM 1019 C C    . ASP A 1 77 ? 9.424   -6.655  2.030   1.00 1.79 ? 77 ASP A C    1 
ATOM 1020 O O    . ASP A 1 77 ? 10.220  -6.137  1.246   1.00 1.85 ? 77 ASP A O    1 
ATOM 1021 C CB   . ASP A 1 77 ? 10.420  -8.412  3.512   1.00 2.09 ? 77 ASP A CB   1 
ATOM 1022 C CG   . ASP A 1 77 ? 11.851  -8.446  4.018   1.00 2.32 ? 77 ASP A CG   1 
ATOM 1023 O OD1  . ASP A 1 77 ? 12.182  -7.645  4.917   1.00 2.64 ? 77 ASP A OD1  1 
ATOM 1024 O OD2  . ASP A 1 77 ? 12.638  -9.273  3.513   1.00 2.67 ? 77 ASP A OD2  1 
ATOM 1025 H H    . ASP A 1 77 ? 8.003   -7.521  4.367   1.00 1.82 ? 77 ASP A H    1 
ATOM 1026 H HA   . ASP A 1 77 ? 10.617  -6.297  3.767   1.00 2.05 ? 77 ASP A HA   1 
ATOM 1027 H HB2  . ASP A 1 77 ? 9.810   -9.014  4.169   1.00 2.08 ? 77 ASP A HB2  1 
ATOM 1028 H HB3  . ASP A 1 77 ? 10.398  -8.839  2.519   1.00 2.05 ? 77 ASP A HB3  1 
ATOM 1029 N N    . GLY A 1 78 ? 8.169   -6.948  1.689   1.00 1.62 ? 78 GLY A N    1 
ATOM 1030 C CA   . GLY A 1 78 ? 7.678   -6.665  0.358   1.00 1.49 ? 78 GLY A CA   1 
ATOM 1031 C C    . GLY A 1 78 ? 6.261   -7.163  0.137   1.00 1.34 ? 78 GLY A C    1 
ATOM 1032 O O    . GLY A 1 78 ? 5.716   -7.884  0.972   1.00 1.35 ? 78 GLY A O    1 
ATOM 1033 H H    . GLY A 1 78 ? 7.579   -7.358  2.338   1.00 1.60 ? 78 GLY A H    1 
ATOM 1034 H HA2  . GLY A 1 78 ? 7.702   -5.603  0.201   1.00 1.44 ? 78 GLY A HA2  1 
ATOM 1035 H HA3  . GLY A 1 78 ? 8.329   -7.139  -0.351  1.00 1.57 ? 78 GLY A HA3  1 
ATOM 1036 N N    . CYS A 1 79 ? 5.655   -6.770  -0.982  1.00 1.23 ? 79 CYS A N    1 
ATOM 1037 C CA   . CYS A 1 79 ? 4.297   -7.189  -1.289  1.00 1.10 ? 79 CYS A CA   1 
ATOM 1038 C C    . CYS A 1 79 ? 4.264   -8.369  -2.252  1.00 1.19 ? 79 CYS A C    1 
ATOM 1039 O O    . CYS A 1 79 ? 5.238   -8.638  -2.957  1.00 1.35 ? 79 CYS A O    1 
ATOM 1040 C CB   . CYS A 1 79 ? 3.515   -6.040  -1.909  1.00 0.98 ? 79 CYS A CB   1 
ATOM 1041 S SG   . CYS A 1 79 ? 3.721   -4.431  -1.066  1.00 0.97 ? 79 CYS A SG   1 
ATOM 1042 H H    . CYS A 1 79 ? 6.132   -6.183  -1.611  1.00 1.25 ? 79 CYS A H    1 
ATOM 1043 H HA   . CYS A 1 79 ? 3.831   -7.481  -0.368  1.00 1.08 ? 79 CYS A HA   1 
ATOM 1044 H HB2  . CYS A 1 79 ? 3.846   -5.918  -2.924  1.00 1.03 ? 79 CYS A HB2  1 
ATOM 1045 H HB3  . CYS A 1 79 ? 2.466   -6.295  -1.919  1.00 0.90 ? 79 CYS A HB3  1 
ATOM 1046 N N    . GLU A 1 80 ? 3.114   -9.043  -2.303  1.00 1.11 ? 80 GLU A N    1 
ATOM 1047 C CA   . GLU A 1 80 ? 2.929   -10.164 -3.204  1.00 1.22 ? 80 GLU A CA   1 
ATOM 1048 C C    . GLU A 1 80 ? 1.450   -10.302 -3.567  1.00 1.12 ? 80 GLU A C    1 
ATOM 1049 O O    . GLU A 1 80 ? 0.583   -10.003 -2.748  1.00 0.99 ? 80 GLU A O    1 
ATOM 1050 C CB   . GLU A 1 80 ? 3.470   -11.454 -2.584  1.00 1.36 ? 80 GLU A CB   1 
ATOM 1051 C CG   . GLU A 1 80 ? 2.680   -11.934 -1.378  1.00 1.28 ? 80 GLU A CG   1 
ATOM 1052 C CD   . GLU A 1 80 ? 2.050   -13.296 -1.597  1.00 1.40 ? 80 GLU A CD   1 
ATOM 1053 O OE1  . GLU A 1 80 ? 2.798   -14.297 -1.628  1.00 1.78 ? 80 GLU A OE1  1 
ATOM 1054 O OE2  . GLU A 1 80 ? 0.811   -13.362 -1.733  1.00 1.89 ? 80 GLU A OE2  1 
ATOM 1055 H H    . GLU A 1 80 ? 2.364   -8.761  -1.735  1.00 1.00 ? 80 GLU A H    1 
ATOM 1056 H HA   . GLU A 1 80 ? 3.484   -9.944  -4.091  1.00 1.32 ? 80 GLU A HA   1 
ATOM 1057 H HB2  . GLU A 1 80 ? 3.458   -12.233 -3.333  1.00 1.47 ? 80 GLU A HB2  1 
ATOM 1058 H HB3  . GLU A 1 80 ? 4.490   -11.284 -2.271  1.00 1.45 ? 80 GLU A HB3  1 
ATOM 1059 H HG2  . GLU A 1 80 ? 3.346   -11.994 -0.530  1.00 1.36 ? 80 GLU A HG2  1 
ATOM 1060 H HG3  . GLU A 1 80 ? 1.897   -11.219 -1.170  1.00 1.15 ? 80 GLU A HG3  1 
ATOM 1061 N N    . GLU A 1 81 ? 1.159   -10.727 -4.799  1.00 1.21 ? 81 GLU A N    1 
ATOM 1062 C CA   . GLU A 1 81 ? -0.209  -10.867 -5.246  1.00 1.17 ? 81 GLU A CA   1 
ATOM 1063 C C    . GLU A 1 81 ? -0.968  -11.880 -4.406  1.00 1.15 ? 81 GLU A C    1 
ATOM 1064 O O    . GLU A 1 81 ? -0.723  -13.081 -4.489  1.00 1.30 ? 81 GLU A O    1 
ATOM 1065 C CB   . GLU A 1 81 ? -0.239  -11.264 -6.721  1.00 1.34 ? 81 GLU A CB   1 
ATOM 1066 C CG   . GLU A 1 81 ? 0.797   -12.291 -7.104  1.00 1.53 ? 81 GLU A CG   1 
ATOM 1067 C CD   . GLU A 1 81 ? 1.574   -11.912 -8.350  1.00 1.77 ? 81 GLU A CD   1 
ATOM 1068 O OE1  . GLU A 1 81 ? 1.128   -12.271 -9.460  1.00 2.09 ? 81 GLU A OE1  1 
ATOM 1069 O OE2  . GLU A 1 81 ? 2.623   -11.250 -8.215  1.00 2.38 ? 81 GLU A OE2  1 
ATOM 1070 H H    . GLU A 1 81 ? 1.870   -10.932 -5.422  1.00 1.32 ? 81 GLU A H    1 
ATOM 1071 H HA   . GLU A 1 81 ? -0.681  -9.906  -5.138  1.00 1.06 ? 81 GLU A HA   1 
ATOM 1072 H HB2  . GLU A 1 81 ? -1.214  -11.664 -6.953  1.00 1.37 ? 81 GLU A HB2  1 
ATOM 1073 H HB3  . GLU A 1 81 ? -0.067  -10.394 -7.314  1.00 1.34 ? 81 GLU A HB3  1 
ATOM 1074 H HG2  . GLU A 1 81 ? 1.490   -12.416 -6.289  1.00 1.77 ? 81 GLU A HG2  1 
ATOM 1075 H HG3  . GLU A 1 81 ? 0.291   -13.205 -7.285  1.00 1.70 ? 81 GLU A HG3  1 
ATOM 1076 N N    . ASP A 1 82 ? -1.901  -11.381 -3.601  1.00 1.01 ? 82 ASP A N    1 
ATOM 1077 C CA   . ASP A 1 82 ? -2.703  -12.225 -2.736  1.00 1.02 ? 82 ASP A CA   1 
ATOM 1078 C C    . ASP A 1 82 ? -4.003  -12.673 -3.433  1.00 1.06 ? 82 ASP A C    1 
ATOM 1079 O O    . ASP A 1 82 ? -4.846  -11.858 -3.802  1.00 1.04 ? 82 ASP A O    1 
ATOM 1080 C CB   . ASP A 1 82 ? -3.004  -11.487 -1.425  1.00 0.95 ? 82 ASP A CB   1 
ATOM 1081 C CG   . ASP A 1 82 ? -3.573  -10.118 -1.665  1.00 1.44 ? 82 ASP A CG   1 
ATOM 1082 O OD1  . ASP A 1 82 ? -3.624  -9.715  -2.832  1.00 1.90 ? 82 ASP A OD1  1 
ATOM 1083 O OD2  . ASP A 1 82 ? -3.985  -9.460  -0.689  1.00 2.18 ? 82 ASP A OD2  1 
ATOM 1084 H H    . ASP A 1 82 ? -2.047  -10.425 -3.583  1.00 0.94 ? 82 ASP A H    1 
ATOM 1085 H HA   . ASP A 1 82 ? -2.120  -13.085 -2.507  1.00 1.12 ? 82 ASP A HA   1 
ATOM 1086 H HB2  . ASP A 1 82 ? -3.711  -12.052 -0.839  1.00 1.10 ? 82 ASP A HB2  1 
ATOM 1087 H HB3  . ASP A 1 82 ? -2.085  -11.379 -0.868  1.00 1.05 ? 82 ASP A HB3  1 
ATOM 1088 N N    . PRO A 1 83 ? -4.152  -14.005 -3.616  1.00 1.17 ? 83 PRO A N    1 
ATOM 1089 C CA   . PRO A 1 83 ? -5.310  -14.637 -4.250  1.00 1.28 ? 83 PRO A CA   1 
ATOM 1090 C C    . PRO A 1 83 ? -6.570  -14.354 -3.469  1.00 1.26 ? 83 PRO A C    1 
ATOM 1091 O O    . PRO A 1 83 ? -7.691  -14.542 -3.932  1.00 1.38 ? 83 PRO A O    1 
ATOM 1092 C CB   . PRO A 1 83 ? -4.970  -16.137 -4.193  1.00 1.42 ? 83 PRO A CB   1 
ATOM 1093 C CG   . PRO A 1 83 ? -3.499  -16.192 -4.003  1.00 1.42 ? 83 PRO A CG   1 
ATOM 1094 C CD   . PRO A 1 83 ? -3.174  -14.982 -3.194  1.00 1.26 ? 83 PRO A CD   1 
ATOM 1095 H HA   . PRO A 1 83 ? -5.434  -14.323 -5.255  1.00 1.33 ? 83 PRO A HA   1 
ATOM 1096 H HB2  . PRO A 1 83 ? -5.476  -16.582 -3.350  1.00 1.41 ? 83 PRO A HB2  1 
ATOM 1097 H HB3  . PRO A 1 83 ? -5.274  -16.621 -5.108  1.00 1.54 ? 83 PRO A HB3  1 
ATOM 1098 H HG2  . PRO A 1 83 ? -3.236  -17.092 -3.456  1.00 1.50 ? 83 PRO A HG2  1 
ATOM 1099 H HG3  . PRO A 1 83 ? -2.993  -16.164 -4.953  1.00 1.49 ? 83 PRO A HG3  1 
ATOM 1100 H HD2  . PRO A 1 83 ? -3.278  -15.198 -2.145  1.00 1.24 ? 83 PRO A HD2  1 
ATOM 1101 H HD3  . PRO A 1 83 ? -2.199  -14.610 -3.419  1.00 1.27 ? 83 PRO A HD3  1 
ATOM 1102 N N    . ALA A 1 84 ? -6.345  -13.914 -2.265  1.00 1.17 ? 84 ALA A N    1 
ATOM 1103 C CA   . ALA A 1 84 ? -7.385  -13.575 -1.342  1.00 1.19 ? 84 ALA A CA   1 
ATOM 1104 C C    . ALA A 1 84 ? -7.972  -12.206 -1.599  1.00 1.16 ? 84 ALA A C    1 
ATOM 1105 O O    . ALA A 1 84 ? -8.953  -11.815 -0.964  1.00 1.26 ? 84 ALA A O    1 
ATOM 1106 C CB   . ALA A 1 84 ? -6.780  -13.604 0.020   1.00 1.17 ? 84 ALA A CB   1 
ATOM 1107 H H    . ALA A 1 84 ? -5.422  -13.809 -1.971  1.00 1.12 ? 84 ALA A H    1 
ATOM 1108 H HA   . ALA A 1 84 ? -8.147  -14.315 -1.407  1.00 1.30 ? 84 ALA A HA   1 
ATOM 1109 H HB1  . ALA A 1 84 ? -6.933  -14.569 0.472   1.00 1.57 ? 84 ALA A HB1  1 
ATOM 1110 H HB2  . ALA A 1 84 ? -7.224  -12.830 0.624   1.00 1.46 ? 84 ALA A HB2  1 
ATOM 1111 H HB3  . ALA A 1 84 ? -5.721  -13.417 -0.093  1.00 1.60 ? 84 ALA A HB3  1 
ATOM 1112 N N    . CYS A 1 85 ? -7.301  -11.431 -2.431  1.00 1.06 ? 85 CYS A N    1 
ATOM 1113 C CA   . CYS A 1 85 ? -7.730  -10.060 -2.647  1.00 1.08 ? 85 CYS A CA   1 
ATOM 1114 C C    . CYS A 1 85 ? -8.042  -9.582  -4.090  1.00 1.17 ? 85 CYS A C    1 
ATOM 1115 O O    . CYS A 1 85 ? -8.758  -8.591  -4.191  1.00 1.25 ? 85 CYS A O    1 
ATOM 1116 C CB   . CYS A 1 85 ? -6.742  -9.080  -2.005  1.00 1.02 ? 85 CYS A CB   1 
ATOM 1117 S SG   . CYS A 1 85 ? -7.290  -8.340  -0.438  1.00 1.24 ? 85 CYS A SG   1 
ATOM 1118 H H    . CYS A 1 85 ? -6.484  -11.760 -2.815  1.00 1.02 ? 85 CYS A H    1 
ATOM 1119 H HA   . CYS A 1 85 ? -8.626  -9.969  -2.099  1.00 1.16 ? 85 CYS A HA   1 
ATOM 1120 H HB2  . CYS A 1 85 ? -5.813  -9.567  -1.805  1.00 0.94 ? 85 CYS A HB2  1 
ATOM 1121 H HB3  . CYS A 1 85 ? -6.576  -8.273  -2.688  1.00 1.19 ? 85 CYS A HB3  1 
ATOM 1122 N N    . ASP A 1 86 ? -7.534  -10.172 -5.207  1.00 1.21 ? 86 ASP A N    1 
ATOM 1123 C CA   . ASP A 1 86 ? -7.894  -9.556  -6.528  1.00 1.35 ? 86 ASP A CA   1 
ATOM 1124 C C    . ASP A 1 86 ? -7.126  -9.981  -7.805  1.00 1.45 ? 86 ASP A C    1 
ATOM 1125 O O    . ASP A 1 86 ? -7.678  -9.854  -8.898  1.00 1.61 ? 86 ASP A O    1 
ATOM 1126 C CB   . ASP A 1 86 ? -7.659  -8.054  -6.424  1.00 1.32 ? 86 ASP A CB   1 
ATOM 1127 C CG   . ASP A 1 86 ? -8.386  -7.251  -7.486  1.00 1.51 ? 86 ASP A CG   1 
ATOM 1128 O OD1  . ASP A 1 86 ? -8.043  -7.393  -8.678  1.00 1.99 ? 86 ASP A OD1  1 
ATOM 1129 O OD2  . ASP A 1 86 ? -9.293  -6.472  -7.123  1.00 1.85 ? 86 ASP A OD2  1 
ATOM 1130 H H    . ASP A 1 86 ? -6.947  -10.949 -5.143  1.00 1.18 ? 86 ASP A H    1 
ATOM 1131 H HA   . ASP A 1 86 ? -8.939  -9.714  -6.691  1.00 1.46 ? 86 ASP A HA   1 
ATOM 1132 H HB2  . ASP A 1 86 ? -7.980  -7.705  -5.461  1.00 1.25 ? 86 ASP A HB2  1 
ATOM 1133 H HB3  . ASP A 1 86 ? -6.595  -7.889  -6.529  1.00 1.25 ? 86 ASP A HB3  1 
ATOM 1134 N N    . PRO A 1 87 ? -5.847  -10.394 -7.736  1.00 1.40 ? 87 PRO A N    1 
ATOM 1135 C CA   . PRO A 1 87 ? -5.042  -10.715 -8.908  1.00 1.53 ? 87 PRO A CA   1 
ATOM 1136 C C    . PRO A 1 87 ? -4.941  -12.197 -9.102  1.00 1.63 ? 87 PRO A C    1 
ATOM 1137 O O    . PRO A 1 87 ? -5.606  -12.791 -9.951  1.00 1.79 ? 87 PRO A O    1 
ATOM 1138 C CB   . PRO A 1 87 ? -3.670  -10.141 -8.523  1.00 1.42 ? 87 PRO A CB   1 
ATOM 1139 C CG   . PRO A 1 87 ? -3.763  -9.859  -7.061  1.00 1.23 ? 87 PRO A CG   1 
ATOM 1140 C CD   . PRO A 1 87 ? -5.015  -10.545 -6.573  1.00 1.24 ? 87 PRO A CD   1 
ATOM 1141 H HA   . PRO A 1 87 ? -5.394  -10.230 -9.784  1.00 1.63 ? 87 PRO A HA   1 
ATOM 1142 H HB2  . PRO A 1 87 ? -2.907  -10.858 -8.735  1.00 1.48 ? 87 PRO A HB2  1 
ATOM 1143 H HB3  . PRO A 1 87 ? -3.483  -9.246  -9.084  1.00 1.46 ? 87 PRO A HB3  1 
ATOM 1144 H HG2  . PRO A 1 87 ? -2.894  -10.242 -6.552  1.00 1.18 ? 87 PRO A HG2  1 
ATOM 1145 H HG3  . PRO A 1 87 ? -3.848  -8.806  -6.934  1.00 1.18 ? 87 PRO A HG3  1 
ATOM 1146 H HD2  . PRO A 1 87 ? -4.819  -11.585 -6.374  1.00 1.27 ? 87 PRO A HD2  1 
ATOM 1147 H HD3  . PRO A 1 87 ? -5.439  -10.086 -5.715  1.00 1.14 ? 87 PRO A HD3  1 
ATOM 1148 N N    . GLU A 1 88 ? -4.148  -12.794 -8.233  1.00 1.55 ? 88 GLU A N    1 
ATOM 1149 C CA   . GLU A 1 88 ? -3.979  -14.229 -8.215  1.00 1.65 ? 88 GLU A CA   1 
ATOM 1150 C C    . GLU A 1 88 ? -5.274  -14.822 -7.692  1.00 1.65 ? 88 GLU A C    1 
ATOM 1151 O O    . GLU A 1 88 ? -5.479  -16.035 -7.662  1.00 1.75 ? 88 GLU A O    1 
ATOM 1152 C CB   . GLU A 1 88 ? -2.802  -14.629 -7.296  1.00 1.59 ? 88 GLU A CB   1 
ATOM 1153 C CG   . GLU A 1 88 ? -2.244  -16.028 -7.573  1.00 1.76 ? 88 GLU A CG   1 
ATOM 1154 C CD   . GLU A 1 88 ? -0.746  -16.124 -7.345  1.00 1.95 ? 88 GLU A CD   1 
ATOM 1155 O OE1  . GLU A 1 88 ? -0.007  -15.285 -7.902  1.00 2.33 ? 88 GLU A OE1  1 
ATOM 1156 O OE2  . GLU A 1 88 ? -0.313  -17.038 -6.612  1.00 2.40 ? 88 GLU A OE2  1 
ATOM 1157 H H    . GLU A 1 88 ? -3.708  -12.247 -7.560  1.00 1.43 ? 88 GLU A H    1 
ATOM 1158 H HA   . GLU A 1 88 ? -3.809  -14.559 -9.209  1.00 1.80 ? 88 GLU A HA   1 
ATOM 1159 H HB2  . GLU A 1 88 ? -1.987  -13.905 -7.395  1.00 1.56 ? 88 GLU A HB2  1 
ATOM 1160 H HB3  . GLU A 1 88 ? -3.159  -14.609 -6.279  1.00 1.46 ? 88 GLU A HB3  1 
ATOM 1161 H HG2  . GLU A 1 88 ? -2.733  -16.732 -6.916  1.00 1.83 ? 88 GLU A HG2  1 
ATOM 1162 H HG3  . GLU A 1 88 ? -2.455  -16.294 -8.600  1.00 1.96 ? 88 GLU A HG3  1 
ATOM 1163 N N    . ALA A 1 89 ? -6.138  -13.911 -7.272  1.00 1.55 ? 89 ALA A N    1 
ATOM 1164 C CA   . ALA A 1 89 ? -7.425  -14.215 -6.729  1.00 1.56 ? 89 ALA A CA   1 
ATOM 1165 C C    . ALA A 1 89 ? -8.437  -14.591 -7.802  1.00 1.76 ? 89 ALA A C    1 
ATOM 1166 O O    . ALA A 1 89 ? -8.082  -14.969 -8.920  1.00 1.90 ? 89 ALA A O    1 
ATOM 1167 C CB   . ALA A 1 89 ? -7.903  -13.000 -5.977  1.00 1.45 ? 89 ALA A CB   1 
ATOM 1168 H H    . ALA A 1 89 ? -5.885  -12.975 -7.320  1.00 1.49 ? 89 ALA A H    1 
ATOM 1169 H HA   . ALA A 1 89 ? -7.312  -14.998 -6.030  1.00 1.53 ? 89 ALA A HA   1 
ATOM 1170 H HB1  . ALA A 1 89 ? -7.048  -12.513 -5.538  1.00 1.66 ? 89 ALA A HB1  1 
ATOM 1171 H HB2  . ALA A 1 89 ? -8.594  -13.303 -5.205  1.00 1.80 ? 89 ALA A HB2  1 
ATOM 1172 H HB3  . ALA A 1 89 ? -8.392  -12.325 -6.662  1.00 1.72 ? 89 ALA A HB3  1 
ATOM 1173 N N    . ALA A 1 90 ? -9.699  -14.439 -7.451  1.00 1.80 ? 90 ALA A N    1 
ATOM 1174 C CA   . ALA A 1 90 ? -10.803 -14.691 -8.343  1.00 1.99 ? 90 ALA A CA   1 
ATOM 1175 C C    . ALA A 1 90 ? -10.783 -13.650 -9.439  1.00 2.09 ? 90 ALA A C    1 
ATOM 1176 O O    . ALA A 1 90 ? -9.858  -12.838 -9.500  1.00 2.01 ? 90 ALA A O    1 
ATOM 1177 C CB   . ALA A 1 90 ? -12.116 -14.601 -7.592  1.00 2.03 ? 90 ALA A CB   1 
ATOM 1178 H H    . ALA A 1 90 ? -9.894  -14.113 -6.558  1.00 1.70 ? 90 ALA A H    1 
ATOM 1179 H HA   . ALA A 1 90 ? -10.697 -15.671 -8.757  1.00 2.07 ? 90 ALA A HA   1 
ATOM 1180 H HB1  . ALA A 1 90 ? -12.084 -15.252 -6.730  1.00 2.37 ? 90 ALA A HB1  1 
ATOM 1181 H HB2  . ALA A 1 90 ? -12.928 -14.900 -8.240  1.00 2.29 ? 90 ALA A HB2  1 
ATOM 1182 H HB3  . ALA A 1 90 ? -12.265 -13.571 -7.271  1.00 2.18 ? 90 ALA A HB3  1 
ATOM 1183 N N    . PHE A 1 91 ? -11.805 -13.632 -10.281 1.00 2.30 ? 91 PHE A N    1 
ATOM 1184 C CA   . PHE A 1 91 ? -11.869 -12.619 -11.320 1.00 2.43 ? 91 PHE A CA   1 
ATOM 1185 C C    . PHE A 1 91 ? -12.220 -11.303 -10.637 1.00 2.39 ? 91 PHE A C    1 
ATOM 1186 O O    . PHE A 1 91 ? -13.273 -10.710 -10.876 1.00 2.55 ? 91 PHE A O    1 
ATOM 1187 C CB   . PHE A 1 91 ? -12.938 -12.982 -12.359 1.00 2.67 ? 91 PHE A CB   1 
ATOM 1188 C CG   . PHE A 1 91 ? -12.412 -13.739 -13.549 1.00 3.12 ? 91 PHE A CG   1 
ATOM 1189 C CD1  . PHE A 1 91 ? -11.830 -13.068 -14.615 1.00 3.59 ? 91 PHE A CD1  1 
ATOM 1190 C CD2  . PHE A 1 91 ? -12.516 -15.118 -13.608 1.00 3.74 ? 91 PHE A CD2  1 
ATOM 1191 C CE1  . PHE A 1 91 ? -11.360 -13.764 -15.715 1.00 4.42 ? 91 PHE A CE1  1 
ATOM 1192 C CE2  . PHE A 1 91 ? -12.052 -15.818 -14.705 1.00 4.56 ? 91 PHE A CE2  1 
ATOM 1193 C CZ   . PHE A 1 91 ? -11.473 -15.140 -15.760 1.00 4.82 ? 91 PHE A CZ   1 
ATOM 1194 H H    . PHE A 1 91 ? -12.537 -14.274 -10.177 1.00 2.37 ? 91 PHE A H    1 
ATOM 1195 H HA   . PHE A 1 91 ? -10.900 -12.542 -11.795 1.00 2.41 ? 91 PHE A HA   1 
ATOM 1196 H HB2  . PHE A 1 91 ? -13.689 -13.596 -11.888 1.00 3.00 ? 91 PHE A HB2  1 
ATOM 1197 H HB3  . PHE A 1 91 ? -13.399 -12.074 -12.719 1.00 2.70 ? 91 PHE A HB3  1 
ATOM 1198 H HD1  . PHE A 1 91 ? -11.739 -11.993 -14.580 1.00 3.69 ? 91 PHE A HD1  1 
ATOM 1199 H HD2  . PHE A 1 91 ? -12.968 -15.649 -12.781 1.00 3.93 ? 91 PHE A HD2  1 
ATOM 1200 H HE1  . PHE A 1 91 ? -10.908 -13.232 -16.538 1.00 5.02 ? 91 PHE A HE1  1 
ATOM 1201 H HE2  . PHE A 1 91 ? -12.141 -16.893 -14.736 1.00 5.27 ? 91 PHE A HE2  1 
ATOM 1202 H HZ   . PHE A 1 91 ? -11.112 -15.685 -16.618 1.00 5.61 ? 91 PHE A HZ   1 
ATOM 1203 N N    . SER A 1 92 ? -11.318 -10.885 -9.748  1.00 2.21 ? 92 SER A N    1 
ATOM 1204 C CA   . SER A 1 92 ? -11.479 -9.676  -8.960  1.00 2.17 ? 92 SER A CA   1 
ATOM 1205 C C    . SER A 1 92 ? -10.584 -8.555  -9.482  1.00 2.21 ? 92 SER A C    1 
ATOM 1206 O O    . SER A 1 92 ? -9.635  -8.860  -10.237 1.00 2.71 ? 92 SER A O    1 
ATOM 1207 C CB   . SER A 1 92 ? -11.156 -9.986  -7.489  1.00 1.99 ? 92 SER A CB   1 
ATOM 1208 O OG   . SER A 1 92 ? -10.708 -8.825  -6.810  1.00 2.01 ? 92 SER A OG   1 
ATOM 1209 O OXT  . SER A 1 92 ? -10.831 -7.385  -9.125  1.00 2.23 ? 92 SER A OXT  1 
ATOM 1210 H H    . SER A 1 92 ? -10.519 -11.425 -9.604  1.00 2.10 ? 92 SER A H    1 
ATOM 1211 H HA   . SER A 1 92 ? -12.507 -9.363  -9.034  1.00 2.30 ? 92 SER A HA   1 
ATOM 1212 H HB2  . SER A 1 92 ? -12.051 -10.347 -7.000  1.00 2.07 ? 92 SER A HB2  1 
ATOM 1213 H HB3  . SER A 1 92 ? -10.373 -10.752 -7.432  1.00 1.83 ? 92 SER A HB3  1 
ATOM 1214 H HG   . SER A 1 92 ? -11.463 -8.348  -6.457  1.00 2.26 ? 92 SER A HG   1 
# 
